data_8XUB
#
_entry.id   8XUB
#
_cell.length_a   68.113
_cell.length_b   168.692
_cell.length_c   173.116
_cell.angle_alpha   90.000
_cell.angle_beta   90.000
_cell.angle_gamma   90.000
#
_symmetry.space_group_name_H-M   'P 2 21 21'
#
loop_
_entity.id
_entity.type
_entity.pdbx_description
1 polymer 'Y-50 alpha'
2 polymer 'Y-50 beta'
3 non-polymer 2-acetamido-2-deoxy-beta-D-glucopyranose
4 non-polymer 'SULFATE ION'
5 water water
#
loop_
_entity_poly.entity_id
_entity_poly.type
_entity_poly.pdbx_seq_one_letter_code
_entity_poly.pdbx_strand_id
1 'polypeptide(L)'
;AQKITQTQPGMFVQEKEAVTLDCTYDTSDQSYGLFWYKQPSSGEMIFLIYQGSYDEQNATEGRYSLNFQKARKSANLVIS
ASQLGDSAMYFCAMRRNTGRRALTFGSGTRLQVQPNIQNPDPAVYQLRDSKSSDKFVCLFTDFDSQINVSQSKDSDVYIT
DKCVLDMRSMDFKSNSAVAWSNKSDFTCANAFNNSIIPEDTFFPS
;
A,C,E,G
2 'polypeptide(L)'
;DTEVTQTPKHLVMGMTNKKSLKCEQHMGHRAMYWYKQKAKKPPELMFVYSYEKLSINESVPSRFSPECPNSSLLNLHLHA
LQPEDSALYLCASSHLGLAGGIDGTDTQYFGPGTRLTVLEDLKNVFPPEVAVFEPSKAEISRTQKATLVCLATGFYPPHV
ELSWWVNGKEVHDGVCTDPQPLKEQPALNDSRYALSSRLRVSATFWQDPRNHFRCQVQFYGLSENDEWTQDRAKPVTQIV
SAEAWGRAD
;
B,D,F,H
#
# COMPACT_ATOMS: atom_id res chain seq x y z
N ALA A 1 -51.79 -11.95 -1.86
CA ALA A 1 -50.95 -11.04 -2.66
C ALA A 1 -49.62 -11.72 -3.00
N GLN A 2 -48.86 -11.10 -3.90
CA GLN A 2 -47.64 -11.72 -4.40
C GLN A 2 -46.46 -10.80 -4.11
N LYS A 3 -45.38 -11.38 -3.61
CA LYS A 3 -44.17 -10.66 -3.23
C LYS A 3 -42.99 -11.31 -3.90
N ILE A 4 -42.06 -10.51 -4.38
CA ILE A 4 -40.84 -11.02 -4.99
C ILE A 4 -39.65 -10.41 -4.26
N THR A 5 -38.67 -11.22 -3.93
CA THR A 5 -37.48 -10.69 -3.29
C THR A 5 -36.25 -11.10 -4.07
N GLN A 6 -35.44 -10.12 -4.42
CA GLN A 6 -34.14 -10.33 -5.06
C GLN A 6 -33.08 -9.73 -4.13
N THR A 7 -32.45 -10.54 -3.27
CA THR A 7 -31.57 -10.00 -2.25
C THR A 7 -30.39 -9.24 -2.86
N GLN A 8 -29.67 -9.90 -3.77
CA GLN A 8 -28.52 -9.28 -4.44
C GLN A 8 -28.98 -8.10 -5.32
N PRO A 9 -28.41 -6.91 -5.17
CA PRO A 9 -28.70 -5.83 -6.12
C PRO A 9 -27.78 -5.81 -7.34
N GLY A 10 -26.65 -6.53 -7.27
CA GLY A 10 -25.65 -6.45 -8.33
C GLY A 10 -24.76 -7.66 -8.32
N MET A 11 -24.35 -8.08 -9.50
CA MET A 11 -23.54 -9.29 -9.62
C MET A 11 -22.46 -9.07 -10.67
N PHE A 12 -21.41 -9.92 -10.61
CA PHE A 12 -20.36 -9.98 -11.61
C PHE A 12 -20.08 -11.42 -11.98
N VAL A 13 -19.88 -11.66 -13.28
CA VAL A 13 -19.40 -12.95 -13.75
C VAL A 13 -18.28 -12.68 -14.74
N GLN A 14 -17.28 -13.55 -14.77
CA GLN A 14 -16.30 -13.53 -15.86
C GLN A 14 -16.94 -14.06 -17.14
N GLU A 15 -16.51 -13.50 -18.28
CA GLU A 15 -16.97 -14.00 -19.56
C GLU A 15 -16.72 -15.49 -19.67
N LYS A 16 -17.72 -16.22 -20.17
CA LYS A 16 -17.77 -17.67 -20.40
C LYS A 16 -18.04 -18.49 -19.13
N GLU A 17 -18.05 -17.89 -17.93
CA GLU A 17 -18.51 -18.58 -16.73
C GLU A 17 -20.03 -18.47 -16.56
N ALA A 18 -20.58 -19.35 -15.74
CA ALA A 18 -22.00 -19.32 -15.39
C ALA A 18 -22.21 -18.47 -14.14
N VAL A 19 -23.41 -17.87 -14.03
CA VAL A 19 -23.78 -17.13 -12.83
C VAL A 19 -25.22 -17.46 -12.41
N THR A 20 -25.50 -17.32 -11.11
CA THR A 20 -26.81 -17.56 -10.52
C THR A 20 -27.32 -16.28 -9.89
N LEU A 21 -28.48 -15.81 -10.33
CA LEU A 21 -29.17 -14.66 -9.76
C LEU A 21 -30.34 -15.15 -8.90
N ASP A 22 -30.43 -14.64 -7.68
CA ASP A 22 -31.30 -15.22 -6.67
C ASP A 22 -32.68 -14.59 -6.69
N CYS A 23 -33.68 -15.42 -6.47
CA CYS A 23 -35.06 -14.95 -6.31
C CYS A 23 -35.83 -15.89 -5.40
N THR A 24 -36.50 -15.32 -4.41
CA THR A 24 -37.53 -16.00 -3.64
C THR A 24 -38.80 -15.19 -3.74
N TYR A 25 -39.89 -15.82 -3.33
CA TYR A 25 -41.19 -15.24 -3.57
C TYR A 25 -42.15 -15.70 -2.49
N ASP A 26 -43.23 -14.96 -2.37
CA ASP A 26 -44.39 -15.38 -1.60
C ASP A 26 -45.66 -15.16 -2.42
N THR A 27 -46.63 -16.05 -2.24
CA THR A 27 -47.92 -15.93 -2.92
C THR A 27 -48.96 -16.61 -2.05
N SER A 28 -50.18 -16.07 -2.02
CA SER A 28 -51.28 -16.82 -1.39
C SER A 28 -51.86 -17.89 -2.30
N ASP A 29 -51.91 -17.61 -3.60
CA ASP A 29 -52.54 -18.50 -4.58
C ASP A 29 -51.60 -19.66 -4.85
N GLN A 30 -52.12 -20.88 -4.77
CA GLN A 30 -51.28 -22.07 -4.97
C GLN A 30 -51.01 -22.41 -6.44
N SER A 31 -51.56 -21.63 -7.37
CA SER A 31 -51.36 -21.83 -8.81
C SER A 31 -50.74 -20.56 -9.38
N TYR A 32 -49.46 -20.61 -9.74
CA TYR A 32 -48.75 -19.41 -10.15
C TYR A 32 -47.65 -19.72 -11.16
N GLY A 33 -47.10 -18.66 -11.73
CA GLY A 33 -45.98 -18.78 -12.65
C GLY A 33 -44.91 -17.77 -12.35
N LEU A 34 -43.65 -18.20 -12.51
CA LEU A 34 -42.46 -17.40 -12.27
C LEU A 34 -41.76 -17.06 -13.57
N PHE A 35 -41.38 -15.80 -13.72
CA PHE A 35 -40.78 -15.29 -14.95
C PHE A 35 -39.44 -14.64 -14.62
N TRP A 36 -38.51 -14.71 -15.58
CA TRP A 36 -37.38 -13.79 -15.60
C TRP A 36 -37.43 -12.97 -16.89
N TYR A 37 -37.14 -11.68 -16.75
CA TYR A 37 -37.03 -10.78 -17.89
C TYR A 37 -35.73 -10.02 -17.73
N LYS A 38 -35.17 -9.56 -18.84
CA LYS A 38 -33.93 -8.81 -18.83
C LYS A 38 -34.19 -7.42 -19.39
N GLN A 39 -33.54 -6.41 -18.82
CA GLN A 39 -33.69 -5.04 -19.30
C GLN A 39 -32.32 -4.45 -19.62
N PRO A 40 -31.94 -4.44 -20.90
CA PRO A 40 -30.68 -3.78 -21.28
C PRO A 40 -30.72 -2.29 -21.04
N SER A 41 -29.58 -1.62 -21.28
CA SER A 41 -29.53 -0.16 -21.29
C SER A 41 -30.61 0.43 -22.19
N SER A 42 -30.90 -0.23 -23.31
CA SER A 42 -31.89 0.31 -24.24
C SER A 42 -33.18 0.64 -23.51
N GLY A 43 -33.67 -0.29 -22.70
CA GLY A 43 -34.86 -0.08 -21.89
C GLY A 43 -35.98 -1.06 -22.14
N GLU A 44 -35.89 -1.96 -23.12
CA GLU A 44 -36.93 -2.94 -23.38
C GLU A 44 -36.88 -4.08 -22.37
N MET A 45 -38.03 -4.77 -22.18
CA MET A 45 -38.15 -5.91 -21.27
C MET A 45 -38.21 -7.18 -22.09
N ILE A 46 -37.19 -8.01 -22.00
CA ILE A 46 -37.03 -9.19 -22.84
C ILE A 46 -37.34 -10.45 -22.02
N PHE A 47 -38.27 -11.26 -22.52
CA PHE A 47 -38.62 -12.49 -21.82
C PHE A 47 -37.46 -13.47 -21.92
N LEU A 48 -37.16 -14.14 -20.81
CA LEU A 48 -36.07 -15.10 -20.74
C LEU A 48 -36.59 -16.51 -20.55
N ILE A 49 -37.39 -16.75 -19.51
CA ILE A 49 -37.75 -18.11 -19.11
C ILE A 49 -38.99 -18.05 -18.22
N TYR A 50 -39.74 -19.15 -18.19
CA TYR A 50 -40.98 -19.28 -17.45
C TYR A 50 -41.01 -20.63 -16.74
N GLN A 51 -41.60 -20.64 -15.55
CA GLN A 51 -41.76 -21.85 -14.75
C GLN A 51 -43.11 -21.78 -14.06
N GLY A 52 -44.05 -22.63 -14.47
CA GLY A 52 -45.31 -22.73 -13.78
C GLY A 52 -45.18 -23.51 -12.49
N SER A 53 -46.05 -23.17 -11.53
CA SER A 53 -45.91 -23.68 -10.17
C SER A 53 -46.16 -25.17 -10.05
N TYR A 54 -46.74 -25.82 -11.05
CA TYR A 54 -46.99 -27.25 -10.97
C TYR A 54 -46.19 -28.05 -12.00
N ASP A 55 -45.16 -27.45 -12.59
CA ASP A 55 -44.46 -28.13 -13.68
C ASP A 55 -43.80 -29.42 -13.21
N GLU A 56 -43.08 -29.36 -12.08
CA GLU A 56 -42.25 -30.48 -11.62
C GLU A 56 -41.26 -30.92 -12.70
N GLN A 57 -40.96 -30.02 -13.64
CA GLN A 57 -39.92 -30.18 -14.64
C GLN A 57 -39.16 -28.85 -14.64
N ASN A 58 -38.03 -28.85 -13.96
CA ASN A 58 -37.20 -27.66 -13.83
C ASN A 58 -36.90 -27.08 -15.21
N ALA A 59 -37.14 -25.77 -15.36
CA ALA A 59 -37.25 -25.17 -16.68
C ALA A 59 -35.89 -24.83 -17.26
N THR A 60 -35.75 -24.98 -18.58
CA THR A 60 -34.54 -24.61 -19.30
C THR A 60 -34.87 -24.07 -20.69
N GLU A 61 -34.11 -23.06 -21.09
CA GLU A 61 -34.39 -22.34 -22.34
C GLU A 61 -33.08 -21.68 -22.79
N GLY A 62 -32.44 -22.27 -23.80
CA GLY A 62 -31.16 -21.74 -24.23
C GLY A 62 -30.13 -21.85 -23.13
N ARG A 63 -29.38 -20.76 -22.95
CA ARG A 63 -28.40 -20.75 -21.87
C ARG A 63 -29.01 -20.43 -20.50
N TYR A 64 -30.34 -20.31 -20.39
CA TYR A 64 -31.00 -20.03 -19.11
C TYR A 64 -31.64 -21.29 -18.53
N SER A 65 -31.44 -21.49 -17.23
CA SER A 65 -32.15 -22.53 -16.51
C SER A 65 -32.65 -21.96 -15.18
N LEU A 66 -33.65 -22.62 -14.60
CA LEU A 66 -34.39 -22.06 -13.48
C LEU A 66 -34.39 -23.02 -12.31
N ASN A 67 -33.62 -22.70 -11.25
CA ASN A 67 -33.55 -23.50 -10.02
C ASN A 67 -34.82 -23.33 -9.20
N PHE A 68 -35.88 -24.03 -9.58
CA PHE A 68 -37.18 -23.84 -8.97
C PHE A 68 -37.38 -24.86 -7.84
N GLN A 69 -37.34 -24.39 -6.60
CA GLN A 69 -37.59 -25.24 -5.43
C GLN A 69 -38.79 -24.69 -4.67
N LYS A 70 -39.96 -25.29 -4.89
CA LYS A 70 -41.19 -24.75 -4.30
C LYS A 70 -41.12 -24.73 -2.78
N ALA A 71 -40.62 -25.81 -2.17
CA ALA A 71 -40.55 -25.89 -0.72
C ALA A 71 -39.78 -24.71 -0.14
N ARG A 72 -38.67 -24.32 -0.77
CA ARG A 72 -37.93 -23.16 -0.31
C ARG A 72 -38.48 -21.86 -0.89
N LYS A 73 -39.43 -21.92 -1.81
CA LYS A 73 -39.96 -20.74 -2.49
C LYS A 73 -38.85 -19.99 -3.22
N SER A 74 -37.97 -20.75 -3.89
CA SER A 74 -36.85 -20.17 -4.59
C SER A 74 -37.02 -20.44 -6.08
N ALA A 75 -36.68 -19.43 -6.90
CA ALA A 75 -36.76 -19.51 -8.36
C ALA A 75 -35.53 -18.88 -9.01
N ASN A 76 -34.33 -19.27 -8.56
CA ASN A 76 -33.10 -18.66 -9.07
C ASN A 76 -32.93 -18.88 -10.57
N LEU A 77 -32.33 -17.88 -11.21
CA LEU A 77 -31.92 -17.96 -12.61
C LEU A 77 -30.46 -18.38 -12.68
N VAL A 78 -30.17 -19.42 -13.45
CA VAL A 78 -28.80 -19.80 -13.80
C VAL A 78 -28.58 -19.46 -15.27
N ILE A 79 -27.57 -18.62 -15.54
CA ILE A 79 -27.19 -18.22 -16.89
C ILE A 79 -25.88 -18.92 -17.25
N SER A 80 -25.91 -19.79 -18.25
CA SER A 80 -24.71 -20.52 -18.69
C SER A 80 -23.84 -19.70 -19.63
N ALA A 81 -22.54 -20.01 -19.60
CA ALA A 81 -21.57 -19.56 -20.60
C ALA A 81 -21.75 -18.07 -20.92
N SER A 82 -21.50 -17.24 -19.91
CA SER A 82 -21.90 -15.85 -19.99
C SER A 82 -21.21 -15.16 -21.15
N GLN A 83 -21.99 -14.35 -21.89
CA GLN A 83 -21.52 -13.51 -22.99
C GLN A 83 -21.59 -12.05 -22.57
N LEU A 84 -20.73 -11.22 -23.15
CA LEU A 84 -20.72 -9.80 -22.78
C LEU A 84 -22.05 -9.09 -23.07
N GLY A 85 -22.88 -9.62 -23.97
CA GLY A 85 -24.19 -9.01 -24.10
C GLY A 85 -25.14 -9.31 -22.95
N ASP A 86 -24.82 -10.28 -22.10
CA ASP A 86 -25.68 -10.62 -20.95
C ASP A 86 -25.80 -9.50 -19.92
N SER A 87 -25.00 -8.44 -20.00
CA SER A 87 -25.04 -7.40 -18.97
C SER A 87 -26.34 -6.60 -19.09
N ALA A 88 -27.09 -6.52 -17.99
CA ALA A 88 -28.41 -5.87 -17.95
C ALA A 88 -28.98 -5.92 -16.55
N MET A 89 -30.18 -5.37 -16.36
CA MET A 89 -30.95 -5.54 -15.13
C MET A 89 -31.85 -6.76 -15.27
N TYR A 90 -31.67 -7.76 -14.40
CA TYR A 90 -32.47 -8.99 -14.49
C TYR A 90 -33.58 -8.91 -13.44
N PHE A 91 -34.82 -9.14 -13.88
CA PHE A 91 -36.01 -8.99 -13.05
C PHE A 91 -36.68 -10.33 -12.83
N CYS A 92 -36.91 -10.67 -11.58
CA CYS A 92 -37.74 -11.80 -11.21
C CYS A 92 -39.20 -11.37 -11.15
N ALA A 93 -40.10 -12.20 -11.69
CA ALA A 93 -41.48 -11.77 -11.75
C ALA A 93 -42.45 -12.95 -11.62
N MET A 94 -43.69 -12.60 -11.29
CA MET A 94 -44.63 -13.61 -10.87
C MET A 94 -46.05 -13.15 -11.21
N ARG A 95 -46.90 -14.12 -11.52
CA ARG A 95 -48.31 -13.87 -11.72
C ARG A 95 -49.11 -14.99 -11.08
N ARG A 96 -50.36 -14.70 -10.75
CA ARG A 96 -51.35 -15.76 -10.51
C ARG A 96 -51.81 -16.34 -11.85
N ASN A 97 -52.11 -17.64 -11.87
CA ASN A 97 -52.59 -18.23 -13.13
C ASN A 97 -54.10 -18.09 -13.32
N THR A 98 -54.79 -17.53 -12.34
CA THR A 98 -56.24 -17.67 -12.28
C THR A 98 -57.01 -16.45 -12.80
N GLY A 99 -56.40 -15.27 -12.89
CA GLY A 99 -57.15 -14.09 -13.30
C GLY A 99 -56.65 -13.39 -14.56
N ARG A 100 -56.36 -12.10 -14.48
CA ARG A 100 -55.85 -11.40 -15.65
C ARG A 100 -54.35 -11.56 -15.86
N ARG A 101 -53.65 -12.29 -15.00
CA ARG A 101 -52.26 -12.66 -15.22
C ARG A 101 -51.34 -11.44 -15.27
N ALA A 102 -51.58 -10.45 -14.41
CA ALA A 102 -50.70 -9.29 -14.36
C ALA A 102 -49.42 -9.65 -13.60
N LEU A 103 -48.30 -9.16 -14.08
CA LEU A 103 -47.03 -9.52 -13.45
C LEU A 103 -46.75 -8.60 -12.27
N THR A 104 -46.20 -9.18 -11.21
CA THR A 104 -45.53 -8.43 -10.15
C THR A 104 -44.04 -8.66 -10.29
N PHE A 105 -43.27 -7.59 -10.19
CA PHE A 105 -41.84 -7.59 -10.47
C PHE A 105 -41.04 -7.43 -9.19
N GLY A 106 -39.90 -8.14 -9.11
CA GLY A 106 -38.94 -7.90 -8.06
C GLY A 106 -38.20 -6.59 -8.23
N SER A 107 -37.39 -6.24 -7.22
CA SER A 107 -36.60 -5.02 -7.30
C SER A 107 -35.54 -5.09 -8.40
N GLY A 108 -35.18 -6.29 -8.87
CA GLY A 108 -34.18 -6.39 -9.94
C GLY A 108 -32.74 -6.51 -9.42
N THR A 109 -31.91 -7.16 -10.24
CA THR A 109 -30.50 -7.41 -9.96
C THR A 109 -29.69 -7.04 -11.20
N ARG A 110 -28.79 -6.07 -11.06
CA ARG A 110 -27.91 -5.72 -12.17
C ARG A 110 -26.77 -6.72 -12.30
N LEU A 111 -26.53 -7.20 -13.54
CA LEU A 111 -25.44 -8.10 -13.87
C LEU A 111 -24.45 -7.41 -14.80
N GLN A 112 -23.16 -7.51 -14.46
CA GLN A 112 -22.08 -6.92 -15.27
C GLN A 112 -21.12 -8.05 -15.65
N VAL A 113 -21.06 -8.37 -16.95
CA VAL A 113 -20.19 -9.42 -17.44
C VAL A 113 -18.82 -8.81 -17.71
N GLN A 114 -17.78 -9.52 -17.26
CA GLN A 114 -16.43 -8.98 -17.35
C GLN A 114 -15.56 -9.77 -18.32
N PRO A 115 -14.70 -9.08 -19.07
CA PRO A 115 -13.84 -9.77 -20.05
C PRO A 115 -12.59 -10.29 -19.38
N ASN A 116 -12.05 -11.37 -19.93
CA ASN A 116 -10.82 -11.94 -19.39
C ASN A 116 -9.64 -11.15 -19.98
N ILE A 117 -9.02 -10.32 -19.15
CA ILE A 117 -8.06 -9.35 -19.67
C ILE A 117 -6.80 -10.12 -20.05
N GLN A 118 -6.56 -10.18 -21.36
CA GLN A 118 -5.48 -10.99 -21.93
C GLN A 118 -4.12 -10.61 -21.34
N ASN A 119 -3.76 -9.33 -21.41
CA ASN A 119 -2.47 -8.86 -20.87
C ASN A 119 -2.63 -7.49 -20.22
N PRO A 120 -2.72 -7.42 -18.90
CA PRO A 120 -2.97 -6.13 -18.22
C PRO A 120 -1.83 -5.14 -18.42
N ASP A 121 -2.20 -3.87 -18.56
CA ASP A 121 -1.22 -2.78 -18.60
C ASP A 121 -1.83 -1.55 -17.93
N PRO A 122 -2.24 -1.68 -16.65
CA PRO A 122 -2.95 -0.57 -15.98
C PRO A 122 -2.26 0.77 -16.12
N ALA A 123 -2.91 1.73 -16.77
CA ALA A 123 -2.37 3.08 -16.93
C ALA A 123 -3.47 4.10 -16.66
N VAL A 124 -3.05 5.31 -16.32
CA VAL A 124 -3.93 6.47 -16.27
C VAL A 124 -3.34 7.50 -17.21
N TYR A 125 -4.03 7.78 -18.31
CA TYR A 125 -3.60 8.72 -19.35
C TYR A 125 -4.38 10.02 -19.23
N GLN A 126 -3.87 11.05 -19.89
CA GLN A 126 -4.53 12.34 -19.87
C GLN A 126 -4.81 12.75 -21.31
N LEU A 127 -6.02 13.24 -21.54
CA LEU A 127 -6.56 13.43 -22.87
C LEU A 127 -6.98 14.89 -23.00
N ARG A 128 -6.54 15.53 -24.07
CA ARG A 128 -6.70 16.96 -24.25
C ARG A 128 -7.90 17.28 -25.15
N ASP A 129 -8.64 18.32 -24.77
CA ASP A 129 -9.75 18.82 -25.59
C ASP A 129 -9.26 19.32 -26.95
N SER A 130 -9.97 18.93 -28.01
CA SER A 130 -9.62 19.36 -29.35
C SER A 130 -9.94 20.84 -29.61
N LYS A 131 -10.79 21.47 -28.80
CA LYS A 131 -11.10 22.88 -29.02
C LYS A 131 -10.20 23.80 -28.18
N SER A 132 -10.33 23.76 -26.86
CA SER A 132 -9.54 24.59 -25.97
C SER A 132 -8.54 23.68 -25.27
N SER A 133 -7.25 23.98 -25.44
CA SER A 133 -6.18 23.06 -25.06
C SER A 133 -6.00 22.92 -23.55
N ASP A 134 -6.68 23.72 -22.71
CA ASP A 134 -6.43 23.60 -21.28
C ASP A 134 -7.29 22.50 -20.64
N LYS A 135 -8.59 22.43 -20.98
CA LYS A 135 -9.49 21.45 -20.39
C LYS A 135 -9.08 20.04 -20.81
N PHE A 136 -9.29 19.08 -19.91
CA PHE A 136 -8.82 17.71 -20.11
C PHE A 136 -9.69 16.74 -19.34
N VAL A 137 -9.47 15.46 -19.61
CA VAL A 137 -10.08 14.36 -18.86
C VAL A 137 -8.99 13.32 -18.59
N CYS A 138 -9.25 12.45 -17.61
CA CYS A 138 -8.31 11.41 -17.24
C CYS A 138 -8.91 10.05 -17.54
N LEU A 139 -8.13 9.17 -18.16
CA LEU A 139 -8.59 7.86 -18.61
C LEU A 139 -7.79 6.75 -17.93
N PHE A 140 -8.46 5.96 -17.11
CA PHE A 140 -7.87 4.79 -16.46
C PHE A 140 -8.26 3.58 -17.30
N THR A 141 -7.27 2.88 -17.86
CA THR A 141 -7.56 1.84 -18.85
C THR A 141 -6.69 0.61 -18.65
N ASP A 142 -7.10 -0.48 -19.30
CA ASP A 142 -6.29 -1.66 -19.56
C ASP A 142 -6.01 -2.50 -18.33
N PHE A 143 -6.69 -2.20 -17.21
CA PHE A 143 -6.51 -2.98 -15.99
C PHE A 143 -7.31 -4.28 -16.01
N ASP A 144 -7.06 -5.10 -15.00
CA ASP A 144 -7.67 -6.41 -14.89
C ASP A 144 -9.11 -6.26 -14.41
N SER A 145 -9.96 -7.21 -14.82
CA SER A 145 -11.39 -7.12 -14.54
C SER A 145 -11.71 -7.19 -13.06
N GLN A 146 -10.77 -7.64 -12.22
CA GLN A 146 -11.01 -7.62 -10.78
C GLN A 146 -11.23 -6.20 -10.28
N ILE A 147 -10.41 -5.25 -10.75
CA ILE A 147 -10.35 -3.93 -10.13
C ILE A 147 -11.72 -3.24 -10.17
N ASN A 148 -12.09 -2.66 -9.04
CA ASN A 148 -13.32 -1.88 -8.90
C ASN A 148 -12.96 -0.40 -8.99
N VAL A 149 -13.77 0.35 -9.74
CA VAL A 149 -13.64 1.81 -9.79
C VAL A 149 -14.72 2.43 -8.94
N SER A 150 -14.31 3.29 -8.01
CA SER A 150 -15.20 3.83 -7.00
C SER A 150 -15.50 5.29 -7.29
N GLN A 151 -16.74 5.69 -7.04
CA GLN A 151 -17.08 7.11 -7.10
C GLN A 151 -16.20 7.90 -6.14
N SER A 152 -15.98 9.16 -6.47
CA SER A 152 -15.26 10.04 -5.58
C SER A 152 -16.19 10.46 -4.44
N LYS A 153 -15.67 10.41 -3.21
CA LYS A 153 -16.39 11.00 -2.07
C LYS A 153 -16.78 12.45 -2.36
N ASP A 154 -15.87 13.19 -3.00
CA ASP A 154 -16.16 14.54 -3.45
C ASP A 154 -17.26 14.50 -4.52
N SER A 155 -18.14 15.50 -4.50
CA SER A 155 -19.27 15.56 -5.42
C SER A 155 -19.02 16.41 -6.67
N ASP A 156 -17.90 17.13 -6.73
CA ASP A 156 -17.54 17.91 -7.91
C ASP A 156 -16.47 17.24 -8.76
N VAL A 157 -16.20 15.95 -8.52
CA VAL A 157 -15.32 15.14 -9.34
C VAL A 157 -16.16 14.00 -9.89
N TYR A 158 -16.30 13.96 -11.20
CA TYR A 158 -17.19 12.99 -11.82
C TYR A 158 -16.38 11.76 -12.21
N ILE A 159 -16.78 10.60 -11.72
CA ILE A 159 -16.10 9.37 -12.08
C ILE A 159 -17.12 8.41 -12.68
N THR A 160 -16.79 7.92 -13.85
CA THR A 160 -17.56 7.01 -14.65
C THR A 160 -17.50 5.61 -14.05
N ASP A 161 -18.43 4.75 -14.47
CA ASP A 161 -18.38 3.35 -14.08
C ASP A 161 -17.34 2.58 -14.91
N LYS A 162 -17.22 1.29 -14.64
CA LYS A 162 -16.47 0.45 -15.55
C LYS A 162 -17.20 0.34 -16.86
N CYS A 163 -16.47 0.44 -17.96
CA CYS A 163 -16.97 0.25 -19.31
C CYS A 163 -16.11 -0.81 -19.99
N VAL A 164 -16.73 -1.70 -20.75
CA VAL A 164 -16.01 -2.80 -21.42
C VAL A 164 -15.97 -2.51 -22.92
N LEU A 165 -14.76 -2.48 -23.48
CA LEU A 165 -14.54 -2.06 -24.87
C LEU A 165 -14.00 -3.24 -25.68
N ASP A 166 -14.63 -3.52 -26.81
CA ASP A 166 -14.27 -4.67 -27.65
C ASP A 166 -13.90 -4.16 -29.04
N MET A 167 -12.61 -4.27 -29.39
CA MET A 167 -12.13 -3.99 -30.73
C MET A 167 -12.09 -5.32 -31.48
N ARG A 168 -13.17 -5.62 -32.22
CA ARG A 168 -13.21 -6.91 -32.91
C ARG A 168 -12.14 -7.00 -33.99
N SER A 169 -11.68 -5.86 -34.52
CA SER A 169 -10.58 -5.87 -35.49
C SER A 169 -9.32 -6.47 -34.88
N MET A 170 -8.98 -6.07 -33.63
CA MET A 170 -7.79 -6.50 -32.91
C MET A 170 -7.95 -7.83 -32.17
N ASP A 171 -9.16 -8.37 -32.08
CA ASP A 171 -9.50 -9.45 -31.15
C ASP A 171 -9.00 -9.11 -29.74
N PHE A 172 -9.33 -7.90 -29.30
CA PHE A 172 -8.78 -7.32 -28.06
C PHE A 172 -9.89 -6.66 -27.25
N LYS A 173 -9.80 -6.80 -25.93
CA LYS A 173 -10.78 -6.24 -25.02
C LYS A 173 -10.08 -5.52 -23.88
N SER A 174 -10.68 -4.43 -23.41
CA SER A 174 -10.10 -3.62 -22.35
C SER A 174 -11.20 -3.00 -21.48
N ASN A 175 -10.87 -2.79 -20.20
CA ASN A 175 -11.70 -1.96 -19.33
C ASN A 175 -11.17 -0.54 -19.36
N SER A 176 -12.05 0.41 -19.04
CA SER A 176 -11.65 1.80 -18.89
C SER A 176 -12.66 2.48 -17.97
N ALA A 177 -12.28 3.67 -17.50
CA ALA A 177 -13.18 4.52 -16.74
C ALA A 177 -12.62 5.93 -16.86
N VAL A 178 -13.51 6.92 -16.77
CA VAL A 178 -13.19 8.30 -17.12
C VAL A 178 -13.42 9.17 -15.89
N ALA A 179 -12.54 10.15 -15.71
CA ALA A 179 -12.62 11.05 -14.58
C ALA A 179 -12.41 12.46 -15.09
N TRP A 180 -13.17 13.40 -14.56
CA TRP A 180 -12.97 14.80 -14.92
C TRP A 180 -13.59 15.67 -13.84
N SER A 181 -13.18 16.94 -13.85
CA SER A 181 -13.54 17.87 -12.78
C SER A 181 -13.03 19.26 -13.14
N ASN A 182 -13.70 20.29 -12.64
CA ASN A 182 -13.32 21.66 -12.96
C ASN A 182 -12.53 22.36 -11.84
N LYS A 183 -12.34 21.72 -10.69
CA LYS A 183 -11.48 22.27 -9.65
C LYS A 183 -10.04 22.34 -10.13
N SER A 184 -9.34 23.41 -9.72
CA SER A 184 -7.94 23.60 -10.14
C SER A 184 -6.99 22.64 -9.44
N ASP A 185 -7.43 21.90 -8.44
CA ASP A 185 -6.59 20.93 -7.76
C ASP A 185 -6.64 19.54 -8.38
N PHE A 186 -7.48 19.34 -9.40
CA PHE A 186 -7.74 18.00 -9.93
C PHE A 186 -6.75 17.68 -11.04
N THR A 187 -6.05 16.54 -10.89
CA THR A 187 -5.15 16.02 -11.91
C THR A 187 -5.33 14.52 -12.00
N CYS A 188 -4.58 13.91 -12.93
CA CYS A 188 -4.67 12.47 -13.13
C CYS A 188 -4.05 11.67 -11.98
N ALA A 189 -3.03 12.21 -11.32
CA ALA A 189 -2.41 11.48 -10.20
C ALA A 189 -3.41 11.23 -9.08
N ASN A 190 -4.24 12.22 -8.76
CA ASN A 190 -5.21 12.11 -7.68
C ASN A 190 -6.62 11.76 -8.14
N ALA A 191 -6.86 11.64 -9.46
CA ALA A 191 -8.23 11.51 -9.95
C ALA A 191 -8.93 10.30 -9.32
N PHE A 192 -8.32 9.13 -9.39
CA PHE A 192 -8.89 7.92 -8.80
C PHE A 192 -8.33 7.63 -7.40
N ASN A 193 -7.98 8.67 -6.63
CA ASN A 193 -7.26 8.54 -5.37
C ASN A 193 -8.07 7.89 -4.24
N ASN A 194 -9.32 7.49 -4.43
CA ASN A 194 -9.94 6.65 -3.41
C ASN A 194 -10.58 5.41 -4.05
N SER A 195 -9.90 4.87 -5.07
CA SER A 195 -10.14 3.55 -5.60
C SER A 195 -8.85 2.73 -5.49
N ILE A 196 -9.01 1.43 -5.25
CA ILE A 196 -7.87 0.55 -5.02
C ILE A 196 -7.28 0.18 -6.38
N ILE A 197 -6.11 0.71 -6.67
CA ILE A 197 -5.45 0.70 -7.98
C ILE A 197 -4.22 -0.21 -7.88
N PRO A 198 -3.90 -1.01 -8.92
CA PRO A 198 -2.66 -1.78 -8.87
C PRO A 198 -1.44 -0.86 -8.73
N GLU A 199 -0.44 -1.33 -7.97
CA GLU A 199 0.70 -0.47 -7.64
C GLU A 199 1.53 -0.10 -8.86
N ASP A 200 1.65 -1.00 -9.84
CA ASP A 200 2.47 -0.75 -11.02
C ASP A 200 1.75 0.12 -12.07
N THR A 201 0.57 0.66 -11.74
CA THR A 201 -0.20 1.47 -12.69
C THR A 201 0.63 2.64 -13.20
N PHE A 202 0.66 2.78 -14.53
CA PHE A 202 1.53 3.71 -15.23
C PHE A 202 0.88 5.08 -15.33
N PHE A 203 1.60 6.13 -14.89
CA PHE A 203 1.15 7.53 -14.93
C PHE A 203 2.20 8.35 -15.69
N PRO A 204 2.05 8.53 -17.02
CA PRO A 204 3.15 9.10 -17.79
C PRO A 204 3.44 10.55 -17.41
N THR B 2 -43.79 -9.66 -35.09
CA THR B 2 -43.85 -10.34 -33.79
C THR B 2 -43.22 -9.50 -32.68
N GLU B 3 -43.68 -8.26 -32.55
CA GLU B 3 -43.18 -7.36 -31.51
C GLU B 3 -44.23 -6.29 -31.23
N VAL B 4 -44.04 -5.59 -30.12
CA VAL B 4 -44.91 -4.50 -29.68
C VAL B 4 -44.19 -3.21 -30.02
N THR B 5 -44.90 -2.27 -30.67
CA THR B 5 -44.32 -0.96 -30.89
C THR B 5 -45.05 0.06 -30.03
N GLN B 6 -44.31 1.11 -29.69
CA GLN B 6 -44.77 2.16 -28.81
C GLN B 6 -44.24 3.45 -29.38
N THR B 7 -45.06 4.48 -29.38
CA THR B 7 -44.56 5.80 -29.75
C THR B 7 -45.23 6.82 -28.85
N PRO B 8 -44.58 7.96 -28.59
CA PRO B 8 -43.21 8.32 -29.01
C PRO B 8 -42.20 7.59 -28.15
N LYS B 9 -40.94 7.45 -28.57
CA LYS B 9 -39.94 6.83 -27.70
C LYS B 9 -39.51 7.75 -26.55
N HIS B 10 -39.67 9.08 -26.69
CA HIS B 10 -39.31 10.04 -25.63
C HIS B 10 -40.34 11.15 -25.60
N LEU B 11 -40.49 11.74 -24.44
CA LEU B 11 -41.51 12.77 -24.36
C LEU B 11 -41.18 13.66 -23.17
N VAL B 12 -41.10 14.96 -23.43
CA VAL B 12 -40.96 15.96 -22.39
C VAL B 12 -42.24 16.78 -22.42
N MET B 13 -42.94 16.84 -21.28
CA MET B 13 -44.12 17.67 -21.13
C MET B 13 -44.03 18.51 -19.87
N GLY B 14 -44.84 19.57 -19.88
CA GLY B 14 -45.11 20.35 -18.70
C GLY B 14 -46.46 19.96 -18.13
N MET B 15 -46.90 20.73 -17.16
CA MET B 15 -48.09 20.41 -16.41
C MET B 15 -49.35 20.94 -17.07
N THR B 16 -49.24 21.48 -18.29
CA THR B 16 -50.38 21.94 -19.09
C THR B 16 -50.60 21.15 -20.38
N ASN B 17 -49.57 20.52 -20.93
CA ASN B 17 -49.64 19.86 -22.22
C ASN B 17 -50.63 18.69 -22.23
N LYS B 18 -51.15 18.39 -23.43
CA LYS B 18 -51.90 17.17 -23.68
C LYS B 18 -51.15 16.36 -24.73
N LYS B 19 -50.98 15.07 -24.46
CA LYS B 19 -50.24 14.20 -25.37
C LYS B 19 -50.86 12.81 -25.26
N SER B 20 -50.42 11.94 -26.13
CA SER B 20 -50.98 10.60 -26.12
C SER B 20 -49.87 9.62 -26.47
N LEU B 21 -49.76 8.53 -25.69
CA LEU B 21 -48.88 7.40 -26.03
C LEU B 21 -49.68 6.36 -26.81
N LYS B 22 -49.04 5.78 -27.81
CA LYS B 22 -49.61 4.74 -28.65
C LYS B 22 -48.92 3.41 -28.36
N CYS B 23 -49.71 2.33 -28.29
CA CYS B 23 -49.18 0.97 -28.26
C CYS B 23 -49.86 0.10 -29.31
N GLU B 24 -49.06 -0.61 -30.11
CA GLU B 24 -49.53 -1.42 -31.23
C GLU B 24 -48.89 -2.80 -31.25
N GLN B 25 -49.71 -3.84 -31.44
CA GLN B 25 -49.25 -5.21 -31.70
C GLN B 25 -50.13 -5.87 -32.76
N HIS B 26 -49.54 -6.83 -33.49
CA HIS B 26 -50.19 -7.56 -34.58
C HIS B 26 -49.92 -9.05 -34.46
N MET B 27 -49.97 -9.56 -33.22
CA MET B 27 -49.90 -10.97 -32.95
C MET B 27 -51.27 -11.60 -32.73
N GLY B 28 -52.34 -10.83 -32.81
CA GLY B 28 -53.62 -11.36 -32.43
C GLY B 28 -53.91 -11.38 -30.95
N HIS B 29 -53.03 -10.85 -30.10
CA HIS B 29 -53.27 -10.88 -28.65
C HIS B 29 -54.49 -10.05 -28.30
N ARG B 30 -55.26 -10.53 -27.31
CA ARG B 30 -56.46 -9.85 -26.79
C ARG B 30 -56.32 -9.39 -25.35
N ALA B 31 -55.16 -9.61 -24.72
CA ALA B 31 -54.83 -9.03 -23.43
C ALA B 31 -53.79 -7.95 -23.64
N MET B 32 -54.10 -6.72 -23.26
CA MET B 32 -53.12 -5.66 -23.36
C MET B 32 -52.96 -4.96 -22.02
N TYR B 33 -51.76 -4.45 -21.74
CA TYR B 33 -51.36 -3.98 -20.41
C TYR B 33 -50.54 -2.69 -20.50
N TRP B 34 -50.75 -1.81 -19.51
CA TRP B 34 -49.87 -0.67 -19.26
C TRP B 34 -49.17 -0.87 -17.92
N TYR B 35 -47.85 -0.70 -17.90
CA TYR B 35 -47.08 -0.68 -16.67
C TYR B 35 -46.27 0.63 -16.59
N LYS B 36 -46.05 1.09 -15.38
CA LYS B 36 -45.30 2.31 -15.10
C LYS B 36 -44.02 1.94 -14.32
N GLN B 37 -42.84 2.32 -14.85
CA GLN B 37 -41.54 2.03 -14.20
C GLN B 37 -40.81 3.31 -13.81
N LYS B 38 -40.91 3.69 -12.54
CA LYS B 38 -40.12 4.82 -12.06
C LYS B 38 -38.65 4.43 -12.02
N ALA B 39 -37.79 5.45 -12.01
CA ALA B 39 -36.35 5.26 -11.98
C ALA B 39 -35.90 4.41 -10.79
N LYS B 40 -35.04 3.42 -11.08
CA LYS B 40 -34.51 2.46 -10.09
C LYS B 40 -35.62 1.74 -9.31
N LYS B 41 -36.80 1.61 -9.88
CA LYS B 41 -37.88 0.89 -9.24
C LYS B 41 -38.40 -0.17 -10.18
N PRO B 42 -39.12 -1.17 -9.69
CA PRO B 42 -39.71 -2.18 -10.59
C PRO B 42 -40.92 -1.63 -11.34
N PRO B 43 -41.22 -2.18 -12.50
CA PRO B 43 -42.47 -1.80 -13.20
C PRO B 43 -43.70 -2.15 -12.36
N GLU B 44 -44.72 -1.30 -12.44
CA GLU B 44 -45.91 -1.49 -11.64
C GLU B 44 -47.16 -1.42 -12.50
N LEU B 45 -48.06 -2.35 -12.28
CA LEU B 45 -49.24 -2.42 -13.13
C LEU B 45 -50.07 -1.14 -12.99
N MET B 46 -50.56 -0.64 -14.11
CA MET B 46 -51.57 0.40 -14.13
C MET B 46 -52.91 -0.12 -14.64
N PHE B 47 -52.96 -0.62 -15.88
CA PHE B 47 -54.20 -1.01 -16.51
C PHE B 47 -54.04 -2.39 -17.16
N VAL B 48 -55.14 -3.16 -17.17
CA VAL B 48 -55.24 -4.36 -17.99
C VAL B 48 -56.49 -4.26 -18.85
N TYR B 49 -56.37 -4.66 -20.12
CA TYR B 49 -57.50 -4.76 -21.03
C TYR B 49 -57.64 -6.20 -21.50
N SER B 50 -58.87 -6.71 -21.40
CA SER B 50 -59.23 -8.03 -21.89
C SER B 50 -60.26 -7.84 -22.98
N TYR B 51 -59.93 -8.30 -24.19
CA TYR B 51 -60.84 -8.21 -25.32
C TYR B 51 -61.34 -6.77 -25.51
N GLU B 52 -60.40 -5.81 -25.43
CA GLU B 52 -60.64 -4.38 -25.65
C GLU B 52 -61.54 -3.73 -24.60
N LYS B 53 -61.71 -4.32 -23.41
CA LYS B 53 -62.49 -3.70 -22.34
C LYS B 53 -61.67 -3.66 -21.06
N LEU B 54 -61.74 -2.55 -20.35
CA LEU B 54 -60.94 -2.40 -19.15
C LEU B 54 -61.30 -3.48 -18.15
N SER B 55 -60.32 -4.30 -17.78
CA SER B 55 -60.48 -5.32 -16.74
C SER B 55 -59.93 -4.88 -15.39
N ILE B 56 -58.73 -4.29 -15.36
CA ILE B 56 -58.05 -3.88 -14.13
C ILE B 56 -57.66 -2.41 -14.23
N ASN B 57 -58.00 -1.64 -13.21
CA ASN B 57 -57.54 -0.26 -13.02
C ASN B 57 -56.93 -0.19 -11.61
N GLU B 58 -55.60 -0.22 -11.50
CA GLU B 58 -54.93 -0.16 -10.20
C GLU B 58 -54.93 1.27 -9.65
N SER B 59 -56.13 1.79 -9.38
CA SER B 59 -56.27 3.11 -8.75
C SER B 59 -55.45 4.16 -9.45
N VAL B 60 -55.45 4.13 -10.78
CA VAL B 60 -54.67 5.08 -11.55
C VAL B 60 -55.44 6.40 -11.58
N PRO B 61 -54.81 7.51 -11.21
CA PRO B 61 -55.55 8.78 -11.21
C PRO B 61 -56.06 9.14 -12.59
N SER B 62 -57.19 9.84 -12.57
CA SER B 62 -58.01 10.11 -13.74
C SER B 62 -57.26 10.83 -14.87
N ARG B 63 -56.24 11.62 -14.55
CA ARG B 63 -55.51 12.31 -15.60
C ARG B 63 -54.82 11.32 -16.55
N PHE B 64 -54.80 10.04 -16.24
CA PHE B 64 -54.43 9.00 -17.19
C PHE B 64 -55.73 8.42 -17.74
N SER B 65 -55.91 8.49 -19.04
CA SER B 65 -57.19 8.13 -19.63
C SER B 65 -56.93 7.14 -20.75
N PRO B 66 -56.94 5.86 -20.45
CA PRO B 66 -56.59 4.83 -21.46
C PRO B 66 -57.78 4.53 -22.37
N GLU B 67 -57.48 3.80 -23.46
CA GLU B 67 -58.44 3.68 -24.56
C GLU B 67 -57.95 2.61 -25.52
N CYS B 68 -58.88 1.76 -25.99
CA CYS B 68 -58.61 0.62 -26.87
C CYS B 68 -59.51 0.71 -28.10
N PRO B 69 -59.10 1.43 -29.14
CA PRO B 69 -59.97 1.58 -30.33
C PRO B 69 -60.05 0.33 -31.19
N ASN B 70 -59.02 -0.51 -31.20
CA ASN B 70 -59.02 -1.75 -31.96
C ASN B 70 -58.29 -2.77 -31.11
N SER B 71 -58.47 -4.05 -31.46
CA SER B 71 -57.75 -5.13 -30.80
C SER B 71 -56.24 -4.96 -30.88
N SER B 72 -55.72 -4.27 -31.88
CA SER B 72 -54.28 -4.18 -32.04
C SER B 72 -53.69 -2.94 -31.37
N LEU B 73 -54.48 -2.11 -30.72
CA LEU B 73 -54.04 -0.75 -30.44
C LEU B 73 -54.56 -0.32 -29.06
N LEU B 74 -53.64 0.04 -28.18
CA LEU B 74 -53.98 0.56 -26.87
C LEU B 74 -53.34 1.95 -26.74
N ASN B 75 -54.14 2.97 -26.49
CA ASN B 75 -53.69 4.35 -26.28
C ASN B 75 -53.66 4.69 -24.80
N LEU B 76 -52.86 5.68 -24.46
CA LEU B 76 -52.93 6.30 -23.13
C LEU B 76 -52.87 7.81 -23.31
N HIS B 77 -53.97 8.47 -22.98
CA HIS B 77 -54.13 9.90 -23.14
C HIS B 77 -53.72 10.59 -21.85
N LEU B 78 -52.94 11.66 -22.00
CA LEU B 78 -52.30 12.35 -20.90
C LEU B 78 -52.67 13.81 -20.96
N HIS B 79 -53.01 14.36 -19.79
CA HIS B 79 -53.19 15.79 -19.68
C HIS B 79 -52.98 16.13 -18.21
N ALA B 80 -52.45 17.32 -17.96
CA ALA B 80 -52.37 17.87 -16.60
C ALA B 80 -51.53 16.98 -15.71
N LEU B 81 -50.43 16.49 -16.25
CA LEU B 81 -49.59 15.58 -15.52
C LEU B 81 -48.82 16.33 -14.45
N GLN B 82 -48.15 15.57 -13.60
CA GLN B 82 -47.40 16.08 -12.46
C GLN B 82 -45.99 15.54 -12.51
N PRO B 83 -45.02 16.22 -11.91
CA PRO B 83 -43.62 15.77 -12.03
C PRO B 83 -43.40 14.35 -11.55
N GLU B 84 -44.16 13.90 -10.55
CA GLU B 84 -44.04 12.51 -10.12
C GLU B 84 -44.53 11.52 -11.18
N ASP B 85 -45.15 11.99 -12.27
CA ASP B 85 -45.53 11.06 -13.33
C ASP B 85 -44.36 10.69 -14.24
N SER B 86 -43.17 11.29 -14.05
CA SER B 86 -42.01 10.96 -14.87
C SER B 86 -41.61 9.51 -14.63
N ALA B 87 -41.55 8.73 -15.70
CA ALA B 87 -41.33 7.29 -15.64
C ALA B 87 -41.18 6.75 -17.05
N LEU B 88 -40.88 5.45 -17.13
CA LEU B 88 -40.90 4.69 -18.36
C LEU B 88 -42.24 3.95 -18.42
N TYR B 89 -43.07 4.29 -19.41
CA TYR B 89 -44.40 3.68 -19.52
C TYR B 89 -44.29 2.50 -20.47
N LEU B 90 -44.52 1.31 -19.95
CA LEU B 90 -44.27 0.07 -20.68
C LEU B 90 -45.62 -0.52 -21.07
N CYS B 91 -45.73 -0.89 -22.34
CA CYS B 91 -46.87 -1.58 -22.90
C CYS B 91 -46.58 -3.07 -22.96
N ALA B 92 -47.57 -3.91 -22.64
CA ALA B 92 -47.35 -5.32 -22.88
C ALA B 92 -48.61 -5.94 -23.48
N SER B 93 -48.44 -7.16 -24.03
CA SER B 93 -49.57 -7.89 -24.59
C SER B 93 -49.30 -9.39 -24.52
N SER B 94 -50.39 -10.15 -24.53
CA SER B 94 -50.30 -11.59 -24.39
C SER B 94 -51.56 -12.25 -24.96
N HIS B 95 -51.39 -13.53 -25.28
CA HIS B 95 -52.53 -14.34 -25.65
C HIS B 95 -53.54 -14.36 -24.51
N LEU B 96 -54.82 -14.38 -24.87
CA LEU B 96 -55.92 -14.62 -23.95
C LEU B 96 -56.91 -15.57 -24.64
N GLY B 97 -56.95 -16.82 -24.19
CA GLY B 97 -57.89 -17.77 -24.76
C GLY B 97 -59.22 -17.73 -24.05
N LEU B 98 -60.26 -18.24 -24.73
CA LEU B 98 -61.62 -18.12 -24.22
C LEU B 98 -61.86 -19.09 -23.06
N ALA B 99 -63.03 -18.96 -22.43
CA ALA B 99 -63.37 -19.84 -21.31
C ALA B 99 -63.50 -21.28 -21.79
N GLY B 100 -62.89 -22.20 -21.04
CA GLY B 100 -62.85 -23.60 -21.44
C GLY B 100 -61.87 -23.90 -22.55
N GLY B 101 -61.20 -22.88 -23.09
CA GLY B 101 -60.15 -23.08 -24.05
C GLY B 101 -58.87 -23.52 -23.37
N ILE B 102 -57.82 -23.65 -24.19
CA ILE B 102 -56.56 -24.15 -23.66
C ILE B 102 -55.97 -23.14 -22.67
N ASP B 103 -55.16 -23.66 -21.75
CA ASP B 103 -54.42 -22.85 -20.78
C ASP B 103 -52.94 -23.01 -21.14
N GLY B 104 -52.42 -22.04 -21.91
CA GLY B 104 -51.02 -22.01 -22.26
C GLY B 104 -50.26 -21.01 -21.41
N THR B 105 -48.94 -20.96 -21.65
CA THR B 105 -48.10 -19.90 -21.07
C THR B 105 -48.44 -18.63 -21.82
N ASP B 106 -49.29 -17.79 -21.23
CA ASP B 106 -49.67 -16.55 -21.89
C ASP B 106 -48.60 -15.49 -21.57
N THR B 107 -47.41 -15.71 -22.12
CA THR B 107 -46.30 -14.84 -21.79
C THR B 107 -46.55 -13.41 -22.26
N GLN B 108 -46.16 -12.44 -21.43
CA GLN B 108 -46.32 -11.05 -21.78
C GLN B 108 -45.09 -10.60 -22.52
N TYR B 109 -45.32 -9.95 -23.66
CA TYR B 109 -44.27 -9.38 -24.47
C TYR B 109 -44.39 -7.89 -24.37
N PHE B 110 -43.27 -7.21 -24.19
CA PHE B 110 -43.27 -5.81 -23.83
C PHE B 110 -42.81 -4.99 -25.00
N GLY B 111 -43.36 -3.80 -25.10
CA GLY B 111 -42.84 -2.81 -26.01
C GLY B 111 -41.56 -2.23 -25.48
N PRO B 112 -40.98 -1.33 -26.27
CA PRO B 112 -39.75 -0.70 -25.81
C PRO B 112 -39.99 0.42 -24.83
N GLY B 113 -41.21 0.92 -24.75
CA GLY B 113 -41.58 1.87 -23.69
C GLY B 113 -41.47 3.33 -24.12
N THR B 114 -42.28 4.17 -23.48
CA THR B 114 -42.21 5.62 -23.67
C THR B 114 -41.49 6.25 -22.48
N ARG B 115 -40.29 6.79 -22.72
CA ARG B 115 -39.58 7.52 -21.67
C ARG B 115 -40.24 8.89 -21.49
N LEU B 116 -40.88 9.12 -20.35
CA LEU B 116 -41.63 10.35 -20.11
C LEU B 116 -41.03 11.16 -18.97
N THR B 117 -40.73 12.43 -19.25
CA THR B 117 -40.28 13.40 -18.26
C THR B 117 -41.32 14.51 -18.17
N VAL B 118 -41.82 14.78 -16.97
CA VAL B 118 -42.80 15.85 -16.74
C VAL B 118 -42.20 16.88 -15.80
N LEU B 119 -42.12 18.13 -16.24
CA LEU B 119 -41.42 19.19 -15.53
C LEU B 119 -42.38 20.17 -14.86
N GLU B 120 -42.01 20.65 -13.66
CA GLU B 120 -42.71 21.78 -13.06
C GLU B 120 -42.67 22.97 -13.99
N ASP B 121 -41.48 23.33 -14.44
CA ASP B 121 -41.30 24.43 -15.38
C ASP B 121 -40.41 23.97 -16.51
N LEU B 122 -40.70 24.47 -17.71
CA LEU B 122 -39.87 24.15 -18.86
C LEU B 122 -38.50 24.84 -18.80
N LYS B 123 -38.30 25.74 -17.84
CA LYS B 123 -37.00 26.36 -17.65
C LYS B 123 -35.91 25.32 -17.43
N ASN B 124 -36.26 24.17 -16.85
CA ASN B 124 -35.27 23.18 -16.41
C ASN B 124 -34.55 22.47 -17.56
N VAL B 125 -35.00 22.62 -18.82
CA VAL B 125 -34.50 21.77 -19.91
C VAL B 125 -33.33 22.44 -20.63
N PHE B 126 -32.20 21.74 -20.65
CA PHE B 126 -30.98 22.28 -21.25
C PHE B 126 -30.44 21.23 -22.20
N PRO B 127 -29.82 21.63 -23.31
CA PRO B 127 -29.24 20.66 -24.24
C PRO B 127 -27.80 20.34 -23.87
N PRO B 128 -27.27 19.22 -24.33
CA PRO B 128 -25.88 18.89 -24.01
C PRO B 128 -24.88 19.84 -24.65
N GLU B 129 -23.75 19.98 -23.96
CA GLU B 129 -22.52 20.50 -24.55
C GLU B 129 -21.58 19.34 -24.80
N VAL B 130 -20.97 19.31 -25.98
CA VAL B 130 -20.14 18.18 -26.33
C VAL B 130 -18.70 18.64 -26.52
N ALA B 131 -17.76 17.77 -26.17
CA ALA B 131 -16.35 17.99 -26.43
C ALA B 131 -15.72 16.64 -26.70
N VAL B 132 -14.61 16.65 -27.46
CA VAL B 132 -13.87 15.44 -27.80
C VAL B 132 -12.43 15.61 -27.37
N PHE B 133 -11.85 14.57 -26.78
CA PHE B 133 -10.52 14.65 -26.17
C PHE B 133 -9.61 13.66 -26.88
N GLU B 134 -8.42 14.12 -27.22
CA GLU B 134 -7.60 13.34 -28.14
C GLU B 134 -6.76 12.34 -27.37
N PRO B 135 -6.36 11.25 -28.05
CA PRO B 135 -5.55 10.23 -27.37
C PRO B 135 -4.16 10.75 -27.03
N SER B 136 -3.63 10.26 -25.91
CA SER B 136 -2.36 10.75 -25.40
C SER B 136 -1.19 10.07 -26.11
N LYS B 137 -0.13 10.86 -26.36
CA LYS B 137 1.09 10.31 -26.93
C LYS B 137 1.56 9.11 -26.13
N ALA B 138 1.44 9.18 -24.81
CA ALA B 138 1.90 8.08 -23.97
C ALA B 138 1.18 6.79 -24.32
N GLU B 139 -0.15 6.87 -24.52
CA GLU B 139 -0.93 5.67 -24.79
C GLU B 139 -0.54 5.04 -26.11
N ILE B 140 -0.39 5.88 -27.14
CA ILE B 140 0.02 5.40 -28.46
C ILE B 140 1.39 4.74 -28.37
N SER B 141 2.30 5.32 -27.59
CA SER B 141 3.65 4.81 -27.51
C SER B 141 3.76 3.50 -26.74
N ARG B 142 2.80 3.22 -25.85
CA ARG B 142 2.88 2.06 -24.97
C ARG B 142 1.98 0.91 -25.36
N THR B 143 0.86 1.21 -26.01
CA THR B 143 -0.11 0.20 -26.41
C THR B 143 -0.21 0.07 -27.92
N GLN B 144 0.38 1.02 -28.65
CA GLN B 144 0.14 1.13 -30.08
C GLN B 144 -1.36 1.18 -30.38
N LYS B 145 -2.11 1.89 -29.52
CA LYS B 145 -3.55 2.08 -29.62
C LYS B 145 -3.87 3.48 -29.15
N ALA B 146 -5.02 4.02 -29.60
CA ALA B 146 -5.42 5.40 -29.32
C ALA B 146 -6.89 5.46 -28.89
N THR B 147 -7.15 6.01 -27.71
CA THR B 147 -8.51 6.06 -27.18
C THR B 147 -8.99 7.50 -27.18
N LEU B 148 -9.94 7.82 -28.07
CA LEU B 148 -10.69 9.06 -27.97
C LEU B 148 -11.74 8.96 -26.88
N VAL B 149 -12.01 10.09 -26.25
CA VAL B 149 -13.10 10.20 -25.29
C VAL B 149 -13.97 11.36 -25.73
N CYS B 150 -15.28 11.13 -25.76
CA CYS B 150 -16.27 12.16 -25.97
C CYS B 150 -17.09 12.33 -24.69
N LEU B 151 -17.46 13.58 -24.39
CA LEU B 151 -18.07 13.92 -23.11
C LEU B 151 -19.18 14.96 -23.30
N ALA B 152 -20.41 14.54 -22.99
CA ALA B 152 -21.59 15.41 -23.06
C ALA B 152 -21.94 15.88 -21.65
N THR B 153 -22.13 17.17 -21.48
CA THR B 153 -22.28 17.71 -20.14
C THR B 153 -23.43 18.71 -20.14
N GLY B 154 -23.99 18.92 -18.94
CA GLY B 154 -24.96 19.97 -18.65
C GLY B 154 -26.36 19.80 -19.17
N PHE B 155 -26.80 18.59 -19.52
CA PHE B 155 -28.10 18.44 -20.16
C PHE B 155 -29.17 17.94 -19.19
N TYR B 156 -30.44 18.27 -19.52
CA TYR B 156 -31.64 17.80 -18.81
C TYR B 156 -32.88 17.86 -19.71
N PRO B 157 -33.71 16.80 -19.80
CA PRO B 157 -33.72 15.50 -19.09
C PRO B 157 -32.63 14.56 -19.56
N PRO B 158 -32.34 13.47 -18.82
CA PRO B 158 -31.18 12.62 -19.10
C PRO B 158 -31.42 11.50 -20.11
N HIS B 159 -31.98 11.83 -21.27
CA HIS B 159 -32.17 10.83 -22.31
C HIS B 159 -31.60 11.37 -23.62
N VAL B 160 -30.40 10.90 -23.94
CA VAL B 160 -29.64 11.37 -25.08
C VAL B 160 -29.13 10.12 -25.75
N GLU B 161 -28.75 10.23 -27.03
CA GLU B 161 -28.25 9.08 -27.76
C GLU B 161 -26.94 9.43 -28.46
N LEU B 162 -25.87 8.78 -28.01
CA LEU B 162 -24.51 9.10 -28.40
C LEU B 162 -24.05 8.08 -29.42
N SER B 163 -23.35 8.56 -30.45
CA SER B 163 -22.76 7.68 -31.45
C SER B 163 -21.49 8.34 -31.95
N TRP B 164 -20.60 7.51 -32.50
CA TRP B 164 -19.33 7.95 -33.09
C TRP B 164 -19.39 7.80 -34.61
N TRP B 165 -18.98 8.86 -35.32
CA TRP B 165 -18.95 8.87 -36.78
C TRP B 165 -17.50 9.12 -37.23
N VAL B 166 -16.96 8.19 -38.03
CA VAL B 166 -15.60 8.28 -38.55
C VAL B 166 -15.67 8.34 -40.08
N ASN B 167 -15.09 9.41 -40.64
CA ASN B 167 -15.10 9.67 -42.08
C ASN B 167 -16.49 9.53 -42.67
N GLY B 168 -17.48 10.10 -41.98
CA GLY B 168 -18.84 10.21 -42.47
C GLY B 168 -19.76 9.05 -42.13
N LYS B 169 -19.23 7.88 -41.79
CA LYS B 169 -20.03 6.68 -41.58
C LYS B 169 -20.01 6.27 -40.09
N GLU B 170 -21.19 6.01 -39.53
CA GLU B 170 -21.27 5.64 -38.12
C GLU B 170 -20.57 4.31 -37.87
N VAL B 171 -19.72 4.27 -36.84
CA VAL B 171 -18.96 3.10 -36.44
C VAL B 171 -19.57 2.52 -35.16
N HIS B 172 -19.37 1.23 -34.95
CA HIS B 172 -19.84 0.58 -33.73
C HIS B 172 -18.71 -0.17 -33.03
N ASP B 173 -17.80 -0.76 -33.78
CA ASP B 173 -16.69 -1.48 -33.20
C ASP B 173 -15.75 -0.54 -32.45
N GLY B 174 -15.15 -1.06 -31.36
CA GLY B 174 -14.27 -0.26 -30.50
C GLY B 174 -14.94 0.90 -29.77
N VAL B 175 -16.24 0.82 -29.51
CA VAL B 175 -16.99 1.88 -28.84
C VAL B 175 -17.38 1.39 -27.45
N CYS B 176 -17.39 2.30 -26.48
CA CYS B 176 -17.94 2.05 -25.16
C CYS B 176 -18.65 3.30 -24.68
N THR B 177 -19.95 3.19 -24.42
CA THR B 177 -20.68 4.33 -23.87
C THR B 177 -21.22 3.97 -22.49
N ASP B 178 -21.09 4.92 -21.56
CA ASP B 178 -21.61 4.78 -20.20
C ASP B 178 -23.03 4.25 -20.34
N PRO B 179 -23.36 3.11 -19.74
CA PRO B 179 -24.76 2.64 -19.77
C PRO B 179 -25.74 3.63 -19.18
N GLN B 180 -25.31 4.44 -18.22
CA GLN B 180 -26.23 5.38 -17.58
C GLN B 180 -25.55 6.73 -17.39
N PRO B 181 -26.28 7.82 -17.56
CA PRO B 181 -25.69 9.14 -17.30
C PRO B 181 -25.35 9.31 -15.83
N LEU B 182 -24.88 10.49 -15.48
CA LEU B 182 -24.26 10.70 -14.18
C LEU B 182 -24.67 12.09 -13.71
N LYS B 183 -25.16 12.19 -12.48
CA LYS B 183 -25.66 13.48 -11.99
C LYS B 183 -24.50 14.44 -11.74
N GLU B 184 -24.65 15.67 -12.18
CA GLU B 184 -23.60 16.67 -12.01
C GLU B 184 -23.70 17.38 -10.68
N GLN B 185 -24.91 17.54 -10.16
CA GLN B 185 -25.17 18.10 -8.84
C GLN B 185 -25.99 17.06 -8.08
N PRO B 186 -25.33 16.03 -7.54
CA PRO B 186 -26.07 14.85 -7.03
C PRO B 186 -26.99 15.14 -5.87
N ALA B 187 -26.85 16.30 -5.23
CA ALA B 187 -27.65 16.66 -4.06
C ALA B 187 -28.91 17.44 -4.42
N LEU B 188 -29.15 17.70 -5.71
CA LEU B 188 -30.25 18.53 -6.15
C LEU B 188 -31.33 17.68 -6.83
N ASN B 189 -32.57 18.13 -6.66
CA ASN B 189 -33.72 17.42 -7.21
C ASN B 189 -33.66 17.37 -8.72
N ASP B 190 -33.37 18.50 -9.36
CA ASP B 190 -33.45 18.69 -10.81
C ASP B 190 -32.07 18.70 -11.45
N SER B 191 -31.19 17.81 -11.01
CA SER B 191 -29.81 17.85 -11.46
C SER B 191 -29.71 17.73 -12.97
N ARG B 192 -28.78 18.46 -13.57
CA ARG B 192 -28.38 18.23 -14.95
C ARG B 192 -27.32 17.11 -15.01
N TYR B 193 -27.04 16.65 -16.23
CA TYR B 193 -26.43 15.33 -16.42
C TYR B 193 -25.25 15.37 -17.38
N ALA B 194 -24.43 14.31 -17.30
CA ALA B 194 -23.26 14.13 -18.13
C ALA B 194 -23.13 12.66 -18.52
N LEU B 195 -22.60 12.44 -19.72
CA LEU B 195 -22.43 11.11 -20.26
C LEU B 195 -21.12 11.09 -21.03
N SER B 196 -20.38 10.00 -20.95
CA SER B 196 -19.08 9.90 -21.60
C SER B 196 -19.06 8.67 -22.50
N SER B 197 -18.33 8.76 -23.63
CA SER B 197 -18.10 7.60 -24.49
C SER B 197 -16.63 7.48 -24.86
N ARG B 198 -16.22 6.25 -25.18
CA ARG B 198 -14.86 5.95 -25.65
C ARG B 198 -14.91 5.25 -27.00
N LEU B 199 -13.99 5.65 -27.89
CA LEU B 199 -13.73 4.95 -29.14
C LEU B 199 -12.23 4.69 -29.23
N ARG B 200 -11.86 3.44 -29.46
CA ARG B 200 -10.47 3.01 -29.45
C ARG B 200 -10.12 2.48 -30.82
N VAL B 201 -9.01 2.94 -31.37
CA VAL B 201 -8.57 2.62 -32.72
C VAL B 201 -7.06 2.35 -32.66
N SER B 202 -6.52 1.85 -33.77
CA SER B 202 -5.09 1.61 -33.81
C SER B 202 -4.34 2.94 -33.82
N ALA B 203 -3.05 2.86 -33.46
CA ALA B 203 -2.20 4.04 -33.44
C ALA B 203 -2.08 4.65 -34.83
N THR B 204 -1.95 3.80 -35.87
CA THR B 204 -1.83 4.32 -37.22
C THR B 204 -3.06 5.11 -37.61
N PHE B 205 -4.25 4.58 -37.33
CA PHE B 205 -5.50 5.23 -37.74
C PHE B 205 -5.64 6.62 -37.15
N TRP B 206 -5.32 6.79 -35.86
CA TRP B 206 -5.38 8.13 -35.28
C TRP B 206 -4.32 9.05 -35.86
N GLN B 207 -3.18 8.50 -36.29
CA GLN B 207 -2.09 9.31 -36.80
C GLN B 207 -2.28 9.70 -38.26
N ASP B 208 -3.22 9.06 -38.95
CA ASP B 208 -3.61 9.39 -40.33
C ASP B 208 -4.37 10.72 -40.34
N PRO B 209 -3.79 11.81 -40.85
CA PRO B 209 -4.40 13.14 -40.64
C PRO B 209 -5.59 13.43 -41.53
N ARG B 210 -5.92 12.55 -42.47
CA ARG B 210 -7.11 12.68 -43.29
C ARG B 210 -8.29 11.88 -42.74
N ASN B 211 -8.22 11.46 -41.48
CA ASN B 211 -9.29 10.74 -40.81
C ASN B 211 -10.04 11.69 -39.86
N HIS B 212 -11.36 11.75 -40.03
CA HIS B 212 -12.23 12.61 -39.24
C HIS B 212 -12.94 11.81 -38.15
N PHE B 213 -13.09 12.41 -36.97
CA PHE B 213 -13.76 11.79 -35.82
C PHE B 213 -14.82 12.75 -35.31
N ARG B 214 -16.07 12.32 -35.31
CA ARG B 214 -17.16 13.14 -34.83
C ARG B 214 -17.92 12.34 -33.78
N CYS B 215 -18.23 12.99 -32.67
CA CYS B 215 -19.06 12.44 -31.63
C CYS B 215 -20.41 13.16 -31.68
N GLN B 216 -21.48 12.38 -31.74
CA GLN B 216 -22.82 12.90 -32.02
C GLN B 216 -23.75 12.61 -30.84
N VAL B 217 -24.42 13.64 -30.36
CA VAL B 217 -25.32 13.49 -29.24
C VAL B 217 -26.69 14.00 -29.68
N GLN B 218 -27.66 13.07 -29.80
CA GLN B 218 -29.05 13.39 -30.11
C GLN B 218 -29.79 13.64 -28.81
N PHE B 219 -30.23 14.86 -28.60
CA PHE B 219 -30.93 15.26 -27.38
C PHE B 219 -32.44 15.30 -27.62
N TYR B 220 -33.20 14.82 -26.62
CA TYR B 220 -34.67 14.81 -26.64
C TYR B 220 -35.17 15.88 -25.67
N GLY B 221 -35.79 16.92 -26.21
CA GLY B 221 -36.27 18.01 -25.40
C GLY B 221 -37.60 18.52 -25.92
N LEU B 222 -37.81 19.83 -25.86
CA LEU B 222 -39.08 20.43 -26.27
C LEU B 222 -39.33 20.23 -27.76
N SER B 223 -40.60 20.12 -28.13
CA SER B 223 -40.98 20.07 -29.53
C SER B 223 -41.39 21.47 -29.99
N GLU B 224 -41.80 21.58 -31.26
CA GLU B 224 -42.03 22.91 -31.81
C GLU B 224 -43.29 23.58 -31.26
N ASN B 225 -44.30 22.79 -30.91
CA ASN B 225 -45.53 23.37 -30.37
C ASN B 225 -45.32 24.10 -29.04
N ASP B 226 -44.21 23.86 -28.36
CA ASP B 226 -43.99 24.40 -27.02
C ASP B 226 -43.71 25.90 -27.09
N GLU B 227 -43.68 26.53 -25.90
CA GLU B 227 -43.64 27.99 -25.78
C GLU B 227 -42.44 28.40 -24.93
N TRP B 228 -41.41 28.91 -25.59
CA TRP B 228 -40.18 29.28 -24.89
C TRP B 228 -40.25 30.73 -24.41
N THR B 229 -39.75 30.94 -23.20
CA THR B 229 -39.84 32.25 -22.55
C THR B 229 -38.47 32.71 -22.08
N GLN B 230 -37.43 32.55 -22.90
CA GLN B 230 -36.14 33.07 -22.50
C GLN B 230 -35.28 33.46 -23.69
N ASP B 231 -34.33 34.37 -23.41
CA ASP B 231 -33.34 34.79 -24.39
C ASP B 231 -32.38 33.66 -24.75
N ARG B 232 -32.20 32.69 -23.85
CA ARG B 232 -31.57 31.42 -24.19
C ARG B 232 -32.28 30.81 -25.40
N ALA B 233 -31.63 29.91 -26.12
CA ALA B 233 -32.27 29.30 -27.28
C ALA B 233 -33.20 28.16 -26.83
N LYS B 234 -34.38 28.09 -27.46
CA LYS B 234 -35.38 27.10 -27.11
C LYS B 234 -34.82 25.69 -27.33
N PRO B 235 -34.77 24.83 -26.28
CA PRO B 235 -34.10 23.51 -26.37
C PRO B 235 -34.93 22.46 -27.09
N VAL B 236 -34.95 22.57 -28.40
CA VAL B 236 -35.71 21.62 -29.19
C VAL B 236 -34.91 20.33 -29.36
N THR B 237 -35.64 19.26 -29.63
CA THR B 237 -34.97 18.02 -29.97
C THR B 237 -33.97 18.30 -31.07
N GLN B 238 -32.72 17.96 -30.83
CA GLN B 238 -31.64 18.50 -31.64
C GLN B 238 -30.45 17.56 -31.57
N ILE B 239 -29.47 17.83 -32.41
CA ILE B 239 -28.21 17.10 -32.42
C ILE B 239 -27.11 18.09 -32.08
N VAL B 240 -26.30 17.76 -31.07
CA VAL B 240 -25.12 18.54 -30.73
C VAL B 240 -23.89 17.67 -30.96
N SER B 241 -22.84 18.27 -31.53
CA SER B 241 -21.69 17.53 -32.04
C SER B 241 -20.37 18.21 -31.66
N ALA B 242 -19.32 17.41 -31.63
CA ALA B 242 -17.94 17.81 -31.41
C ALA B 242 -17.07 16.92 -32.27
N GLU B 243 -15.98 17.47 -32.78
CA GLU B 243 -15.20 16.80 -33.80
C GLU B 243 -13.71 16.96 -33.52
N ALA B 244 -12.91 16.08 -34.10
CA ALA B 244 -11.46 16.15 -33.97
C ALA B 244 -10.81 15.52 -35.19
N TRP B 245 -9.68 16.09 -35.60
CA TRP B 245 -8.89 15.52 -36.68
C TRP B 245 -7.78 14.66 -36.11
N GLY B 246 -7.57 13.50 -36.73
CA GLY B 246 -6.37 12.74 -36.43
C GLY B 246 -5.13 13.55 -36.76
N ARG B 247 -4.12 13.45 -35.90
CA ARG B 247 -2.91 14.24 -36.05
C ARG B 247 -1.70 13.33 -36.11
N ALA B 248 -0.61 13.89 -36.65
CA ALA B 248 0.63 13.16 -36.92
C ALA B 248 1.34 12.66 -35.65
N ASP B 249 0.99 13.14 -34.47
CA ASP B 249 1.59 12.64 -33.23
C ASP B 249 0.96 11.32 -32.74
N ALA C 1 -41.53 8.38 11.78
CA ALA C 1 -41.02 8.20 10.44
C ALA C 1 -39.49 8.32 10.38
N GLN C 2 -38.77 7.34 10.94
CA GLN C 2 -37.33 7.15 10.69
C GLN C 2 -37.11 5.81 10.00
N LYS C 3 -36.36 5.82 8.91
CA LYS C 3 -36.08 4.59 8.19
C LYS C 3 -34.62 4.60 7.74
N ILE C 4 -34.03 3.40 7.72
CA ILE C 4 -32.65 3.20 7.29
C ILE C 4 -32.64 2.27 6.08
N THR C 5 -31.85 2.61 5.07
CA THR C 5 -31.59 1.72 3.95
C THR C 5 -30.10 1.38 3.87
N GLN C 6 -29.80 0.08 3.75
CA GLN C 6 -28.43 -0.41 3.54
C GLN C 6 -28.47 -1.30 2.31
N THR C 7 -28.19 -0.71 1.14
CA THR C 7 -28.35 -1.43 -0.12
C THR C 7 -27.52 -2.72 -0.16
N GLN C 8 -26.25 -2.67 0.26
CA GLN C 8 -25.42 -3.89 0.22
C GLN C 8 -25.86 -4.92 1.26
N PRO C 9 -26.08 -6.19 0.87
CA PRO C 9 -26.21 -7.26 1.87
C PRO C 9 -24.87 -7.82 2.36
N GLY C 10 -23.84 -7.78 1.48
CA GLY C 10 -22.50 -8.26 1.82
C GLY C 10 -21.41 -7.38 1.23
N MET C 11 -20.20 -7.57 1.71
CA MET C 11 -19.06 -6.78 1.27
C MET C 11 -17.78 -7.55 1.54
N PHE C 12 -16.88 -7.54 0.56
CA PHE C 12 -15.57 -8.15 0.69
C PHE C 12 -14.48 -7.09 0.60
N VAL C 13 -13.39 -7.33 1.33
CA VAL C 13 -12.22 -6.49 1.24
C VAL C 13 -10.98 -7.37 1.49
N GLN C 14 -9.86 -6.97 0.93
CA GLN C 14 -8.60 -7.59 1.26
C GLN C 14 -7.97 -6.88 2.46
N GLU C 15 -7.14 -7.61 3.19
CA GLU C 15 -6.57 -7.07 4.42
C GLU C 15 -5.79 -5.78 4.13
N LYS C 16 -5.77 -4.90 5.14
CA LYS C 16 -5.04 -3.63 5.10
C LYS C 16 -5.59 -2.66 4.05
N GLU C 17 -6.63 -3.05 3.33
CA GLU C 17 -7.26 -2.12 2.41
C GLU C 17 -8.52 -1.52 3.07
N ALA C 18 -9.02 -0.44 2.44
CA ALA C 18 -10.16 0.30 2.95
C ALA C 18 -11.46 -0.21 2.34
N VAL C 19 -12.56 0.04 3.03
CA VAL C 19 -13.87 -0.45 2.56
C VAL C 19 -14.95 0.48 3.07
N THR C 20 -15.93 0.76 2.19
CA THR C 20 -17.03 1.66 2.50
C THR C 20 -18.30 0.85 2.52
N LEU C 21 -19.01 0.91 3.65
CA LEU C 21 -20.33 0.33 3.78
C LEU C 21 -21.36 1.44 3.63
N ASP C 22 -22.42 1.15 2.88
CA ASP C 22 -23.39 2.13 2.41
C ASP C 22 -24.53 2.34 3.40
N CYS C 23 -24.97 3.59 3.54
CA CYS C 23 -26.15 3.88 4.35
C CYS C 23 -26.86 5.12 3.85
N THR C 24 -28.19 5.02 3.71
CA THR C 24 -29.03 6.19 3.48
C THR C 24 -30.24 6.13 4.40
N TYR C 25 -30.83 7.28 4.65
CA TYR C 25 -31.82 7.39 5.70
C TYR C 25 -32.87 8.41 5.28
N ASP C 26 -34.04 8.31 5.92
CA ASP C 26 -35.10 9.31 5.85
C ASP C 26 -35.63 9.57 7.25
N THR C 27 -35.80 10.85 7.61
CA THR C 27 -36.28 11.22 8.94
C THR C 27 -37.24 12.39 8.83
N SER C 28 -38.32 12.35 9.61
CA SER C 28 -39.19 13.53 9.72
C SER C 28 -38.58 14.60 10.63
N ASP C 29 -37.98 14.17 11.75
CA ASP C 29 -37.36 15.10 12.68
C ASP C 29 -36.08 15.66 12.06
N GLN C 30 -35.89 16.97 12.11
CA GLN C 30 -34.68 17.60 11.60
C GLN C 30 -33.51 17.52 12.57
N SER C 31 -33.73 17.02 13.78
CA SER C 31 -32.68 16.93 14.79
C SER C 31 -32.49 15.45 15.15
N TYR C 32 -31.42 14.86 14.67
CA TYR C 32 -31.25 13.42 14.81
C TYR C 32 -29.77 13.08 14.84
N GLY C 33 -29.50 11.80 15.06
CA GLY C 33 -28.14 11.29 15.12
C GLY C 33 -28.05 9.93 14.46
N LEU C 34 -26.93 9.71 13.79
CA LEU C 34 -26.65 8.47 13.08
C LEU C 34 -25.54 7.72 13.80
N PHE C 35 -25.68 6.40 13.86
CA PHE C 35 -24.84 5.50 14.60
C PHE C 35 -24.42 4.35 13.69
N TRP C 36 -23.22 3.84 13.88
CA TRP C 36 -22.90 2.53 13.33
C TRP C 36 -22.56 1.58 14.48
N TYR C 37 -23.07 0.36 14.38
CA TYR C 37 -22.78 -0.69 15.33
C TYR C 37 -22.31 -1.91 14.55
N LYS C 38 -21.62 -2.81 15.25
CA LYS C 38 -21.00 -3.99 14.65
C LYS C 38 -21.42 -5.21 15.47
N GLN C 39 -21.92 -6.24 14.80
CA GLN C 39 -22.38 -7.45 15.48
C GLN C 39 -21.59 -8.65 15.00
N PRO C 40 -20.59 -9.11 15.76
CA PRO C 40 -19.85 -10.32 15.35
C PRO C 40 -20.68 -11.59 15.57
N SER C 41 -20.05 -12.75 15.35
CA SER C 41 -20.78 -14.01 15.42
C SER C 41 -21.33 -14.28 16.81
N SER C 42 -20.64 -13.79 17.85
CA SER C 42 -21.12 -13.98 19.21
C SER C 42 -22.52 -13.40 19.37
N GLY C 43 -22.73 -12.18 18.90
CA GLY C 43 -24.07 -11.64 18.92
C GLY C 43 -24.19 -10.27 19.55
N GLU C 44 -23.10 -9.74 20.11
CA GLU C 44 -23.19 -8.49 20.84
C GLU C 44 -23.14 -7.31 19.88
N MET C 45 -23.82 -6.25 20.25
CA MET C 45 -23.86 -5.04 19.45
C MET C 45 -22.78 -4.09 19.97
N ILE C 46 -21.76 -3.83 19.15
CA ILE C 46 -20.61 -3.04 19.57
C ILE C 46 -20.68 -1.68 18.90
N PHE C 47 -20.70 -0.63 19.72
CA PHE C 47 -20.76 0.73 19.17
C PHE C 47 -19.44 1.10 18.50
N LEU C 48 -19.54 1.74 17.32
CA LEU C 48 -18.36 2.13 16.55
C LEU C 48 -18.17 3.64 16.45
N ILE C 49 -19.21 4.39 16.12
CA ILE C 49 -19.07 5.83 15.83
C ILE C 49 -20.45 6.47 15.76
N TYR C 50 -20.49 7.79 15.96
CA TYR C 50 -21.69 8.58 16.04
C TYR C 50 -21.47 9.87 15.26
N GLN C 51 -22.56 10.35 14.63
CA GLN C 51 -22.58 11.63 13.93
C GLN C 51 -23.93 12.31 14.17
N GLY C 52 -23.89 13.57 14.62
CA GLY C 52 -25.09 14.34 14.87
C GLY C 52 -25.46 15.16 13.65
N SER C 53 -26.76 15.34 13.45
CA SER C 53 -27.26 16.01 12.25
C SER C 53 -26.83 17.47 12.13
N TYR C 54 -26.28 18.08 13.18
CA TYR C 54 -25.84 19.47 13.16
C TYR C 54 -24.33 19.61 13.43
N ASP C 55 -23.56 18.52 13.26
CA ASP C 55 -22.10 18.62 13.23
C ASP C 55 -21.66 19.01 11.83
N GLU C 56 -20.71 19.94 11.75
CA GLU C 56 -20.25 20.44 10.46
C GLU C 56 -18.93 19.82 9.99
N GLN C 57 -18.38 18.87 10.73
CA GLN C 57 -17.25 18.08 10.28
C GLN C 57 -17.59 16.61 10.42
N ASN C 58 -17.19 15.84 9.41
CA ASN C 58 -17.38 14.40 9.45
C ASN C 58 -16.65 13.80 10.65
N ALA C 59 -17.30 12.84 11.30
CA ALA C 59 -16.76 12.24 12.50
C ALA C 59 -15.79 11.13 12.17
N THR C 60 -14.79 10.99 13.03
CA THR C 60 -13.84 9.90 12.92
C THR C 60 -13.64 9.30 14.31
N GLU C 61 -13.41 7.99 14.32
CA GLU C 61 -13.07 7.29 15.55
C GLU C 61 -12.05 6.21 15.17
N GLY C 62 -10.78 6.46 15.48
CA GLY C 62 -9.73 5.51 15.16
C GLY C 62 -9.78 5.14 13.70
N ARG C 63 -10.02 3.86 13.40
CA ARG C 63 -10.01 3.39 12.02
C ARG C 63 -11.33 3.62 11.28
N TYR C 64 -12.37 4.09 11.98
CA TYR C 64 -13.69 4.31 11.42
C TYR C 64 -13.90 5.78 11.16
N SER C 65 -14.54 6.10 10.05
CA SER C 65 -14.92 7.47 9.76
C SER C 65 -16.24 7.46 9.03
N LEU C 66 -16.91 8.62 9.02
CA LEU C 66 -18.22 8.73 8.43
C LEU C 66 -18.13 9.59 7.19
N ASN C 67 -18.86 9.21 6.14
CA ASN C 67 -19.07 10.10 5.00
C ASN C 67 -20.52 10.61 5.12
N PHE C 68 -20.69 11.69 5.87
CA PHE C 68 -22.01 12.21 6.23
C PHE C 68 -22.39 13.37 5.30
N GLN C 69 -23.15 13.07 4.25
CA GLN C 69 -23.60 14.10 3.31
C GLN C 69 -25.09 14.34 3.57
N LYS C 70 -25.37 15.34 4.40
CA LYS C 70 -26.74 15.63 4.80
C LYS C 70 -27.65 15.83 3.59
N ALA C 71 -27.17 16.59 2.60
CA ALA C 71 -27.95 16.87 1.40
C ALA C 71 -28.36 15.58 0.68
N ARG C 72 -27.46 14.62 0.61
CA ARG C 72 -27.79 13.35 -0.04
C ARG C 72 -28.44 12.36 0.92
N LYS C 73 -28.57 12.72 2.20
CA LYS C 73 -29.07 11.83 3.25
C LYS C 73 -28.35 10.48 3.19
N SER C 74 -27.02 10.56 3.16
CA SER C 74 -26.15 9.39 3.20
C SER C 74 -25.22 9.48 4.40
N ALA C 75 -24.90 8.33 4.97
CA ALA C 75 -24.15 8.22 6.22
C ALA C 75 -23.17 7.05 6.17
N ASN C 76 -22.40 6.96 5.09
CA ASN C 76 -21.54 5.79 4.84
C ASN C 76 -20.40 5.65 5.84
N LEU C 77 -20.15 4.41 6.25
CA LEU C 77 -19.06 4.09 7.16
C LEU C 77 -17.82 3.68 6.35
N VAL C 78 -16.69 4.30 6.68
CA VAL C 78 -15.41 4.05 6.04
C VAL C 78 -14.50 3.40 7.07
N ILE C 79 -14.01 2.20 6.76
CA ILE C 79 -13.08 1.46 7.62
C ILE C 79 -11.73 1.41 6.92
N SER C 80 -10.72 2.02 7.52
CA SER C 80 -9.39 1.99 6.91
C SER C 80 -8.58 0.81 7.47
N ALA C 81 -7.59 0.39 6.68
CA ALA C 81 -6.61 -0.60 7.13
C ALA C 81 -7.28 -1.84 7.71
N SER C 82 -8.21 -2.41 6.95
CA SER C 82 -9.03 -3.50 7.44
C SER C 82 -8.20 -4.67 7.94
N GLN C 83 -8.30 -4.95 9.24
CA GLN C 83 -7.89 -6.21 9.85
C GLN C 83 -8.99 -7.25 9.67
N LEU C 84 -8.65 -8.53 9.83
CA LEU C 84 -9.70 -9.53 9.65
C LEU C 84 -10.54 -9.76 10.90
N GLY C 85 -10.16 -9.22 12.05
CA GLY C 85 -11.13 -9.11 13.12
C GLY C 85 -12.33 -8.23 12.75
N ASP C 86 -12.20 -7.42 11.70
CA ASP C 86 -13.29 -6.55 11.24
C ASP C 86 -14.47 -7.32 10.65
N SER C 87 -14.32 -8.61 10.33
CA SER C 87 -15.45 -9.35 9.80
C SER C 87 -16.56 -9.37 10.83
N ALA C 88 -17.76 -8.93 10.42
CA ALA C 88 -18.95 -8.89 11.26
C ALA C 88 -20.17 -8.44 10.47
N MET C 89 -21.33 -8.35 11.11
CA MET C 89 -22.50 -7.72 10.51
C MET C 89 -22.46 -6.25 10.90
N TYR C 90 -22.62 -5.35 9.94
CA TYR C 90 -22.51 -3.91 10.23
C TYR C 90 -23.87 -3.23 10.06
N PHE C 91 -24.37 -2.65 11.13
CA PHE C 91 -25.69 -2.03 11.17
C PHE C 91 -25.55 -0.51 11.17
N CYS C 92 -26.24 0.14 10.23
CA CYS C 92 -26.53 1.57 10.30
C CYS C 92 -27.76 1.81 11.16
N ALA C 93 -27.69 2.77 12.08
CA ALA C 93 -28.85 3.03 12.94
C ALA C 93 -29.06 4.54 13.12
N MET C 94 -30.24 4.89 13.62
CA MET C 94 -30.66 6.28 13.72
C MET C 94 -31.53 6.47 14.97
N ARG C 95 -31.50 7.70 15.52
CA ARG C 95 -32.39 8.13 16.60
C ARG C 95 -32.87 9.55 16.34
N ARG C 96 -34.06 9.86 16.85
CA ARG C 96 -34.43 11.25 17.07
C ARG C 96 -33.74 11.74 18.33
N ASN C 97 -33.42 13.03 18.37
CA ASN C 97 -32.71 13.57 19.52
C ASN C 97 -33.65 14.18 20.57
N THR C 98 -34.95 14.22 20.33
CA THR C 98 -35.85 14.97 21.18
C THR C 98 -36.77 14.12 22.06
N GLY C 99 -36.83 12.80 21.89
CA GLY C 99 -37.74 11.99 22.70
C GLY C 99 -37.00 11.09 23.68
N ARG C 100 -37.25 9.78 23.62
CA ARG C 100 -36.50 8.82 24.43
C ARG C 100 -35.28 8.24 23.70
N ARG C 101 -35.03 8.65 22.45
CA ARG C 101 -33.77 8.38 21.75
C ARG C 101 -33.57 6.89 21.42
N ALA C 102 -34.66 6.15 21.32
CA ALA C 102 -34.62 4.78 20.85
C ALA C 102 -34.08 4.70 19.43
N LEU C 103 -33.26 3.68 19.17
CA LEU C 103 -32.65 3.49 17.86
C LEU C 103 -33.59 2.78 16.88
N THR C 104 -33.56 3.20 15.62
CA THR C 104 -34.05 2.42 14.49
C THR C 104 -32.87 1.86 13.71
N PHE C 105 -32.91 0.56 13.40
CA PHE C 105 -31.77 -0.13 12.81
C PHE C 105 -32.03 -0.44 11.34
N GLY C 106 -31.00 -0.27 10.52
CA GLY C 106 -31.07 -0.73 9.16
C GLY C 106 -31.04 -2.25 9.07
N SER C 107 -31.05 -2.74 7.82
CA SER C 107 -31.09 -4.18 7.64
C SER C 107 -29.72 -4.85 7.83
N GLY C 108 -28.64 -4.08 7.84
CA GLY C 108 -27.35 -4.68 8.14
C GLY C 108 -26.60 -5.17 6.92
N THR C 109 -25.29 -4.98 6.92
CA THR C 109 -24.43 -5.39 5.83
C THR C 109 -23.30 -6.24 6.39
N ARG C 110 -23.08 -7.41 5.80
CA ARG C 110 -22.02 -8.31 6.25
C ARG C 110 -20.69 -7.97 5.60
N LEU C 111 -19.64 -7.89 6.41
CA LEU C 111 -18.27 -7.66 5.94
C LEU C 111 -17.43 -8.92 6.17
N GLN C 112 -16.72 -9.35 5.11
CA GLN C 112 -15.80 -10.49 5.16
C GLN C 112 -14.41 -10.02 4.73
N VAL C 113 -13.50 -9.91 5.68
CA VAL C 113 -12.13 -9.51 5.37
C VAL C 113 -11.35 -10.75 4.97
N GLN C 114 -10.63 -10.66 3.84
CA GLN C 114 -9.97 -11.82 3.29
C GLN C 114 -8.47 -11.59 3.26
N PRO C 115 -7.67 -12.64 3.46
CA PRO C 115 -6.21 -12.46 3.51
C PRO C 115 -5.61 -12.47 2.12
N ASN C 116 -4.52 -11.72 1.98
CA ASN C 116 -3.73 -11.82 0.76
C ASN C 116 -2.89 -13.10 0.86
N ILE C 117 -3.39 -14.19 0.27
CA ILE C 117 -2.77 -15.51 0.40
C ILE C 117 -1.42 -15.49 -0.32
N GLN C 118 -0.33 -15.50 0.45
CA GLN C 118 0.96 -15.07 -0.08
C GLN C 118 1.49 -16.03 -1.14
N ASN C 119 1.51 -17.33 -0.84
CA ASN C 119 2.03 -18.35 -1.76
C ASN C 119 0.96 -19.40 -2.00
N PRO C 120 0.07 -19.18 -2.96
CA PRO C 120 -1.04 -20.12 -3.18
C PRO C 120 -0.55 -21.54 -3.44
N ASP C 121 -1.13 -22.49 -2.72
CA ASP C 121 -0.92 -23.91 -2.95
C ASP C 121 -2.26 -24.64 -2.99
N PRO C 122 -3.10 -24.35 -3.99
CA PRO C 122 -4.43 -24.98 -4.04
C PRO C 122 -4.31 -26.50 -3.99
N ALA C 123 -5.14 -27.14 -3.17
CA ALA C 123 -5.05 -28.58 -2.97
C ALA C 123 -6.23 -29.06 -2.14
N VAL C 124 -6.71 -30.27 -2.42
CA VAL C 124 -7.77 -30.92 -1.66
C VAL C 124 -7.18 -32.16 -1.00
N TYR C 125 -7.41 -32.30 0.31
CA TYR C 125 -6.90 -33.41 1.10
C TYR C 125 -8.07 -34.21 1.65
N GLN C 126 -7.79 -35.39 2.18
CA GLN C 126 -8.82 -36.22 2.79
C GLN C 126 -8.43 -36.51 4.24
N LEU C 127 -9.35 -36.23 5.16
CA LEU C 127 -9.13 -36.45 6.57
C LEU C 127 -10.11 -37.50 7.08
N ARG C 128 -9.67 -38.31 8.04
CA ARG C 128 -10.43 -39.45 8.52
C ARG C 128 -10.55 -39.40 10.04
N ASP C 129 -11.68 -39.88 10.52
CA ASP C 129 -12.03 -39.87 11.94
C ASP C 129 -10.92 -40.45 12.80
N SER C 130 -10.87 -40.05 14.06
CA SER C 130 -10.00 -40.64 15.06
C SER C 130 -10.64 -41.81 15.78
N LYS C 131 -11.87 -42.20 15.40
CA LYS C 131 -12.52 -43.34 16.02
C LYS C 131 -13.32 -44.23 15.06
N SER C 132 -13.32 -43.96 13.76
CA SER C 132 -14.17 -44.70 12.82
C SER C 132 -13.39 -45.42 11.74
N SER C 133 -12.52 -44.72 11.01
CA SER C 133 -11.72 -45.25 9.90
C SER C 133 -12.57 -45.53 8.65
N ASP C 134 -13.89 -45.38 8.76
CA ASP C 134 -14.74 -45.47 7.58
C ASP C 134 -15.46 -44.15 7.25
N LYS C 135 -15.49 -43.19 8.18
CA LYS C 135 -16.04 -41.87 7.93
C LYS C 135 -14.92 -40.84 7.75
N PHE C 136 -15.19 -39.83 6.94
CA PHE C 136 -14.12 -38.93 6.52
C PHE C 136 -14.69 -37.65 5.93
N VAL C 137 -13.80 -36.63 5.82
CA VAL C 137 -14.14 -35.32 5.27
C VAL C 137 -13.04 -34.88 4.32
N CYS C 138 -13.37 -33.91 3.46
CA CYS C 138 -12.45 -33.39 2.46
C CYS C 138 -12.20 -31.90 2.72
N LEU C 139 -10.93 -31.50 2.72
CA LEU C 139 -10.49 -30.17 3.13
C LEU C 139 -9.79 -29.42 1.99
N PHE C 140 -10.56 -28.62 1.25
CA PHE C 140 -10.02 -27.69 0.26
C PHE C 140 -9.32 -26.55 0.99
N THR C 141 -8.00 -26.41 0.80
CA THR C 141 -7.21 -25.47 1.59
C THR C 141 -6.23 -24.70 0.70
N ASP C 142 -5.50 -23.79 1.34
CA ASP C 142 -4.33 -23.10 0.78
C ASP C 142 -4.60 -22.42 -0.56
N PHE C 143 -5.85 -22.14 -0.89
CA PHE C 143 -6.11 -21.39 -2.11
C PHE C 143 -6.06 -19.89 -1.83
N ASP C 144 -5.99 -19.13 -2.93
CA ASP C 144 -5.94 -17.68 -2.87
C ASP C 144 -7.30 -17.13 -2.43
N SER C 145 -7.33 -15.85 -2.05
CA SER C 145 -8.61 -15.28 -1.61
C SER C 145 -9.58 -15.03 -2.76
N GLN C 146 -9.06 -14.92 -3.99
CA GLN C 146 -9.90 -14.65 -5.16
C GLN C 146 -10.90 -15.76 -5.45
N ILE C 147 -10.56 -17.02 -5.14
CA ILE C 147 -11.52 -18.10 -5.36
C ILE C 147 -12.72 -17.92 -4.46
N ASN C 148 -13.90 -18.21 -5.02
CA ASN C 148 -15.10 -18.45 -4.24
C ASN C 148 -15.33 -19.96 -4.20
N VAL C 149 -16.03 -20.42 -3.17
CA VAL C 149 -16.30 -21.84 -2.98
C VAL C 149 -17.81 -21.99 -2.95
N SER C 150 -18.39 -22.29 -4.11
CA SER C 150 -19.82 -22.47 -4.14
C SER C 150 -20.21 -23.79 -3.47
N GLN C 151 -21.45 -23.84 -3.00
CA GLN C 151 -22.03 -25.04 -2.44
C GLN C 151 -22.34 -26.03 -3.55
N SER C 152 -22.62 -27.27 -3.15
CA SER C 152 -22.96 -28.28 -4.13
C SER C 152 -24.47 -28.33 -4.34
N LYS C 153 -24.86 -28.92 -5.48
CA LYS C 153 -26.27 -29.07 -5.83
C LYS C 153 -26.94 -30.20 -5.06
N ASP C 154 -26.21 -31.27 -4.77
CA ASP C 154 -26.78 -32.32 -3.93
C ASP C 154 -27.02 -31.76 -2.53
N SER C 155 -28.23 -31.93 -2.02
CA SER C 155 -28.63 -31.45 -0.70
C SER C 155 -28.42 -32.49 0.40
N ASP C 156 -27.68 -33.57 0.08
CA ASP C 156 -27.16 -34.49 1.08
C ASP C 156 -25.65 -34.58 1.02
N VAL C 157 -25.02 -33.66 0.30
CA VAL C 157 -23.61 -33.32 0.48
C VAL C 157 -23.56 -31.91 1.04
N TYR C 158 -22.58 -31.65 1.90
CA TYR C 158 -22.47 -30.40 2.62
C TYR C 158 -21.12 -29.74 2.35
N ILE C 159 -21.15 -28.52 1.80
CA ILE C 159 -19.97 -27.68 1.72
C ILE C 159 -20.18 -26.47 2.63
N THR C 160 -19.06 -25.94 3.14
CA THR C 160 -19.06 -24.79 4.03
C THR C 160 -18.23 -23.66 3.41
N ASP C 161 -18.60 -22.41 3.71
CA ASP C 161 -17.90 -21.29 3.11
C ASP C 161 -16.42 -21.29 3.52
N LYS C 162 -15.65 -20.45 2.83
CA LYS C 162 -14.24 -20.32 3.15
C LYS C 162 -14.05 -19.72 4.54
N CYS C 163 -13.20 -20.37 5.33
CA CYS C 163 -12.88 -19.94 6.69
C CYS C 163 -11.44 -19.46 6.70
N VAL C 164 -11.20 -18.30 7.31
CA VAL C 164 -9.88 -17.65 7.31
C VAL C 164 -9.15 -17.99 8.59
N LEU C 165 -8.04 -18.73 8.46
CA LEU C 165 -7.26 -19.23 9.58
C LEU C 165 -5.97 -18.44 9.69
N ASP C 166 -5.54 -18.12 10.92
CA ASP C 166 -4.37 -17.28 11.15
C ASP C 166 -3.46 -17.93 12.18
N MET C 167 -2.25 -18.31 11.75
CA MET C 167 -1.22 -18.87 12.64
C MET C 167 -0.25 -17.80 13.09
N ARG C 168 -0.59 -17.09 14.17
CA ARG C 168 0.40 -16.23 14.80
C ARG C 168 1.55 -17.10 15.31
N SER C 169 2.73 -16.47 15.48
CA SER C 169 3.97 -17.14 15.89
C SER C 169 4.56 -17.99 14.77
N MET C 170 3.83 -18.12 13.67
CA MET C 170 4.33 -18.67 12.43
C MET C 170 4.00 -17.72 11.28
N ASP C 171 3.21 -16.68 11.54
CA ASP C 171 2.82 -15.65 10.59
C ASP C 171 2.43 -16.26 9.25
N PHE C 172 1.44 -17.15 9.34
CA PHE C 172 0.86 -17.82 8.18
C PHE C 172 -0.66 -17.71 8.24
N LYS C 173 -1.25 -17.32 7.12
CA LYS C 173 -2.70 -17.25 6.97
C LYS C 173 -3.11 -18.14 5.82
N SER C 174 -4.21 -18.86 6.00
CA SER C 174 -4.68 -19.80 5.01
C SER C 174 -6.20 -19.83 4.99
N ASN C 175 -6.77 -19.89 3.78
CA ASN C 175 -8.18 -20.14 3.66
C ASN C 175 -8.42 -21.64 3.65
N SER C 176 -9.69 -22.02 3.71
CA SER C 176 -10.09 -23.40 3.87
C SER C 176 -11.61 -23.53 3.78
N ALA C 177 -12.08 -24.59 3.14
CA ALA C 177 -13.49 -24.98 3.16
C ALA C 177 -13.56 -26.49 3.28
N VAL C 178 -14.67 -27.00 3.79
CA VAL C 178 -14.77 -28.40 4.18
C VAL C 178 -16.05 -29.00 3.59
N ALA C 179 -15.99 -30.30 3.28
CA ALA C 179 -17.12 -31.00 2.69
C ALA C 179 -17.10 -32.46 3.12
N TRP C 180 -18.30 -33.05 3.18
CA TRP C 180 -18.55 -34.37 3.77
C TRP C 180 -20.00 -34.75 3.51
N SER C 181 -20.26 -36.07 3.56
CA SER C 181 -21.59 -36.61 3.37
C SER C 181 -21.60 -38.06 3.83
N ASN C 182 -22.78 -38.64 3.85
CA ASN C 182 -22.94 -40.06 4.13
C ASN C 182 -23.41 -40.79 2.87
N LYS C 183 -22.81 -40.44 1.73
CA LYS C 183 -23.01 -41.12 0.46
C LYS C 183 -21.66 -41.55 -0.09
N SER C 184 -21.55 -42.83 -0.47
CA SER C 184 -20.29 -43.34 -1.01
C SER C 184 -19.93 -42.72 -2.35
N ASP C 185 -20.91 -42.05 -3.03
CA ASP C 185 -20.87 -41.42 -4.35
C ASP C 185 -20.11 -40.12 -4.36
N PHE C 186 -19.41 -39.87 -3.26
CA PHE C 186 -18.75 -38.62 -2.99
C PHE C 186 -17.25 -38.87 -2.80
N THR C 187 -16.42 -38.17 -3.54
CA THR C 187 -14.98 -38.21 -3.32
C THR C 187 -14.45 -36.80 -3.14
N CYS C 188 -13.15 -36.70 -2.86
CA CYS C 188 -12.56 -35.42 -2.54
C CYS C 188 -12.36 -34.53 -3.76
N ALA C 189 -12.14 -35.11 -4.95
CA ALA C 189 -12.09 -34.33 -6.18
C ALA C 189 -13.42 -34.34 -6.93
N ASN C 190 -14.52 -34.75 -6.26
CA ASN C 190 -15.88 -34.62 -6.76
C ASN C 190 -16.71 -33.70 -5.86
N ALA C 191 -16.10 -33.15 -4.81
CA ALA C 191 -16.79 -32.30 -3.85
C ALA C 191 -16.99 -30.90 -4.38
N PHE C 192 -15.89 -30.20 -4.60
CA PHE C 192 -15.84 -28.81 -5.04
C PHE C 192 -15.93 -28.69 -6.54
N ASN C 193 -16.45 -29.72 -7.21
CA ASN C 193 -16.70 -29.63 -8.64
C ASN C 193 -17.70 -28.52 -8.94
N ASN C 194 -18.59 -28.22 -8.00
CA ASN C 194 -19.59 -27.18 -8.19
C ASN C 194 -19.00 -25.78 -8.15
N SER C 195 -17.74 -25.63 -7.73
CA SER C 195 -16.99 -24.38 -7.76
C SER C 195 -15.94 -24.48 -8.87
N ILE C 196 -15.05 -23.48 -8.93
CA ILE C 196 -13.96 -23.48 -9.90
C ILE C 196 -12.70 -23.80 -9.13
N ILE C 197 -12.32 -25.07 -9.10
CA ILE C 197 -10.97 -25.39 -8.60
C ILE C 197 -9.94 -24.79 -9.54
N PRO C 198 -8.95 -24.05 -9.04
CA PRO C 198 -7.87 -23.58 -9.93
C PRO C 198 -7.18 -24.77 -10.59
N GLU C 199 -6.71 -24.57 -11.82
CA GLU C 199 -6.15 -25.68 -12.60
C GLU C 199 -4.96 -26.33 -11.91
N ASP C 200 -4.26 -25.60 -11.03
CA ASP C 200 -3.09 -26.10 -10.32
C ASP C 200 -3.43 -26.75 -8.97
N THR C 201 -4.63 -27.30 -8.82
CA THR C 201 -5.05 -27.87 -7.54
C THR C 201 -4.53 -29.30 -7.39
N PHE C 202 -3.94 -29.61 -6.24
CA PHE C 202 -3.29 -30.89 -5.97
C PHE C 202 -4.33 -31.83 -5.39
N PHE C 203 -4.63 -32.93 -6.08
CA PHE C 203 -5.53 -33.95 -5.55
C PHE C 203 -4.75 -35.25 -5.37
N PRO C 204 -4.30 -35.59 -4.15
CA PRO C 204 -3.44 -36.79 -4.17
C PRO C 204 -4.34 -38.02 -4.21
N THR D 2 -18.19 -0.72 33.10
CA THR D 2 -18.22 -0.25 31.71
C THR D 2 -19.17 -1.04 30.76
N GLU D 3 -19.57 -2.25 31.15
CA GLU D 3 -20.33 -3.11 30.27
C GLU D 3 -21.74 -3.35 30.83
N VAL D 4 -22.62 -3.86 29.98
CA VAL D 4 -23.95 -4.31 30.38
C VAL D 4 -23.93 -5.82 30.47
N THR D 5 -24.49 -6.34 31.53
CA THR D 5 -24.55 -7.77 31.76
C THR D 5 -25.95 -8.28 31.46
N GLN D 6 -26.02 -9.49 30.88
CA GLN D 6 -27.30 -10.12 30.55
C GLN D 6 -27.22 -11.59 30.90
N THR D 7 -28.11 -12.05 31.76
CA THR D 7 -28.23 -13.49 31.95
C THR D 7 -29.67 -13.93 31.73
N PRO D 8 -29.90 -15.19 31.29
CA PRO D 8 -28.93 -16.19 30.79
C PRO D 8 -28.50 -15.88 29.38
N LYS D 9 -27.34 -16.34 28.95
CA LYS D 9 -26.90 -16.06 27.60
C LYS D 9 -27.63 -16.92 26.55
N HIS D 10 -28.23 -18.04 26.95
CA HIS D 10 -29.00 -18.94 26.10
C HIS D 10 -30.16 -19.54 26.88
N LEU D 11 -31.26 -19.83 26.17
CA LEU D 11 -32.46 -20.33 26.85
C LEU D 11 -33.35 -21.04 25.84
N VAL D 12 -33.83 -22.22 26.21
CA VAL D 12 -34.79 -22.99 25.42
C VAL D 12 -36.05 -23.11 26.28
N MET D 13 -37.18 -22.65 25.75
CA MET D 13 -38.43 -22.81 26.47
C MET D 13 -39.48 -23.50 25.63
N GLY D 14 -40.52 -23.96 26.33
CA GLY D 14 -41.74 -24.39 25.73
C GLY D 14 -42.84 -23.38 25.97
N MET D 15 -44.06 -23.78 25.65
CA MET D 15 -45.20 -22.89 25.64
C MET D 15 -45.93 -22.86 26.98
N THR D 16 -45.36 -23.51 28.00
CA THR D 16 -45.92 -23.57 29.33
C THR D 16 -44.94 -23.13 30.43
N ASN D 17 -43.69 -22.83 30.07
CA ASN D 17 -42.68 -22.44 31.03
C ASN D 17 -42.71 -20.96 31.36
N LYS D 18 -42.27 -20.63 32.57
CA LYS D 18 -42.01 -19.25 32.96
C LYS D 18 -40.52 -19.08 33.26
N LYS D 19 -39.96 -17.95 32.83
CA LYS D 19 -38.54 -17.67 32.97
C LYS D 19 -38.34 -16.16 33.06
N SER D 20 -37.12 -15.76 33.44
CA SER D 20 -36.80 -14.34 33.58
C SER D 20 -35.50 -14.06 32.84
N LEU D 21 -35.48 -12.99 32.08
CA LEU D 21 -34.21 -12.48 31.59
C LEU D 21 -33.77 -11.37 32.55
N LYS D 22 -32.47 -11.32 32.85
CA LYS D 22 -31.92 -10.28 33.72
C LYS D 22 -30.98 -9.40 32.91
N CYS D 23 -31.05 -8.09 33.15
CA CYS D 23 -30.14 -7.14 32.55
C CYS D 23 -29.60 -6.18 33.61
N GLU D 24 -28.30 -5.95 33.59
CA GLU D 24 -27.65 -5.23 34.68
C GLU D 24 -26.52 -4.40 34.12
N GLN D 25 -26.43 -3.15 34.58
CA GLN D 25 -25.33 -2.25 34.25
C GLN D 25 -24.99 -1.42 35.49
N HIS D 26 -23.73 -1.11 35.67
CA HIS D 26 -23.27 -0.34 36.83
C HIS D 26 -22.52 0.91 36.40
N MET D 27 -23.03 1.61 35.40
CA MET D 27 -22.44 2.86 34.98
C MET D 27 -23.27 4.07 35.41
N GLY D 28 -24.28 3.88 36.24
CA GLY D 28 -25.13 4.98 36.66
C GLY D 28 -26.14 5.47 35.64
N HIS D 29 -26.49 4.65 34.63
CA HIS D 29 -27.40 5.06 33.56
C HIS D 29 -28.86 5.01 34.02
N ARG D 30 -29.68 5.91 33.45
CA ARG D 30 -31.08 6.04 33.83
C ARG D 30 -32.09 5.74 32.72
N ALA D 31 -31.61 5.51 31.49
CA ALA D 31 -32.41 5.03 30.38
C ALA D 31 -32.04 3.57 30.13
N MET D 32 -33.02 2.70 30.10
CA MET D 32 -32.73 1.30 29.81
C MET D 32 -33.70 0.79 28.75
N TYR D 33 -33.27 -0.21 27.99
CA TYR D 33 -33.96 -0.59 26.75
C TYR D 33 -33.99 -2.10 26.58
N TRP D 34 -35.06 -2.59 25.94
CA TRP D 34 -35.16 -3.95 25.43
C TRP D 34 -35.42 -3.88 23.94
N TYR D 35 -34.53 -4.47 23.16
CA TYR D 35 -34.73 -4.71 21.74
C TYR D 35 -34.81 -6.21 21.49
N LYS D 36 -35.58 -6.57 20.47
CA LYS D 36 -35.73 -7.95 20.06
C LYS D 36 -35.22 -8.08 18.64
N GLN D 37 -34.32 -9.02 18.40
CA GLN D 37 -33.72 -9.22 17.08
C GLN D 37 -34.05 -10.64 16.60
N LYS D 38 -35.00 -10.74 15.68
CA LYS D 38 -35.25 -11.99 14.99
C LYS D 38 -34.07 -12.26 14.07
N ALA D 39 -33.85 -13.53 13.77
CA ALA D 39 -32.69 -13.91 12.98
C ALA D 39 -32.75 -13.25 11.60
N LYS D 40 -31.60 -12.76 11.13
CA LYS D 40 -31.43 -12.11 9.84
C LYS D 40 -32.23 -10.83 9.72
N LYS D 41 -32.78 -10.33 10.83
CA LYS D 41 -33.61 -9.14 10.88
C LYS D 41 -32.93 -8.04 11.70
N PRO D 42 -33.29 -6.78 11.48
CA PRO D 42 -32.77 -5.72 12.36
C PRO D 42 -33.31 -5.89 13.78
N PRO D 43 -32.54 -5.54 14.79
CA PRO D 43 -33.11 -5.40 16.15
C PRO D 43 -34.23 -4.37 16.13
N GLU D 44 -35.26 -4.61 16.94
CA GLU D 44 -36.46 -3.80 16.97
C GLU D 44 -36.87 -3.47 18.40
N LEU D 45 -37.29 -2.24 18.63
CA LEU D 45 -37.54 -1.75 19.98
C LEU D 45 -38.76 -2.43 20.61
N MET D 46 -38.62 -2.83 21.88
CA MET D 46 -39.74 -3.25 22.73
C MET D 46 -40.09 -2.23 23.81
N PHE D 47 -39.16 -1.90 24.70
CA PHE D 47 -39.47 -1.14 25.89
C PHE D 47 -38.40 -0.08 26.11
N VAL D 48 -38.80 1.12 26.54
CA VAL D 48 -37.85 2.11 27.06
C VAL D 48 -38.22 2.40 28.50
N TYR D 49 -37.23 2.34 29.39
CA TYR D 49 -37.42 2.73 30.78
C TYR D 49 -36.63 4.01 31.07
N SER D 50 -37.33 5.04 31.56
CA SER D 50 -36.71 6.31 31.95
C SER D 50 -36.85 6.52 33.45
N TYR D 51 -35.73 6.54 34.15
CA TYR D 51 -35.75 6.69 35.60
C TYR D 51 -36.58 5.58 36.23
N GLU D 52 -36.45 4.36 35.69
CA GLU D 52 -37.11 3.16 36.21
C GLU D 52 -38.65 3.26 36.08
N LYS D 53 -39.13 4.09 35.18
CA LYS D 53 -40.55 4.21 34.86
C LYS D 53 -40.73 3.83 33.39
N LEU D 54 -41.63 2.89 33.11
CA LEU D 54 -41.89 2.54 31.71
C LEU D 54 -42.29 3.78 30.93
N SER D 55 -41.47 4.16 29.94
CA SER D 55 -41.72 5.27 29.04
C SER D 55 -42.37 4.86 27.73
N ILE D 56 -41.92 3.77 27.12
CA ILE D 56 -42.36 3.41 25.78
C ILE D 56 -42.65 1.92 25.75
N ASN D 57 -43.82 1.56 25.21
CA ASN D 57 -44.26 0.17 25.07
C ASN D 57 -44.67 0.00 23.61
N GLU D 58 -43.85 -0.67 22.81
CA GLU D 58 -44.11 -0.81 21.37
C GLU D 58 -45.12 -1.93 21.11
N SER D 59 -46.33 -1.80 21.69
CA SER D 59 -47.38 -2.80 21.45
C SER D 59 -46.91 -4.22 21.75
N VAL D 60 -45.99 -4.34 22.72
CA VAL D 60 -45.50 -5.64 23.15
C VAL D 60 -46.65 -6.38 23.84
N PRO D 61 -46.96 -7.62 23.46
CA PRO D 61 -48.04 -8.35 24.14
C PRO D 61 -47.67 -8.66 25.58
N SER D 62 -48.71 -8.84 26.40
CA SER D 62 -48.56 -8.86 27.86
C SER D 62 -47.84 -10.09 28.36
N ARG D 63 -47.69 -11.11 27.52
CA ARG D 63 -46.88 -12.27 27.89
C ARG D 63 -45.44 -11.88 28.19
N PHE D 64 -45.00 -10.72 27.68
CA PHE D 64 -43.73 -10.11 28.07
C PHE D 64 -44.03 -9.06 29.13
N SER D 65 -43.33 -9.14 30.25
CA SER D 65 -43.69 -8.36 31.44
C SER D 65 -42.45 -7.79 32.08
N PRO D 66 -42.01 -6.61 31.62
CA PRO D 66 -40.78 -6.00 32.15
C PRO D 66 -40.95 -5.44 33.55
N GLU D 67 -39.82 -5.25 34.22
CA GLU D 67 -39.80 -4.68 35.55
C GLU D 67 -38.44 -4.05 35.82
N CYS D 68 -38.42 -2.86 36.46
CA CYS D 68 -37.20 -2.15 36.82
C CYS D 68 -37.07 -2.13 38.34
N PRO D 69 -36.53 -3.18 38.95
CA PRO D 69 -36.48 -3.21 40.43
C PRO D 69 -35.58 -2.15 41.03
N ASN D 70 -34.52 -1.72 40.34
CA ASN D 70 -33.72 -0.58 40.78
C ASN D 70 -32.96 -0.03 39.56
N SER D 71 -32.21 1.06 39.78
CA SER D 71 -31.72 1.84 38.66
C SER D 71 -30.67 1.12 37.83
N SER D 72 -30.12 0.01 38.32
CA SER D 72 -29.10 -0.71 37.57
C SER D 72 -29.61 -2.02 36.97
N LEU D 73 -30.89 -2.34 37.18
CA LEU D 73 -31.48 -3.64 36.87
C LEU D 73 -32.72 -3.49 36.02
N LEU D 74 -32.75 -4.14 34.87
CA LEU D 74 -33.97 -4.23 34.09
C LEU D 74 -34.24 -5.70 33.84
N ASN D 75 -35.44 -6.16 34.21
CA ASN D 75 -35.82 -7.57 34.08
C ASN D 75 -36.92 -7.74 33.04
N LEU D 76 -36.98 -8.92 32.44
CA LEU D 76 -38.06 -9.26 31.51
C LEU D 76 -38.59 -10.63 31.91
N HIS D 77 -39.80 -10.66 32.46
CA HIS D 77 -40.45 -11.89 32.88
C HIS D 77 -41.26 -12.50 31.73
N LEU D 78 -40.95 -13.75 31.38
CA LEU D 78 -41.58 -14.48 30.28
C LEU D 78 -42.47 -15.61 30.78
N HIS D 79 -43.66 -15.70 30.18
CA HIS D 79 -44.49 -16.90 30.32
C HIS D 79 -45.37 -17.07 29.09
N ALA D 80 -45.85 -18.30 28.88
CA ALA D 80 -46.80 -18.61 27.81
C ALA D 80 -46.27 -18.16 26.44
N LEU D 81 -45.01 -18.51 26.17
CA LEU D 81 -44.29 -18.06 24.98
C LEU D 81 -44.68 -18.90 23.75
N GLN D 82 -44.33 -18.36 22.58
CA GLN D 82 -44.82 -18.77 21.28
C GLN D 82 -43.63 -18.93 20.36
N PRO D 83 -43.67 -19.85 19.40
CA PRO D 83 -42.48 -20.09 18.56
C PRO D 83 -41.95 -18.83 17.90
N GLU D 84 -42.85 -17.94 17.48
CA GLU D 84 -42.45 -16.68 16.87
C GLU D 84 -41.75 -15.72 17.84
N ASP D 85 -41.62 -16.08 19.12
CA ASP D 85 -40.89 -15.23 20.03
C ASP D 85 -39.41 -15.56 20.07
N SER D 86 -39.01 -16.69 19.45
CA SER D 86 -37.60 -17.00 19.24
C SER D 86 -36.90 -15.78 18.68
N ALA D 87 -35.85 -15.34 19.36
CA ALA D 87 -35.07 -14.18 18.92
C ALA D 87 -33.92 -13.99 19.91
N LEU D 88 -33.04 -13.05 19.57
CA LEU D 88 -32.04 -12.55 20.48
C LEU D 88 -32.63 -11.33 21.18
N TYR D 89 -32.77 -11.39 22.50
CA TYR D 89 -33.27 -10.27 23.25
C TYR D 89 -32.07 -9.45 23.73
N LEU D 90 -32.00 -8.20 23.27
CA LEU D 90 -30.86 -7.32 23.55
C LEU D 90 -31.29 -6.24 24.53
N CYS D 91 -30.53 -6.07 25.57
CA CYS D 91 -30.77 -5.03 26.55
C CYS D 91 -29.77 -3.93 26.27
N ALA D 92 -30.17 -2.68 26.48
CA ALA D 92 -29.19 -1.61 26.38
C ALA D 92 -29.47 -0.54 27.43
N SER D 93 -28.49 0.36 27.60
CA SER D 93 -28.60 1.45 28.55
C SER D 93 -27.85 2.64 27.97
N SER D 94 -28.28 3.84 28.37
CA SER D 94 -27.61 5.06 27.98
C SER D 94 -27.64 6.08 29.12
N HIS D 95 -26.86 7.13 28.97
CA HIS D 95 -26.98 8.25 29.88
C HIS D 95 -28.28 8.98 29.60
N LEU D 96 -28.89 9.52 30.65
CA LEU D 96 -30.08 10.35 30.49
C LEU D 96 -30.08 11.42 31.57
N GLY D 97 -30.07 12.68 31.17
CA GLY D 97 -30.07 13.78 32.14
C GLY D 97 -28.69 14.26 32.57
N ASP D 103 -22.53 8.29 30.07
CA ASP D 103 -21.57 7.83 29.07
C ASP D 103 -21.97 8.25 27.64
N GLY D 104 -20.97 8.39 26.76
CA GLY D 104 -21.22 8.87 25.42
C GLY D 104 -22.08 10.12 25.34
N THR D 105 -22.61 10.36 24.14
CA THR D 105 -23.61 11.41 23.86
C THR D 105 -25.03 10.84 24.00
N ASP D 106 -25.25 10.19 25.14
CA ASP D 106 -26.33 9.23 25.35
C ASP D 106 -26.24 8.09 24.33
N THR D 107 -25.00 7.69 24.02
CA THR D 107 -24.77 6.54 23.17
C THR D 107 -25.28 5.30 23.86
N GLN D 108 -26.08 4.48 23.16
CA GLN D 108 -26.66 3.31 23.79
C GLN D 108 -25.61 2.22 23.81
N TYR D 109 -25.51 1.51 24.94
CA TYR D 109 -24.54 0.44 25.11
C TYR D 109 -25.30 -0.84 25.36
N PHE D 110 -24.96 -1.89 24.62
CA PHE D 110 -25.76 -3.10 24.56
C PHE D 110 -25.14 -4.24 25.37
N GLY D 111 -25.99 -5.03 26.01
CA GLY D 111 -25.55 -6.27 26.58
C GLY D 111 -25.22 -7.29 25.50
N PRO D 112 -24.86 -8.51 25.92
CA PRO D 112 -24.62 -9.56 24.93
C PRO D 112 -25.87 -10.26 24.46
N GLY D 113 -26.98 -10.13 25.17
CA GLY D 113 -28.22 -10.70 24.71
C GLY D 113 -28.53 -12.06 25.29
N THR D 114 -29.81 -12.34 25.52
CA THR D 114 -30.29 -13.69 25.74
C THR D 114 -30.74 -14.26 24.38
N ARG D 115 -30.06 -15.32 23.92
CA ARG D 115 -30.55 -16.11 22.78
C ARG D 115 -31.68 -17.02 23.24
N LEU D 116 -32.89 -16.74 22.79
CA LEU D 116 -34.05 -17.49 23.25
C LEU D 116 -34.59 -18.37 22.12
N THR D 117 -34.88 -19.62 22.43
CA THR D 117 -35.57 -20.48 21.48
C THR D 117 -36.85 -20.98 22.12
N VAL D 118 -37.98 -20.69 21.49
CA VAL D 118 -39.29 -21.17 21.92
C VAL D 118 -39.73 -22.25 20.95
N LEU D 119 -40.16 -23.38 21.49
CA LEU D 119 -40.42 -24.59 20.70
C LEU D 119 -41.82 -25.10 21.00
N GLU D 120 -42.50 -25.61 19.96
CA GLU D 120 -43.77 -26.29 20.22
C GLU D 120 -43.53 -27.61 20.91
N ASP D 121 -42.58 -28.41 20.40
CA ASP D 121 -42.31 -29.73 20.96
C ASP D 121 -40.83 -29.90 21.23
N LEU D 122 -40.51 -30.28 22.46
CA LEU D 122 -39.14 -30.38 22.91
C LEU D 122 -38.39 -31.59 22.35
N LYS D 123 -39.09 -32.53 21.68
CA LYS D 123 -38.38 -33.64 21.02
C LYS D 123 -37.42 -33.15 19.95
N ASN D 124 -37.71 -31.99 19.35
CA ASN D 124 -36.77 -31.44 18.38
C ASN D 124 -35.45 -30.98 19.01
N VAL D 125 -35.35 -30.94 20.34
CA VAL D 125 -34.07 -30.60 20.99
C VAL D 125 -33.15 -31.81 20.91
N PHE D 126 -32.05 -31.67 20.16
CA PHE D 126 -31.06 -32.72 19.94
C PHE D 126 -29.68 -32.23 20.36
N PRO D 127 -28.96 -32.94 21.21
CA PRO D 127 -27.53 -32.60 21.45
C PRO D 127 -26.69 -32.87 20.22
N PRO D 128 -25.49 -32.33 20.14
CA PRO D 128 -24.65 -32.63 18.98
C PRO D 128 -23.88 -33.92 19.16
N GLU D 129 -23.33 -34.39 18.04
CA GLU D 129 -22.31 -35.43 18.03
C GLU D 129 -21.06 -34.84 17.43
N VAL D 130 -19.92 -35.15 18.05
CA VAL D 130 -18.65 -34.50 17.77
C VAL D 130 -17.64 -35.56 17.37
N ALA D 131 -16.93 -35.31 16.27
CA ALA D 131 -15.79 -36.12 15.86
C ALA D 131 -14.64 -35.23 15.44
N VAL D 132 -13.44 -35.52 15.95
CA VAL D 132 -12.23 -34.92 15.41
C VAL D 132 -11.75 -35.79 14.25
N PHE D 133 -11.38 -35.16 13.15
CA PHE D 133 -10.85 -35.85 11.99
C PHE D 133 -9.36 -35.54 11.91
N GLU D 134 -8.55 -36.59 11.80
CA GLU D 134 -7.11 -36.44 11.90
C GLU D 134 -6.55 -35.99 10.57
N PRO D 135 -5.38 -35.37 10.58
CA PRO D 135 -4.83 -34.78 9.35
C PRO D 135 -4.57 -35.80 8.24
N SER D 136 -4.64 -35.31 7.01
CA SER D 136 -4.33 -36.12 5.83
C SER D 136 -2.83 -36.35 5.73
N LYS D 137 -2.43 -37.62 5.57
CA LYS D 137 -1.01 -37.97 5.44
C LYS D 137 -0.32 -37.15 4.36
N ALA D 138 -1.00 -36.93 3.23
CA ALA D 138 -0.44 -36.14 2.13
C ALA D 138 -0.13 -34.71 2.58
N GLU D 139 -0.97 -34.13 3.45
CA GLU D 139 -0.79 -32.74 3.84
C GLU D 139 0.55 -32.54 4.52
N ILE D 140 0.86 -33.36 5.54
CA ILE D 140 1.99 -33.07 6.41
C ILE D 140 3.29 -33.06 5.60
N SER D 141 3.43 -33.97 4.64
CA SER D 141 4.65 -34.02 3.82
C SER D 141 4.82 -32.74 3.01
N ARG D 142 3.76 -32.35 2.28
CA ARG D 142 3.88 -31.22 1.37
C ARG D 142 3.90 -29.88 2.10
N THR D 143 3.07 -29.70 3.12
CA THR D 143 2.84 -28.38 3.70
C THR D 143 3.52 -28.15 5.05
N GLN D 144 4.24 -29.14 5.60
CA GLN D 144 4.91 -29.09 6.90
C GLN D 144 3.97 -28.79 8.05
N LYS D 145 2.65 -28.87 7.82
CA LYS D 145 1.65 -28.46 8.80
C LYS D 145 0.49 -29.44 8.70
N ALA D 146 -0.34 -29.47 9.74
CA ALA D 146 -1.42 -30.45 9.77
C ALA D 146 -2.70 -29.84 10.33
N THR D 147 -3.81 -30.10 9.62
CA THR D 147 -5.11 -29.49 9.89
C THR D 147 -6.02 -30.52 10.54
N LEU D 148 -6.44 -30.25 11.78
CA LEU D 148 -7.48 -31.06 12.40
C LEU D 148 -8.84 -30.46 12.06
N VAL D 149 -9.84 -31.31 11.97
CA VAL D 149 -11.17 -30.86 11.59
C VAL D 149 -12.18 -31.49 12.52
N CYS D 150 -13.02 -30.65 13.10
CA CYS D 150 -14.03 -31.07 14.05
C CYS D 150 -15.40 -30.86 13.44
N LEU D 151 -16.30 -31.79 13.71
CA LEU D 151 -17.63 -31.79 13.13
C LEU D 151 -18.64 -32.05 14.23
N ALA D 152 -19.46 -31.05 14.51
CA ALA D 152 -20.63 -31.21 15.35
C ALA D 152 -21.81 -31.39 14.42
N THR D 153 -22.65 -32.38 14.69
CA THR D 153 -23.73 -32.67 13.77
C THR D 153 -24.97 -33.08 14.53
N GLY D 154 -26.11 -32.93 13.87
CA GLY D 154 -27.37 -33.38 14.43
C GLY D 154 -27.94 -32.53 15.52
N PHE D 155 -27.48 -31.29 15.69
CA PHE D 155 -27.92 -30.51 16.85
C PHE D 155 -28.98 -29.47 16.49
N TYR D 156 -29.85 -29.22 17.47
CA TYR D 156 -30.91 -28.23 17.48
C TYR D 156 -31.36 -28.04 18.92
N PRO D 157 -31.50 -26.78 19.43
CA PRO D 157 -31.37 -25.50 18.73
C PRO D 157 -29.92 -25.07 18.51
N PRO D 158 -29.68 -24.23 17.51
CA PRO D 158 -28.31 -23.88 17.12
C PRO D 158 -27.65 -22.86 18.04
N HIS D 159 -26.55 -22.28 17.55
CA HIS D 159 -25.73 -21.35 18.33
C HIS D 159 -25.11 -22.09 19.52
N VAL D 160 -24.28 -23.06 19.18
CA VAL D 160 -23.45 -23.75 20.15
C VAL D 160 -22.08 -23.09 20.16
N GLU D 161 -21.28 -23.42 21.14
CA GLU D 161 -19.96 -22.80 21.25
C GLU D 161 -18.93 -23.92 21.14
N LEU D 162 -18.34 -24.02 19.96
CA LEU D 162 -17.28 -24.96 19.66
C LEU D 162 -15.96 -24.35 20.07
N SER D 163 -15.06 -25.18 20.62
CA SER D 163 -13.81 -24.64 21.15
C SER D 163 -12.74 -25.73 21.17
N TRP D 164 -11.49 -25.33 20.91
CA TRP D 164 -10.34 -26.24 20.82
C TRP D 164 -9.47 -26.17 22.07
N TRP D 165 -9.18 -27.34 22.66
CA TRP D 165 -8.27 -27.45 23.78
C TRP D 165 -7.13 -28.40 23.42
N VAL D 166 -5.90 -27.95 23.65
CA VAL D 166 -4.70 -28.72 23.36
C VAL D 166 -3.89 -28.84 24.64
N ASN D 167 -3.67 -30.08 25.09
CA ASN D 167 -2.94 -30.38 26.32
C ASN D 167 -3.54 -29.64 27.50
N GLY D 168 -4.86 -29.74 27.63
CA GLY D 168 -5.58 -29.14 28.72
C GLY D 168 -5.87 -27.66 28.59
N LYS D 169 -5.12 -26.93 27.77
CA LYS D 169 -5.27 -25.48 27.66
C LYS D 169 -6.06 -25.10 26.42
N GLU D 170 -7.03 -24.19 26.58
CA GLU D 170 -7.83 -23.75 25.45
C GLU D 170 -7.01 -22.89 24.50
N VAL D 171 -7.19 -23.10 23.20
CA VAL D 171 -6.38 -22.42 22.20
C VAL D 171 -7.30 -21.65 21.27
N HIS D 172 -6.79 -20.54 20.75
CA HIS D 172 -7.46 -19.72 19.76
C HIS D 172 -6.65 -19.57 18.49
N ASP D 173 -5.32 -19.57 18.61
CA ASP D 173 -4.46 -19.42 17.45
C ASP D 173 -4.53 -20.63 16.54
N GLY D 174 -4.50 -20.38 15.23
CA GLY D 174 -4.66 -21.41 14.23
C GLY D 174 -6.03 -22.07 14.19
N VAL D 175 -7.05 -21.46 14.81
CA VAL D 175 -8.42 -21.96 14.78
C VAL D 175 -9.23 -21.11 13.81
N CYS D 176 -10.11 -21.77 13.08
CA CYS D 176 -11.11 -21.09 12.27
C CYS D 176 -12.37 -21.90 12.38
N THR D 177 -13.39 -21.34 13.01
CA THR D 177 -14.66 -22.02 13.14
C THR D 177 -15.66 -21.34 12.20
N ASP D 178 -16.55 -22.14 11.60
CA ASP D 178 -17.51 -21.64 10.63
C ASP D 178 -18.33 -20.52 11.26
N PRO D 179 -18.40 -19.34 10.64
CA PRO D 179 -19.25 -18.27 11.18
C PRO D 179 -20.65 -18.70 11.57
N GLN D 180 -21.35 -19.46 10.70
CA GLN D 180 -22.72 -19.88 10.97
C GLN D 180 -22.89 -21.36 10.64
N PRO D 181 -23.83 -22.04 11.29
CA PRO D 181 -23.99 -23.48 11.07
C PRO D 181 -24.65 -23.76 9.72
N LEU D 182 -24.66 -25.04 9.36
CA LEU D 182 -25.34 -25.55 8.17
C LEU D 182 -26.65 -26.21 8.57
N LYS D 183 -27.66 -26.08 7.71
CA LYS D 183 -28.92 -26.79 7.86
C LYS D 183 -28.77 -28.14 7.19
N GLU D 184 -28.97 -29.22 7.96
CA GLU D 184 -28.71 -30.55 7.42
C GLU D 184 -29.70 -30.90 6.33
N GLN D 185 -30.97 -30.59 6.55
CA GLN D 185 -32.05 -30.78 5.56
C GLN D 185 -32.64 -29.40 5.31
N PRO D 186 -32.13 -28.68 4.33
CA PRO D 186 -32.37 -27.22 4.27
C PRO D 186 -33.74 -26.80 3.74
N ALA D 187 -34.71 -27.70 3.69
CA ALA D 187 -36.07 -27.36 3.28
C ALA D 187 -37.05 -27.61 4.42
N LEU D 188 -36.61 -27.36 5.65
CA LEU D 188 -37.41 -27.57 6.85
C LEU D 188 -37.11 -26.43 7.83
N ASN D 189 -38.07 -26.16 8.71
CA ASN D 189 -37.88 -25.19 9.78
C ASN D 189 -37.51 -25.83 11.11
N ASP D 190 -37.73 -27.13 11.24
CA ASP D 190 -37.26 -27.92 12.38
C ASP D 190 -36.03 -28.75 12.04
N SER D 191 -35.38 -28.46 10.91
CA SER D 191 -34.17 -29.14 10.49
C SER D 191 -33.12 -29.08 11.59
N ARG D 192 -32.16 -30.01 11.57
CA ARG D 192 -31.07 -30.02 12.53
C ARG D 192 -29.81 -29.39 11.93
N TYR D 193 -28.88 -29.00 12.80
CA TYR D 193 -27.74 -28.21 12.36
C TYR D 193 -26.42 -28.98 12.49
N ALA D 194 -25.41 -28.50 11.75
CA ALA D 194 -24.04 -29.03 11.75
C ALA D 194 -23.04 -27.89 11.67
N LEU D 195 -21.89 -28.06 12.33
CA LEU D 195 -20.92 -26.97 12.37
C LEU D 195 -19.51 -27.56 12.42
N SER D 196 -18.60 -26.91 11.71
CA SER D 196 -17.26 -27.43 11.50
C SER D 196 -16.21 -26.40 11.89
N SER D 197 -15.03 -26.89 12.27
CA SER D 197 -13.93 -26.02 12.67
C SER D 197 -12.62 -26.68 12.25
N ARG D 198 -11.60 -25.86 12.04
CA ARG D 198 -10.26 -26.31 11.65
C ARG D 198 -9.27 -25.87 12.72
N LEU D 199 -8.40 -26.79 13.14
CA LEU D 199 -7.26 -26.48 13.99
C LEU D 199 -6.00 -26.88 13.24
N ARG D 200 -5.07 -25.95 13.12
CA ARG D 200 -3.87 -26.18 12.32
C ARG D 200 -2.64 -25.96 13.18
N VAL D 201 -1.71 -26.92 13.12
CA VAL D 201 -0.46 -26.86 13.86
C VAL D 201 0.65 -27.41 12.95
N SER D 202 1.90 -27.18 13.36
CA SER D 202 3.04 -27.64 12.58
C SER D 202 3.12 -29.17 12.59
N ALA D 203 3.77 -29.71 11.55
CA ALA D 203 3.98 -31.16 11.45
C ALA D 203 4.61 -31.73 12.71
N THR D 204 5.69 -31.10 13.19
CA THR D 204 6.34 -31.49 14.43
C THR D 204 5.31 -31.78 15.52
N PHE D 205 4.48 -30.78 15.83
CA PHE D 205 3.64 -30.83 17.02
C PHE D 205 2.62 -31.95 16.94
N TRP D 206 2.04 -32.18 15.77
CA TRP D 206 1.04 -33.23 15.63
C TRP D 206 1.67 -34.60 15.71
N GLN D 207 2.94 -34.73 15.30
CA GLN D 207 3.58 -36.03 15.28
C GLN D 207 3.91 -36.53 16.69
N ASP D 208 4.19 -35.62 17.62
CA ASP D 208 4.42 -36.02 19.02
C ASP D 208 3.17 -36.73 19.56
N PRO D 209 3.28 -37.98 20.02
CA PRO D 209 2.10 -38.70 20.48
C PRO D 209 1.71 -38.41 21.92
N ARG D 210 2.38 -37.44 22.55
CA ARG D 210 2.06 -37.01 23.90
C ARG D 210 1.31 -35.69 23.91
N ASN D 211 0.79 -35.26 22.75
CA ASN D 211 -0.02 -34.06 22.62
C ASN D 211 -1.49 -34.46 22.47
N HIS D 212 -2.34 -33.82 23.28
CA HIS D 212 -3.75 -34.14 23.44
C HIS D 212 -4.59 -33.02 22.82
N PHE D 213 -5.36 -33.34 21.76
CA PHE D 213 -6.21 -32.38 21.06
C PHE D 213 -7.67 -32.68 21.35
N ARG D 214 -8.39 -31.72 21.93
CA ARG D 214 -9.82 -31.90 22.23
C ARG D 214 -10.67 -30.85 21.53
N CYS D 215 -11.71 -31.30 20.84
CA CYS D 215 -12.70 -30.42 20.24
C CYS D 215 -13.93 -30.41 21.14
N GLN D 216 -14.24 -29.25 21.71
CA GLN D 216 -15.31 -29.16 22.69
C GLN D 216 -16.47 -28.37 22.12
N VAL D 217 -17.68 -28.88 22.33
CA VAL D 217 -18.89 -28.20 21.90
C VAL D 217 -19.77 -28.04 23.11
N GLN D 218 -20.14 -26.81 23.40
CA GLN D 218 -21.07 -26.51 24.47
C GLN D 218 -22.46 -26.40 23.87
N PHE D 219 -23.38 -27.19 24.38
CA PHE D 219 -24.73 -27.21 23.86
C PHE D 219 -25.70 -26.66 24.90
N TYR D 220 -26.71 -25.95 24.40
CA TYR D 220 -27.73 -25.28 25.23
C TYR D 220 -29.07 -25.91 24.92
N GLY D 221 -29.77 -26.35 25.98
CA GLY D 221 -30.96 -27.13 25.78
C GLY D 221 -31.96 -27.07 26.91
N LEU D 222 -32.45 -28.24 27.31
CA LEU D 222 -33.42 -28.35 28.38
C LEU D 222 -32.76 -28.26 29.75
N SER D 223 -33.55 -27.89 30.74
CA SER D 223 -33.11 -27.76 32.11
C SER D 223 -33.71 -28.88 32.94
N GLU D 224 -33.52 -28.80 34.26
CA GLU D 224 -34.17 -29.73 35.17
C GLU D 224 -35.69 -29.77 34.96
N ASN D 225 -36.34 -28.60 35.01
CA ASN D 225 -37.81 -28.56 35.06
C ASN D 225 -38.44 -29.18 33.81
N ASP D 226 -37.82 -28.97 32.64
CA ASP D 226 -38.35 -29.54 31.41
C ASP D 226 -38.53 -31.05 31.54
N GLU D 227 -39.77 -31.51 31.43
CA GLU D 227 -40.10 -32.91 31.58
C GLU D 227 -39.76 -33.68 30.31
N TRP D 228 -39.04 -34.79 30.47
CA TRP D 228 -38.72 -35.69 29.37
C TRP D 228 -39.52 -36.98 29.49
N THR D 229 -40.17 -37.38 28.39
CA THR D 229 -40.93 -38.61 28.35
C THR D 229 -40.42 -39.60 27.30
N GLN D 230 -39.45 -39.22 26.48
CA GLN D 230 -38.97 -40.03 25.37
C GLN D 230 -38.00 -41.11 25.84
N ASP D 231 -37.59 -41.96 24.89
CA ASP D 231 -36.66 -43.05 25.15
C ASP D 231 -35.19 -42.63 25.08
N ARG D 232 -34.89 -41.50 24.46
CA ARG D 232 -33.54 -40.95 24.51
C ARG D 232 -33.33 -40.22 25.84
N ALA D 233 -32.09 -39.78 26.07
CA ALA D 233 -31.81 -38.99 27.27
C ALA D 233 -32.37 -37.58 27.13
N LYS D 234 -32.55 -36.92 28.26
CA LYS D 234 -33.08 -35.56 28.24
C LYS D 234 -32.03 -34.67 27.60
N PRO D 235 -32.34 -33.99 26.48
CA PRO D 235 -31.31 -33.20 25.78
C PRO D 235 -30.95 -31.98 26.59
N VAL D 236 -30.28 -32.23 27.70
CA VAL D 236 -29.95 -31.19 28.66
C VAL D 236 -28.81 -30.33 28.12
N THR D 237 -28.71 -29.10 28.63
CA THR D 237 -27.52 -28.29 28.43
C THR D 237 -26.31 -29.09 28.87
N GLN D 238 -25.29 -29.14 28.01
CA GLN D 238 -24.23 -30.12 28.22
C GLN D 238 -23.07 -29.83 27.30
N ILE D 239 -21.91 -30.37 27.64
CA ILE D 239 -20.72 -30.32 26.80
C ILE D 239 -20.56 -31.69 26.15
N VAL D 240 -20.27 -31.71 24.84
CA VAL D 240 -19.93 -32.95 24.16
C VAL D 240 -18.61 -32.73 23.42
N SER D 241 -17.59 -33.50 23.76
CA SER D 241 -16.25 -33.39 23.19
C SER D 241 -15.92 -34.60 22.33
N ALA D 242 -14.90 -34.43 21.51
CA ALA D 242 -14.27 -35.51 20.77
C ALA D 242 -12.79 -35.18 20.71
N GLU D 243 -11.94 -36.20 20.77
CA GLU D 243 -10.51 -35.97 20.94
C GLU D 243 -9.69 -36.84 20.01
N ALA D 244 -8.41 -36.48 19.94
CA ALA D 244 -7.41 -37.30 19.27
C ALA D 244 -6.07 -37.05 19.94
N TRP D 245 -5.19 -38.05 19.92
CA TRP D 245 -3.82 -37.90 20.40
C TRP D 245 -2.87 -37.88 19.19
N GLY D 246 -1.77 -37.17 19.33
CA GLY D 246 -0.78 -37.14 18.27
C GLY D 246 -0.26 -38.52 17.92
N ARG D 247 0.07 -38.71 16.64
CA ARG D 247 0.59 -39.98 16.14
C ARG D 247 1.94 -39.77 15.47
N ALA D 248 2.90 -40.66 15.75
CA ALA D 248 4.20 -40.61 15.08
C ALA D 248 4.06 -40.80 13.57
N ASP D 249 3.05 -41.56 13.13
CA ASP D 249 2.73 -41.70 11.72
C ASP D 249 1.29 -42.10 11.53
N ALA E 1 49.92 8.92 4.12
CA ALA E 1 51.36 8.70 4.33
C ALA E 1 51.68 7.70 5.44
N GLN E 2 50.72 7.38 6.32
CA GLN E 2 50.99 6.44 7.41
C GLN E 2 50.15 5.19 7.25
N LYS E 3 50.81 4.03 7.24
CA LYS E 3 50.08 2.77 7.06
C LYS E 3 50.66 1.72 7.99
N ILE E 4 49.76 1.02 8.71
CA ILE E 4 50.13 -0.05 9.65
C ILE E 4 49.57 -1.35 9.09
N THR E 5 50.35 -2.42 9.16
CA THR E 5 49.86 -3.71 8.70
C THR E 5 50.17 -4.77 9.75
N GLN E 6 49.13 -5.47 10.20
CA GLN E 6 49.24 -6.49 11.24
C GLN E 6 49.01 -7.86 10.61
N THR E 7 50.11 -8.60 10.39
CA THR E 7 50.13 -9.76 9.51
C THR E 7 49.34 -10.95 10.06
N GLN E 8 49.26 -11.09 11.37
CA GLN E 8 48.50 -12.22 11.93
C GLN E 8 47.09 -11.78 12.34
N PRO E 9 46.04 -12.52 11.97
CA PRO E 9 44.69 -12.13 12.42
C PRO E 9 44.29 -12.73 13.76
N GLY E 10 44.88 -13.89 14.11
CA GLY E 10 44.58 -14.54 15.38
C GLY E 10 45.62 -15.50 15.86
N MET E 11 46.09 -15.30 17.10
CA MET E 11 47.22 -16.04 17.65
C MET E 11 46.78 -16.79 18.90
N PHE E 12 47.37 -17.97 19.10
CA PHE E 12 47.02 -18.86 20.22
C PHE E 12 48.27 -19.23 21.01
N VAL E 13 48.17 -19.13 22.33
CA VAL E 13 49.30 -19.39 23.21
C VAL E 13 48.83 -20.14 24.45
N GLN E 14 49.63 -21.11 24.90
CA GLN E 14 49.35 -21.76 26.17
C GLN E 14 49.72 -20.83 27.31
N GLU E 15 48.88 -20.83 28.34
CA GLU E 15 49.02 -19.88 29.45
C GLU E 15 50.42 -19.95 30.07
N LYS E 16 50.82 -18.84 30.71
CA LYS E 16 52.16 -18.61 31.28
C LYS E 16 53.27 -18.95 30.27
N GLU E 17 53.06 -18.58 29.01
CA GLU E 17 54.09 -18.66 27.97
C GLU E 17 54.28 -17.30 27.28
N ALA E 18 55.05 -17.26 26.20
CA ALA E 18 55.35 -16.03 25.48
C ALA E 18 54.73 -16.07 24.11
N VAL E 19 54.25 -14.92 23.66
CA VAL E 19 53.72 -14.75 22.31
C VAL E 19 54.27 -13.44 21.76
N THR E 20 54.57 -13.42 20.47
CA THR E 20 54.94 -12.20 19.76
C THR E 20 53.85 -11.89 18.73
N LEU E 21 53.36 -10.66 18.77
CA LEU E 21 52.42 -10.17 17.77
C LEU E 21 53.16 -9.26 16.79
N ASP E 22 52.96 -9.53 15.51
CA ASP E 22 53.69 -8.82 14.47
C ASP E 22 53.02 -7.47 14.15
N CYS E 23 53.85 -6.53 13.69
CA CYS E 23 53.38 -5.27 13.13
C CYS E 23 54.47 -4.70 12.23
N THR E 24 54.10 -4.34 10.99
CA THR E 24 54.98 -3.51 10.17
C THR E 24 54.26 -2.25 9.72
N TYR E 25 55.05 -1.22 9.44
CA TYR E 25 54.52 0.11 9.24
C TYR E 25 55.29 0.81 8.13
N ASP E 26 54.62 1.80 7.54
CA ASP E 26 55.18 2.62 6.48
C ASP E 26 54.80 4.08 6.76
N THR E 27 55.78 4.97 6.69
CA THR E 27 55.62 6.37 7.07
C THR E 27 56.53 7.22 6.21
N SER E 28 56.09 8.44 5.94
CA SER E 28 56.91 9.42 5.23
C SER E 28 57.62 10.37 6.18
N ASP E 29 57.02 10.66 7.34
CA ASP E 29 57.73 11.49 8.31
C ASP E 29 58.79 10.64 8.98
N GLN E 30 59.96 11.25 9.22
CA GLN E 30 61.06 10.55 9.87
C GLN E 30 60.91 10.56 11.39
N SER E 31 60.03 11.39 11.93
CA SER E 31 59.81 11.53 13.35
C SER E 31 58.42 10.97 13.65
N TYR E 32 58.36 9.85 14.38
CA TYR E 32 57.08 9.21 14.60
C TYR E 32 57.11 8.40 15.88
N GLY E 33 55.94 7.95 16.29
CA GLY E 33 55.82 7.11 17.47
C GLY E 33 54.91 5.93 17.22
N LEU E 34 55.34 4.76 17.69
CA LEU E 34 54.57 3.52 17.59
C LEU E 34 53.91 3.18 18.92
N PHE E 35 52.69 2.66 18.82
CA PHE E 35 51.85 2.35 19.97
C PHE E 35 51.30 0.94 19.85
N TRP E 36 51.03 0.32 21.00
CA TRP E 36 50.21 -0.90 21.01
C TRP E 36 49.09 -0.69 22.00
N TYR E 37 47.85 -0.88 21.57
CA TYR E 37 46.71 -0.87 22.45
C TYR E 37 46.05 -2.25 22.44
N LYS E 38 45.41 -2.60 23.55
CA LYS E 38 44.68 -3.85 23.62
C LYS E 38 43.22 -3.52 23.88
N GLN E 39 42.33 -4.32 23.29
CA GLN E 39 40.90 -4.09 23.45
C GLN E 39 40.17 -5.38 23.85
N PRO E 40 39.81 -5.52 25.11
CA PRO E 40 38.97 -6.67 25.53
C PRO E 40 37.61 -6.61 24.87
N SER E 41 36.85 -7.70 25.04
CA SER E 41 35.49 -7.73 24.49
C SER E 41 34.57 -6.69 25.14
N SER E 42 34.94 -6.11 26.28
CA SER E 42 34.14 -5.03 26.83
C SER E 42 34.08 -3.85 25.87
N GLY E 43 35.18 -3.56 25.17
CA GLY E 43 35.23 -2.49 24.19
C GLY E 43 36.22 -1.38 24.50
N GLU E 44 36.69 -1.28 25.75
CA GLU E 44 37.65 -0.27 26.12
C GLU E 44 38.98 -0.50 25.42
N MET E 45 39.74 0.58 25.27
CA MET E 45 40.97 0.59 24.48
C MET E 45 42.10 1.00 25.45
N ILE E 46 42.80 0.00 26.00
CA ILE E 46 43.80 0.18 27.04
C ILE E 46 45.17 0.37 26.40
N PHE E 47 45.85 1.48 26.73
CA PHE E 47 47.22 1.68 26.26
C PHE E 47 48.15 0.66 26.91
N LEU E 48 49.14 0.20 26.15
CA LEU E 48 50.09 -0.82 26.59
C LEU E 48 51.52 -0.33 26.62
N ILE E 49 52.02 0.25 25.52
CA ILE E 49 53.45 0.50 25.39
C ILE E 49 53.65 1.49 24.24
N TYR E 50 54.73 2.28 24.34
CA TYR E 50 55.11 3.28 23.34
C TYR E 50 56.61 3.21 23.04
N GLN E 51 56.95 3.46 21.78
CA GLN E 51 58.34 3.50 21.34
C GLN E 51 58.49 4.67 20.38
N GLY E 52 59.34 5.63 20.75
CA GLY E 52 59.60 6.75 19.87
C GLY E 52 60.64 6.42 18.81
N SER E 53 60.49 7.06 17.66
CA SER E 53 61.27 6.75 16.47
C SER E 53 62.78 6.87 16.70
N TYR E 54 63.20 7.74 17.62
CA TYR E 54 64.62 7.97 17.90
C TYR E 54 64.99 7.44 19.29
N ASP E 55 64.48 6.25 19.64
CA ASP E 55 64.65 5.73 20.99
C ASP E 55 65.98 5.00 21.16
N GLU E 56 66.40 4.22 20.16
CA GLU E 56 67.70 3.53 20.11
C GLU E 56 67.86 2.45 21.18
N GLN E 57 66.80 2.16 21.94
CA GLN E 57 66.71 0.90 22.67
C GLN E 57 65.24 0.51 22.79
N ASN E 58 65.01 -0.79 22.82
CA ASN E 58 63.64 -1.31 22.86
C ASN E 58 62.96 -0.97 24.18
N ALA E 59 61.69 -0.61 24.09
CA ALA E 59 60.92 -0.20 25.26
C ALA E 59 60.35 -1.42 25.97
N THR E 60 60.21 -1.29 27.28
CA THR E 60 59.60 -2.30 28.13
C THR E 60 58.67 -1.62 29.13
N GLU E 61 57.50 -2.23 29.37
CA GLU E 61 56.63 -1.73 30.44
C GLU E 61 55.84 -2.93 30.97
N GLY E 62 56.37 -3.53 32.05
CA GLY E 62 55.76 -4.73 32.62
C GLY E 62 56.17 -5.96 31.86
N ARG E 63 55.20 -6.82 31.57
CA ARG E 63 55.44 -7.99 30.74
C ARG E 63 55.38 -7.66 29.25
N TYR E 64 55.15 -6.40 28.90
CA TYR E 64 55.15 -5.97 27.52
C TYR E 64 56.51 -5.38 27.19
N SER E 65 57.15 -5.94 26.18
CA SER E 65 58.25 -5.27 25.51
C SER E 65 57.95 -5.30 24.02
N LEU E 66 58.47 -4.33 23.28
CA LEU E 66 58.27 -4.34 21.83
C LEU E 66 59.61 -4.23 21.12
N ASN E 67 59.72 -4.98 20.01
CA ASN E 67 60.95 -5.13 19.26
C ASN E 67 60.98 -4.09 18.15
N PHE E 68 61.62 -2.95 18.41
CA PHE E 68 61.64 -1.86 17.46
C PHE E 68 62.91 -1.91 16.62
N GLN E 69 62.77 -2.35 15.37
CA GLN E 69 63.89 -2.38 14.43
C GLN E 69 63.59 -1.35 13.34
N LYS E 70 64.29 -0.21 13.40
CA LYS E 70 63.98 0.88 12.50
C LYS E 70 64.16 0.49 11.04
N ALA E 71 65.28 -0.17 10.73
CA ALA E 71 65.61 -0.44 9.32
C ALA E 71 64.68 -1.45 8.69
N ARG E 72 63.99 -2.27 9.48
CA ARG E 72 63.03 -3.21 8.93
C ARG E 72 61.59 -2.70 9.03
N LYS E 73 61.38 -1.52 9.61
CA LYS E 73 60.03 -0.94 9.76
C LYS E 73 59.08 -1.94 10.41
N SER E 74 59.58 -2.66 11.41
CA SER E 74 58.76 -3.60 12.16
C SER E 74 58.85 -3.21 13.62
N ALA E 75 57.68 -3.24 14.31
CA ALA E 75 57.60 -3.03 15.76
C ALA E 75 56.66 -4.10 16.33
N ASN E 76 57.22 -5.27 16.60
CA ASN E 76 56.47 -6.40 17.10
C ASN E 76 56.30 -6.27 18.61
N LEU E 77 55.13 -6.69 19.11
CA LEU E 77 54.81 -6.67 20.52
C LEU E 77 55.07 -8.06 21.09
N VAL E 78 55.77 -8.12 22.22
CA VAL E 78 56.13 -9.36 22.89
C VAL E 78 55.48 -9.40 24.26
N ILE E 79 54.61 -10.38 24.49
CA ILE E 79 53.95 -10.62 25.77
C ILE E 79 54.49 -11.90 26.36
N SER E 80 54.97 -11.81 27.60
CA SER E 80 55.56 -12.94 28.32
C SER E 80 54.71 -13.26 29.53
N ALA E 81 54.80 -14.52 29.99
CA ALA E 81 54.00 -15.03 31.11
C ALA E 81 52.51 -14.79 30.86
N SER E 82 52.04 -15.18 29.67
CA SER E 82 50.68 -14.87 29.27
C SER E 82 49.67 -15.37 30.30
N GLN E 83 48.77 -14.48 30.68
CA GLN E 83 47.65 -14.82 31.56
C GLN E 83 46.40 -15.02 30.72
N LEU E 84 45.38 -15.61 31.31
CA LEU E 84 44.14 -15.78 30.57
C LEU E 84 43.42 -14.46 30.38
N GLY E 85 43.77 -13.44 31.18
CA GLY E 85 43.24 -12.12 30.97
C GLY E 85 43.85 -11.35 29.80
N ASP E 86 44.96 -11.83 29.25
CA ASP E 86 45.57 -11.22 28.08
C ASP E 86 44.79 -11.48 26.81
N SER E 87 43.84 -12.41 26.81
CA SER E 87 43.03 -12.64 25.63
C SER E 87 42.27 -11.37 25.31
N ALA E 88 42.48 -10.86 24.09
CA ALA E 88 41.92 -9.59 23.64
C ALA E 88 42.29 -9.32 22.19
N MET E 89 41.81 -8.21 21.64
CA MET E 89 42.20 -7.78 20.31
C MET E 89 43.33 -6.77 20.51
N TYR E 90 44.47 -7.00 19.83
CA TYR E 90 45.67 -6.19 19.98
C TYR E 90 45.90 -5.35 18.73
N PHE E 91 45.96 -4.03 18.91
CA PHE E 91 46.09 -3.07 17.81
C PHE E 91 47.48 -2.42 17.87
N CYS E 92 48.22 -2.51 16.76
CA CYS E 92 49.43 -1.73 16.50
C CYS E 92 49.04 -0.38 15.92
N ALA E 93 49.59 0.71 16.46
CA ALA E 93 49.16 2.03 16.03
C ALA E 93 50.34 2.98 15.92
N MET E 94 50.07 4.12 15.29
CA MET E 94 51.15 4.98 14.84
C MET E 94 50.68 6.43 14.73
N ARG E 95 51.62 7.35 14.96
CA ARG E 95 51.36 8.79 14.88
C ARG E 95 52.62 9.51 14.40
N ARG E 96 52.44 10.67 13.78
CA ARG E 96 53.54 11.60 13.58
C ARG E 96 53.79 12.36 14.88
N ASN E 97 55.00 12.89 15.03
CA ASN E 97 55.28 13.69 16.21
C ASN E 97 55.03 15.19 15.99
N THR E 98 54.98 15.63 14.74
CA THR E 98 54.77 17.03 14.37
C THR E 98 53.36 17.18 13.81
N GLY E 99 52.46 17.71 14.61
CA GLY E 99 51.13 18.05 14.13
C GLY E 99 50.11 17.80 15.21
N ARG E 100 48.91 17.36 14.83
CA ARG E 100 47.87 17.07 15.80
C ARG E 100 48.05 15.71 16.46
N ARG E 101 49.00 14.90 15.99
CA ARG E 101 49.33 13.62 16.64
C ARG E 101 48.13 12.67 16.67
N ALA E 102 47.46 12.54 15.54
CA ALA E 102 46.37 11.59 15.39
C ALA E 102 46.89 10.18 15.17
N LEU E 103 46.25 9.20 15.81
CA LEU E 103 46.66 7.81 15.70
C LEU E 103 46.05 7.16 14.48
N THR E 104 46.85 6.36 13.81
CA THR E 104 46.38 5.47 12.76
C THR E 104 46.51 4.04 13.26
N PHE E 105 45.40 3.32 13.29
CA PHE E 105 45.34 1.97 13.83
C PHE E 105 45.47 0.92 12.72
N GLY E 106 46.29 -0.10 12.95
CA GLY E 106 46.31 -1.25 12.07
C GLY E 106 45.06 -2.11 12.26
N SER E 107 45.02 -3.22 11.51
CA SER E 107 43.82 -4.07 11.50
C SER E 107 43.62 -4.82 12.82
N GLY E 108 44.68 -5.12 13.55
CA GLY E 108 44.42 -5.81 14.80
C GLY E 108 44.56 -7.33 14.69
N THR E 109 45.02 -7.94 15.79
CA THR E 109 45.22 -9.37 15.91
C THR E 109 44.46 -9.86 17.14
N ARG E 110 43.55 -10.81 16.95
CA ARG E 110 42.88 -11.45 18.08
C ARG E 110 43.84 -12.43 18.75
N LEU E 111 43.94 -12.37 20.07
CA LEU E 111 44.80 -13.30 20.79
C LEU E 111 43.99 -14.13 21.77
N GLN E 112 44.14 -15.45 21.68
CA GLN E 112 43.49 -16.40 22.57
C GLN E 112 44.53 -17.10 23.43
N VAL E 113 44.45 -16.90 24.74
CA VAL E 113 45.29 -17.62 25.70
C VAL E 113 44.52 -18.86 26.16
N GLN E 114 45.10 -20.04 25.92
CA GLN E 114 44.49 -21.32 26.25
C GLN E 114 45.12 -21.93 27.50
N PRO E 115 44.30 -22.46 28.40
CA PRO E 115 44.82 -23.02 29.65
C PRO E 115 45.49 -24.37 29.44
N ASN E 116 46.31 -24.75 30.42
CA ASN E 116 46.99 -26.06 30.45
C ASN E 116 46.11 -27.08 31.16
N ILE E 117 45.39 -27.90 30.39
CA ILE E 117 44.35 -28.73 30.98
C ILE E 117 45.01 -29.86 31.75
N GLN E 118 44.70 -29.96 33.04
CA GLN E 118 45.46 -30.84 33.91
C GLN E 118 45.14 -32.31 33.63
N ASN E 119 43.90 -32.71 33.82
CA ASN E 119 43.50 -34.11 33.69
C ASN E 119 42.25 -34.16 32.82
N PRO E 120 42.43 -34.14 31.49
CA PRO E 120 41.27 -34.07 30.59
C PRO E 120 40.32 -35.24 30.80
N ASP E 121 39.07 -34.92 31.06
CA ASP E 121 37.97 -35.88 31.04
C ASP E 121 36.98 -35.44 29.96
N PRO E 122 37.40 -35.47 28.69
CA PRO E 122 36.53 -34.93 27.62
C PRO E 122 35.24 -35.73 27.58
N ALA E 123 34.12 -35.02 27.47
CA ALA E 123 32.83 -35.71 27.51
C ALA E 123 31.71 -34.74 27.20
N VAL E 124 30.71 -35.22 26.46
CA VAL E 124 29.59 -34.42 25.97
C VAL E 124 28.33 -34.79 26.77
N TYR E 125 27.58 -33.78 27.18
CA TYR E 125 26.49 -33.98 28.13
C TYR E 125 25.19 -33.38 27.59
N GLN E 126 24.08 -34.02 27.93
CA GLN E 126 22.76 -33.63 27.44
C GLN E 126 22.03 -32.83 28.51
N LEU E 127 21.73 -31.57 28.22
CA LEU E 127 21.13 -30.62 29.16
C LEU E 127 19.80 -30.16 28.57
N ARG E 128 18.74 -30.15 29.39
CA ARG E 128 17.41 -29.80 28.94
C ARG E 128 16.87 -28.62 29.74
N ASP E 129 15.98 -27.85 29.09
CA ASP E 129 15.40 -26.63 29.67
C ASP E 129 14.77 -26.91 31.03
N SER E 130 14.84 -25.89 31.90
CA SER E 130 14.15 -25.88 33.18
C SER E 130 12.64 -26.06 33.06
N LYS E 131 12.08 -25.99 31.85
CA LYS E 131 10.66 -26.25 31.61
C LYS E 131 10.41 -26.72 30.18
N VAL E 137 20.09 -28.61 24.93
CA VAL E 137 21.44 -28.28 24.53
C VAL E 137 22.42 -29.37 24.91
N CYS E 138 23.42 -29.58 24.06
CA CYS E 138 24.51 -30.50 24.33
C CYS E 138 25.73 -29.67 24.71
N LEU E 139 26.35 -30.00 25.85
CA LEU E 139 27.46 -29.23 26.42
C LEU E 139 28.73 -30.08 26.42
N PHE E 140 29.60 -29.83 25.44
CA PHE E 140 30.99 -30.29 25.49
C PHE E 140 31.72 -29.62 26.65
N THR E 141 32.56 -30.40 27.37
CA THR E 141 33.36 -29.84 28.46
C THR E 141 34.54 -30.76 28.75
N ASP E 142 35.56 -30.20 29.40
CA ASP E 142 36.71 -30.87 29.99
C ASP E 142 37.69 -31.45 28.98
N PHE E 143 37.52 -31.16 27.68
CA PHE E 143 38.48 -31.56 26.66
C PHE E 143 39.77 -30.74 26.77
N ASP E 144 40.84 -31.28 26.20
CA ASP E 144 42.13 -30.59 26.19
C ASP E 144 42.11 -29.40 25.24
N SER E 145 43.03 -28.45 25.48
CA SER E 145 43.01 -27.18 24.75
C SER E 145 43.31 -27.36 23.27
N GLN E 146 44.06 -28.40 22.91
CA GLN E 146 44.33 -28.72 21.52
C GLN E 146 43.06 -29.12 20.76
N ILE E 147 42.02 -29.57 21.47
CA ILE E 147 40.78 -30.00 20.84
C ILE E 147 39.97 -28.75 20.47
N ASN E 148 39.76 -28.52 19.18
CA ASN E 148 39.04 -27.34 18.71
C ASN E 148 37.60 -27.71 18.36
N VAL E 149 36.65 -26.93 18.86
CA VAL E 149 35.26 -27.02 18.40
C VAL E 149 35.13 -26.26 17.10
N SER E 150 34.53 -26.90 16.10
CA SER E 150 34.42 -26.33 14.76
C SER E 150 32.95 -26.01 14.46
N GLN E 151 32.73 -24.91 13.74
CA GLN E 151 31.39 -24.49 13.40
C GLN E 151 30.71 -25.53 12.53
N SER E 152 29.44 -25.79 12.80
CA SER E 152 28.71 -26.79 12.06
C SER E 152 28.48 -26.33 10.62
N LYS E 153 28.77 -27.21 9.67
CA LYS E 153 28.37 -26.96 8.29
C LYS E 153 26.85 -26.87 8.17
N ASP E 154 26.12 -27.47 9.10
CA ASP E 154 24.69 -27.17 9.27
C ASP E 154 24.55 -25.78 9.88
N SER E 155 24.40 -24.75 9.05
CA SER E 155 24.13 -23.43 9.60
C SER E 155 22.75 -23.36 10.26
N ASP E 156 21.93 -24.39 10.06
CA ASP E 156 20.68 -24.52 10.79
C ASP E 156 20.87 -24.96 12.23
N VAL E 157 22.02 -25.54 12.57
CA VAL E 157 22.35 -25.89 13.94
C VAL E 157 23.45 -24.95 14.43
N TYR E 158 23.25 -24.41 15.64
CA TYR E 158 24.08 -23.34 16.19
C TYR E 158 25.02 -23.89 17.26
N ILE E 159 26.28 -23.47 17.21
CA ILE E 159 27.29 -23.93 18.17
C ILE E 159 28.13 -22.73 18.62
N THR E 160 28.46 -22.68 19.91
CA THR E 160 29.35 -21.64 20.42
C THR E 160 30.80 -22.06 20.21
N ASP E 161 31.73 -21.36 20.84
CA ASP E 161 33.15 -21.63 20.68
C ASP E 161 33.76 -21.94 22.05
N LYS E 162 35.00 -22.44 22.03
CA LYS E 162 35.77 -22.66 23.23
C LYS E 162 35.66 -21.47 24.16
N CYS E 163 35.11 -21.69 25.34
CA CYS E 163 35.19 -20.74 26.43
C CYS E 163 36.14 -21.31 27.48
N VAL E 164 36.81 -20.42 28.22
CA VAL E 164 37.79 -20.80 29.23
C VAL E 164 37.24 -20.44 30.60
N LEU E 165 36.81 -21.45 31.35
CA LEU E 165 36.16 -21.30 32.64
C LEU E 165 37.17 -21.48 33.77
N ASP E 166 37.11 -20.60 34.76
CA ASP E 166 38.01 -20.65 35.91
C ASP E 166 37.19 -20.91 37.18
N MET E 167 37.48 -22.04 37.83
CA MET E 167 37.01 -22.31 39.20
C MET E 167 38.20 -22.09 40.12
N ARG E 168 38.43 -20.83 40.49
CA ARG E 168 39.59 -20.50 41.31
C ARG E 168 39.52 -21.10 42.71
N SER E 169 38.35 -21.58 43.15
CA SER E 169 38.22 -22.19 44.47
C SER E 169 38.88 -23.56 44.52
N MET E 170 38.44 -24.48 43.66
CA MET E 170 39.08 -25.78 43.52
C MET E 170 40.33 -25.72 42.65
N ASP E 171 40.76 -24.54 42.21
CA ASP E 171 41.92 -24.35 41.33
C ASP E 171 41.85 -25.28 40.13
N PHE E 172 40.82 -25.06 39.30
CA PHE E 172 40.51 -25.95 38.19
C PHE E 172 40.06 -25.11 37.00
N LYS E 173 40.90 -25.06 35.96
CA LYS E 173 40.62 -24.35 34.71
C LYS E 173 40.10 -25.35 33.68
N SER E 174 39.00 -25.03 33.03
CA SER E 174 38.38 -25.99 32.15
C SER E 174 37.88 -25.31 30.88
N ASN E 175 37.93 -26.06 29.78
CA ASN E 175 37.39 -25.61 28.51
C ASN E 175 35.93 -26.03 28.42
N SER E 176 35.20 -25.46 27.46
CA SER E 176 33.78 -25.74 27.36
C SER E 176 33.23 -25.21 26.04
N ALA E 177 32.21 -25.89 25.53
CA ALA E 177 31.46 -25.42 24.37
C ALA E 177 30.01 -25.85 24.52
N VAL E 178 29.13 -25.23 23.71
CA VAL E 178 27.70 -25.46 23.79
C VAL E 178 27.14 -25.62 22.38
N ALA E 179 26.02 -26.35 22.27
CA ALA E 179 25.29 -26.49 21.01
C ALA E 179 23.81 -26.69 21.30
N TRP E 180 22.98 -26.38 20.29
CA TRP E 180 21.53 -26.51 20.40
C TRP E 180 20.89 -26.31 19.03
N SER E 181 19.69 -26.87 18.88
CA SER E 181 18.81 -26.62 17.74
C SER E 181 17.48 -27.31 18.01
N ASN E 182 16.56 -27.19 17.04
CA ASN E 182 15.27 -27.86 17.08
C ASN E 182 15.08 -28.81 15.91
N LYS E 183 16.17 -29.25 15.28
CA LYS E 183 16.14 -30.23 14.21
C LYS E 183 16.24 -31.66 14.76
N SER E 184 15.79 -32.62 13.96
CA SER E 184 15.86 -34.01 14.38
C SER E 184 17.26 -34.61 14.19
N ASP E 185 17.95 -34.25 13.09
CA ASP E 185 19.26 -34.85 12.80
C ASP E 185 20.28 -34.51 13.89
N PHE E 186 20.25 -33.28 14.39
CA PHE E 186 21.09 -32.85 15.50
C PHE E 186 20.78 -33.68 16.74
N THR E 187 21.71 -34.55 17.11
CA THR E 187 21.70 -35.20 18.42
C THR E 187 23.06 -34.95 19.05
N CYS E 188 23.15 -35.27 20.34
CA CYS E 188 24.37 -34.98 21.08
C CYS E 188 25.61 -35.63 20.45
N ALA E 189 25.43 -36.72 19.70
CA ALA E 189 26.53 -37.32 18.95
C ALA E 189 26.74 -36.66 17.59
N ASN E 190 25.66 -36.39 16.85
CA ASN E 190 25.74 -35.61 15.61
C ASN E 190 26.03 -34.13 15.88
N ALA E 191 25.89 -33.68 17.13
CA ALA E 191 26.08 -32.27 17.48
C ALA E 191 27.45 -31.77 17.03
N PHE E 192 28.49 -32.34 17.62
CA PHE E 192 29.86 -31.94 17.28
C PHE E 192 30.47 -32.87 16.25
N ASN E 193 29.64 -33.57 15.47
CA ASN E 193 30.14 -34.46 14.43
C ASN E 193 30.90 -33.70 13.35
N ASN E 194 30.65 -32.40 13.21
CA ASN E 194 31.45 -31.55 12.35
C ASN E 194 32.77 -31.13 12.98
N SER E 195 33.13 -31.75 14.10
CA SER E 195 34.28 -31.33 14.89
C SER E 195 35.10 -32.56 15.27
N ILE E 196 36.42 -32.46 15.10
CA ILE E 196 37.31 -33.57 15.43
C ILE E 196 37.42 -33.69 16.95
N ILE E 197 36.67 -34.65 17.49
CA ILE E 197 36.40 -34.82 18.91
C ILE E 197 37.26 -35.97 19.43
N PRO E 198 37.55 -36.08 20.74
CA PRO E 198 38.19 -37.30 21.25
C PRO E 198 37.26 -38.49 21.20
N GLU E 199 37.81 -39.66 20.85
CA GLU E 199 36.99 -40.85 20.66
C GLU E 199 36.46 -41.38 21.99
N ASP E 200 37.15 -41.11 23.09
CA ASP E 200 36.76 -41.67 24.38
C ASP E 200 35.98 -40.68 25.25
N THR E 201 35.35 -39.67 24.65
CA THR E 201 34.46 -38.79 25.40
C THR E 201 33.16 -39.53 25.71
N PHE E 202 32.64 -39.33 26.92
CA PHE E 202 31.37 -39.94 27.30
C PHE E 202 30.28 -39.32 26.43
N PHE E 203 29.83 -40.06 25.40
CA PHE E 203 28.78 -39.57 24.53
C PHE E 203 27.41 -39.67 25.21
N THR F 2 44.22 8.70 35.60
CA THR F 2 43.98 8.66 34.16
C THR F 2 42.62 8.01 33.85
N GLU F 3 41.58 8.82 33.74
CA GLU F 3 40.22 8.32 33.47
C GLU F 3 39.48 9.29 32.55
N VAL F 4 38.94 8.75 31.47
CA VAL F 4 38.07 9.45 30.53
C VAL F 4 36.69 8.79 30.60
N THR F 5 35.63 9.57 30.61
CA THR F 5 34.31 8.97 30.70
C THR F 5 33.46 9.35 29.51
N GLN F 6 32.45 8.53 29.22
CA GLN F 6 31.58 8.68 28.07
C GLN F 6 30.16 8.26 28.41
N THR F 7 29.18 9.03 27.94
CA THR F 7 27.77 8.78 28.12
C THR F 7 27.06 8.98 26.79
N PRO F 8 26.07 8.15 26.47
CA PRO F 8 25.68 6.90 27.14
C PRO F 8 26.57 5.75 26.69
N LYS F 9 26.58 4.64 27.42
CA LYS F 9 27.39 3.48 27.00
C LYS F 9 26.76 2.76 25.81
N HIS F 10 25.43 2.78 25.70
CA HIS F 10 24.72 2.08 24.65
C HIS F 10 23.65 3.02 24.10
N LEU F 11 23.34 2.88 22.82
CA LEU F 11 22.32 3.77 22.28
C LEU F 11 21.75 3.15 21.00
N VAL F 12 20.41 3.07 20.92
CA VAL F 12 19.73 2.62 19.71
C VAL F 12 18.92 3.76 19.13
N MET F 13 19.07 3.99 17.83
CA MET F 13 18.43 5.12 17.17
C MET F 13 17.75 4.66 15.90
N GLY F 14 16.72 5.42 15.52
CA GLY F 14 16.18 5.39 14.17
C GLY F 14 16.79 6.49 13.32
N MET F 15 16.33 6.58 12.07
CA MET F 15 16.83 7.57 11.12
C MET F 15 16.20 8.94 11.28
N THR F 16 15.55 9.20 12.43
CA THR F 16 14.94 10.51 12.71
C THR F 16 15.17 11.01 14.15
N ASN F 17 15.85 10.26 15.01
CA ASN F 17 16.10 10.71 16.38
C ASN F 17 17.14 11.83 16.44
N LYS F 18 17.04 12.61 17.51
CA LYS F 18 18.10 13.52 17.94
C LYS F 18 18.67 12.96 19.25
N LYS F 19 19.97 12.70 19.26
CA LYS F 19 20.65 12.27 20.48
C LYS F 19 22.04 12.89 20.54
N SER F 20 22.67 12.77 21.69
CA SER F 20 23.96 13.41 21.94
C SER F 20 24.88 12.44 22.68
N LEU F 21 26.07 12.27 22.14
CA LEU F 21 27.14 11.58 22.84
C LEU F 21 27.90 12.61 23.66
N LYS F 22 28.40 12.19 24.80
CA LYS F 22 29.13 13.07 25.71
C LYS F 22 30.44 12.43 26.14
N CYS F 23 31.48 13.24 26.21
CA CYS F 23 32.79 12.80 26.65
C CYS F 23 33.33 13.75 27.71
N GLU F 24 34.12 13.20 28.64
CA GLU F 24 34.55 13.96 29.81
C GLU F 24 35.89 13.42 30.31
N GLN F 25 36.87 14.31 30.45
CA GLN F 25 38.13 14.00 31.12
C GLN F 25 38.41 15.10 32.14
N HIS F 26 39.13 14.73 33.20
CA HIS F 26 39.43 15.69 34.27
C HIS F 26 40.93 15.70 34.60
N MET F 27 41.75 15.28 33.66
CA MET F 27 43.17 15.62 33.66
C MET F 27 43.27 17.04 33.11
N GLY F 28 44.47 17.49 32.79
CA GLY F 28 44.52 18.86 32.31
C GLY F 28 44.63 18.93 30.81
N HIS F 29 43.92 18.06 30.12
CA HIS F 29 44.24 17.79 28.73
C HIS F 29 43.61 18.82 27.81
N ARG F 30 44.38 19.26 26.81
CA ARG F 30 43.94 20.25 25.84
C ARG F 30 43.79 19.68 24.44
N ALA F 31 44.07 18.39 24.24
CA ALA F 31 43.78 17.71 22.98
C ALA F 31 42.70 16.66 23.20
N MET F 32 41.63 16.72 22.41
CA MET F 32 40.60 15.69 22.48
C MET F 32 40.24 15.20 21.08
N TYR F 33 39.68 13.99 21.04
CA TYR F 33 39.55 13.23 19.80
C TYR F 33 38.30 12.39 19.80
N TRP F 34 37.68 12.32 18.63
CA TRP F 34 36.58 11.40 18.36
C TRP F 34 37.06 10.39 17.32
N TYR F 35 36.96 9.09 17.64
CA TYR F 35 37.22 8.01 16.70
C TYR F 35 35.96 7.19 16.46
N LYS F 36 35.81 6.68 15.25
CA LYS F 36 34.75 5.74 14.88
C LYS F 36 35.33 4.35 14.61
N GLN F 37 34.75 3.32 15.21
CA GLN F 37 35.20 1.94 14.97
C GLN F 37 34.03 1.10 14.49
N LYS F 38 33.97 0.86 13.19
CA LYS F 38 33.01 -0.11 12.68
C LYS F 38 33.44 -1.52 13.10
N ALA F 39 32.48 -2.43 13.13
CA ALA F 39 32.75 -3.79 13.62
C ALA F 39 33.84 -4.48 12.80
N LYS F 40 34.74 -5.17 13.51
CA LYS F 40 35.90 -5.88 12.93
C LYS F 40 36.80 -4.96 12.12
N LYS F 41 36.93 -3.71 12.55
CA LYS F 41 37.65 -2.69 11.79
C LYS F 41 38.52 -1.89 12.75
N PRO F 42 39.57 -1.25 12.25
CA PRO F 42 40.38 -0.38 13.13
C PRO F 42 39.63 0.90 13.43
N PRO F 43 39.83 1.47 14.61
CA PRO F 43 39.21 2.77 14.90
C PRO F 43 39.72 3.81 13.91
N GLU F 44 38.84 4.70 13.48
CA GLU F 44 39.24 5.67 12.47
C GLU F 44 38.93 7.08 12.94
N LEU F 45 39.88 7.97 12.70
CA LEU F 45 39.81 9.33 13.22
C LEU F 45 38.65 10.07 12.59
N MET F 46 37.81 10.67 13.43
CA MET F 46 36.83 11.66 12.99
C MET F 46 37.29 13.11 13.20
N PHE F 47 37.46 13.55 14.47
CA PHE F 47 37.70 14.94 14.83
C PHE F 47 38.87 15.05 15.79
N VAL F 48 39.63 16.15 15.65
CA VAL F 48 40.63 16.57 16.64
C VAL F 48 40.27 17.97 17.16
N TYR F 49 40.16 18.12 18.48
CA TYR F 49 40.12 19.44 19.08
C TYR F 49 41.46 19.76 19.74
N SER F 50 41.95 20.99 19.49
CA SER F 50 43.14 21.54 20.13
C SER F 50 42.74 22.79 20.87
N TYR F 51 42.98 22.83 22.18
CA TYR F 51 42.56 23.96 23.01
C TYR F 51 41.12 24.37 22.68
N GLU F 52 40.24 23.38 22.56
CA GLU F 52 38.80 23.56 22.34
C GLU F 52 38.46 24.20 20.99
N LYS F 53 39.34 24.11 20.00
CA LYS F 53 39.06 24.58 18.64
C LYS F 53 39.23 23.42 17.66
N LEU F 54 38.24 23.22 16.79
CA LEU F 54 38.33 22.18 15.77
C LEU F 54 39.64 22.30 15.01
N SER F 55 40.46 21.25 15.05
CA SER F 55 41.72 21.24 14.32
C SER F 55 41.66 20.36 13.09
N ILE F 56 41.07 19.17 13.21
CA ILE F 56 40.99 18.23 12.09
C ILE F 56 39.54 17.78 11.93
N ASN F 57 39.05 17.84 10.69
CA ASN F 57 37.77 17.28 10.29
C ASN F 57 38.06 16.29 9.17
N GLU F 58 37.96 14.99 9.47
CA GLU F 58 38.27 13.94 8.49
C GLU F 58 37.06 13.72 7.57
N SER F 59 36.63 14.79 6.91
CA SER F 59 35.51 14.69 5.97
C SER F 59 34.29 14.02 6.63
N VAL F 60 34.03 14.41 7.87
CA VAL F 60 32.91 13.85 8.64
C VAL F 60 31.63 14.52 8.16
N PRO F 61 30.57 13.76 7.87
CA PRO F 61 29.33 14.37 7.35
C PRO F 61 28.64 15.23 8.40
N SER F 62 27.97 16.28 7.90
CA SER F 62 27.30 17.31 8.73
C SER F 62 26.39 16.76 9.81
N ARG F 63 25.70 15.64 9.55
CA ARG F 63 24.86 14.97 10.57
C ARG F 63 25.63 14.61 11.85
N PHE F 64 26.96 14.73 11.83
CA PHE F 64 27.78 14.63 13.01
C PHE F 64 28.22 16.04 13.39
N SER F 65 27.80 16.53 14.54
CA SER F 65 28.00 17.93 14.90
C SER F 65 28.71 17.99 16.24
N PRO F 66 30.04 18.04 16.24
CA PRO F 66 30.79 18.05 17.50
C PRO F 66 30.85 19.44 18.10
N GLU F 67 30.95 19.47 19.43
CA GLU F 67 30.98 20.71 20.18
C GLU F 67 31.84 20.48 21.42
N CYS F 68 32.65 21.49 21.76
CA CYS F 68 33.61 21.40 22.86
C CYS F 68 33.45 22.62 23.74
N PRO F 69 32.53 22.56 24.72
CA PRO F 69 32.20 23.76 25.52
C PRO F 69 33.16 24.05 26.69
N ASN F 70 33.70 23.03 27.36
CA ASN F 70 34.75 23.18 28.36
C ASN F 70 36.05 22.63 27.79
N SER F 71 37.16 22.96 28.43
CA SER F 71 38.37 22.22 28.13
C SER F 71 38.28 20.77 28.58
N SER F 72 37.29 20.40 29.38
CA SER F 72 37.13 19.03 29.85
C SER F 72 35.91 18.31 29.26
N LEU F 73 35.08 18.97 28.44
CA LEU F 73 33.89 18.36 27.84
C LEU F 73 33.97 18.34 26.31
N LEU F 74 33.70 17.17 25.70
CA LEU F 74 33.54 17.03 24.25
C LEU F 74 32.21 16.34 23.95
N ASN F 75 31.49 16.83 22.94
CA ASN F 75 30.17 16.29 22.64
C ASN F 75 30.03 15.97 21.17
N LEU F 76 29.15 15.01 20.90
CA LEU F 76 28.79 14.68 19.53
C LEU F 76 27.27 14.72 19.42
N HIS F 77 26.76 15.74 18.74
CA HIS F 77 25.33 15.84 18.52
C HIS F 77 24.97 15.08 17.26
N LEU F 78 24.07 14.11 17.38
CA LEU F 78 23.69 13.27 16.24
C LEU F 78 22.24 13.51 15.90
N HIS F 79 21.95 13.50 14.60
CA HIS F 79 20.58 13.50 14.13
C HIS F 79 20.58 12.98 12.68
N ALA F 80 19.42 12.48 12.26
CA ALA F 80 19.22 11.99 10.88
C ALA F 80 20.28 10.96 10.51
N LEU F 81 20.55 10.06 11.46
CA LEU F 81 21.55 9.02 11.30
C LEU F 81 21.11 7.96 10.29
N GLN F 82 22.10 7.23 9.77
CA GLN F 82 21.97 6.21 8.74
C GLN F 82 22.48 4.88 9.27
N PRO F 83 21.95 3.76 8.77
CA PRO F 83 22.37 2.46 9.30
C PRO F 83 23.88 2.25 9.31
N GLU F 84 24.57 2.71 8.27
CA GLU F 84 26.02 2.54 8.30
C GLU F 84 26.72 3.38 9.37
N ASP F 85 26.02 4.23 10.13
CA ASP F 85 26.72 4.95 11.19
C ASP F 85 26.81 4.15 12.48
N SER F 86 26.28 2.93 12.50
CA SER F 86 26.44 2.08 13.67
C SER F 86 27.91 1.80 13.89
N ALA F 87 28.39 1.99 15.12
CA ALA F 87 29.81 1.84 15.37
C ALA F 87 30.04 2.01 16.87
N LEU F 88 31.25 1.68 17.29
CA LEU F 88 31.76 2.12 18.59
C LEU F 88 32.41 3.49 18.41
N TYR F 89 31.92 4.48 19.16
CA TYR F 89 32.39 5.87 19.08
C TYR F 89 33.27 6.09 20.29
N LEU F 90 34.58 6.07 20.07
CA LEU F 90 35.60 6.25 21.09
C LEU F 90 36.01 7.73 21.17
N CYS F 91 36.13 8.22 22.39
CA CYS F 91 36.67 9.53 22.70
C CYS F 91 38.02 9.38 23.40
N ALA F 92 38.98 10.21 23.02
CA ALA F 92 40.32 10.12 23.59
C ALA F 92 40.80 11.52 23.97
N SER F 93 41.85 11.58 24.80
CA SER F 93 42.46 12.86 25.14
C SER F 93 43.92 12.65 25.48
N SER F 94 44.76 13.63 25.16
CA SER F 94 46.17 13.59 25.52
C SER F 94 46.63 14.96 25.99
N HIS F 95 47.87 14.99 26.49
CA HIS F 95 48.50 16.24 26.88
C HIS F 95 48.87 17.07 25.66
N LEU F 96 48.85 18.39 25.83
CA LEU F 96 49.21 19.34 24.79
C LEU F 96 49.39 20.74 25.41
N THR F 105 56.18 12.79 25.71
CA THR F 105 55.35 11.81 24.99
C THR F 105 53.89 12.06 25.34
N ASP F 106 53.01 11.89 24.36
CA ASP F 106 51.65 12.41 24.50
C ASP F 106 50.62 11.30 24.30
N THR F 107 50.78 10.21 25.04
CA THR F 107 49.95 9.04 24.86
C THR F 107 48.48 9.42 24.91
N GLN F 108 47.70 8.89 23.95
CA GLN F 108 46.27 9.17 23.91
C GLN F 108 45.56 8.15 24.79
N TYR F 109 44.59 8.64 25.56
CA TYR F 109 43.84 7.85 26.53
C TYR F 109 42.37 7.84 26.15
N PHE F 110 41.79 6.65 26.06
CA PHE F 110 40.47 6.40 25.51
C PHE F 110 39.42 6.23 26.61
N GLY F 111 38.18 6.57 26.28
CA GLY F 111 37.07 6.27 27.13
C GLY F 111 36.51 4.90 26.80
N PRO F 112 35.44 4.50 27.48
CA PRO F 112 34.85 3.19 27.16
C PRO F 112 34.04 3.19 25.87
N GLY F 113 33.67 4.35 25.34
CA GLY F 113 33.00 4.43 24.06
C GLY F 113 31.50 4.22 24.16
N THR F 114 30.82 4.62 23.10
CA THR F 114 29.37 4.49 23.01
C THR F 114 29.05 3.48 21.90
N ARG F 115 28.42 2.37 22.28
CA ARG F 115 27.93 1.40 21.31
C ARG F 115 26.62 1.92 20.72
N LEU F 116 26.67 2.40 19.48
CA LEU F 116 25.52 3.02 18.80
C LEU F 116 25.07 2.12 17.64
N THR F 117 23.82 1.69 17.71
CA THR F 117 23.17 0.96 16.63
C THR F 117 22.11 1.88 16.04
N VAL F 118 22.09 2.00 14.71
CA VAL F 118 21.17 2.88 13.99
C VAL F 118 20.39 2.00 13.05
N LEU F 119 19.08 1.97 13.20
CA LEU F 119 18.26 0.95 12.55
C LEU F 119 17.37 1.54 11.46
N GLU F 120 17.36 0.87 10.30
CA GLU F 120 16.42 1.24 9.24
C GLU F 120 14.99 1.23 9.78
N ASP F 121 14.60 0.11 10.39
CA ASP F 121 13.25 -0.08 10.93
C ASP F 121 13.38 -0.40 12.41
N LEU F 122 12.73 0.40 13.26
CA LEU F 122 12.75 0.09 14.68
C LEU F 122 11.95 -1.16 15.02
N LYS F 123 11.21 -1.70 14.04
CA LYS F 123 10.56 -2.99 14.21
C LYS F 123 11.56 -4.07 14.61
N ASN F 124 12.75 -4.05 14.01
CA ASN F 124 13.71 -5.13 14.18
C ASN F 124 14.20 -5.27 15.62
N VAL F 125 14.00 -4.28 16.47
CA VAL F 125 14.56 -4.33 17.83
C VAL F 125 13.77 -5.35 18.65
N PHE F 126 14.44 -6.42 19.09
CA PHE F 126 13.79 -7.51 19.80
C PHE F 126 14.40 -7.68 21.19
N PRO F 127 13.60 -8.09 22.17
CA PRO F 127 14.13 -8.36 23.50
C PRO F 127 14.77 -9.75 23.55
N PRO F 128 15.60 -10.02 24.56
CA PRO F 128 16.25 -11.33 24.63
C PRO F 128 15.41 -12.39 25.33
N GLU F 129 15.06 -13.45 24.59
CA GLU F 129 14.50 -14.65 25.22
C GLU F 129 15.61 -15.41 25.96
N VAL F 130 15.31 -15.84 27.17
CA VAL F 130 16.30 -16.48 28.03
C VAL F 130 15.80 -17.84 28.51
N ALA F 131 16.75 -18.77 28.71
CA ALA F 131 16.40 -20.13 29.10
C ALA F 131 17.60 -20.77 29.79
N VAL F 132 17.50 -20.99 31.10
CA VAL F 132 18.58 -21.62 31.88
C VAL F 132 18.49 -23.13 31.67
N PHE F 133 19.36 -23.67 30.82
CA PHE F 133 19.46 -25.12 30.72
C PHE F 133 20.17 -25.66 31.94
N GLU F 134 19.86 -26.94 32.31
CA GLU F 134 20.19 -27.58 33.58
C GLU F 134 21.16 -28.74 33.39
N PRO F 135 22.07 -28.97 34.34
CA PRO F 135 23.19 -29.89 34.12
C PRO F 135 22.75 -31.34 33.92
N SER F 136 23.47 -32.02 33.03
CA SER F 136 23.14 -33.38 32.66
C SER F 136 23.46 -34.34 33.79
N LYS F 137 22.89 -35.54 33.70
CA LYS F 137 22.96 -36.50 34.79
C LYS F 137 24.40 -36.89 35.12
N ALA F 138 25.11 -37.43 34.12
CA ALA F 138 26.42 -38.04 34.36
C ALA F 138 27.49 -37.05 34.78
N GLU F 139 27.24 -35.73 34.68
CA GLU F 139 28.29 -34.79 35.08
C GLU F 139 28.41 -34.75 36.60
N ILE F 140 27.28 -34.78 37.29
CA ILE F 140 27.29 -34.89 38.73
C ILE F 140 27.79 -36.26 39.17
N SER F 141 27.96 -37.19 38.22
CA SER F 141 28.41 -38.55 38.51
C SER F 141 29.63 -39.00 37.69
N ARG F 142 30.29 -38.11 36.95
CA ARG F 142 31.63 -38.39 36.42
C ARG F 142 32.69 -37.50 37.02
N THR F 143 32.31 -36.33 37.55
CA THR F 143 33.21 -35.35 38.10
C THR F 143 32.47 -34.60 39.19
N GLN F 144 33.20 -34.09 40.17
CA GLN F 144 32.53 -33.43 41.29
C GLN F 144 32.16 -31.99 40.95
N LYS F 145 31.42 -31.79 39.85
CA LYS F 145 31.09 -30.45 39.34
C LYS F 145 29.71 -30.48 38.70
N ALA F 146 29.16 -29.28 38.45
CA ALA F 146 27.85 -29.11 37.78
C ALA F 146 27.83 -27.83 36.95
N THR F 147 27.39 -27.93 35.68
CA THR F 147 27.41 -26.80 34.73
C THR F 147 26.01 -26.42 34.29
N LEU F 148 25.68 -25.13 34.44
CA LEU F 148 24.46 -24.57 33.89
C LEU F 148 24.77 -23.73 32.65
N VAL F 149 24.11 -24.04 31.55
CA VAL F 149 24.23 -23.27 30.32
C VAL F 149 23.01 -22.37 30.20
N CYS F 150 23.26 -21.07 30.06
CA CYS F 150 22.21 -20.10 29.77
C CYS F 150 22.06 -19.91 28.26
N LEU F 151 20.82 -19.71 27.83
CA LEU F 151 20.58 -19.32 26.44
C LEU F 151 19.73 -18.05 26.46
N ALA F 152 20.42 -16.90 26.39
CA ALA F 152 19.80 -15.66 25.99
C ALA F 152 19.70 -15.67 24.47
N THR F 153 18.48 -15.73 23.94
CA THR F 153 18.27 -15.80 22.50
C THR F 153 17.29 -14.71 22.06
N GLY F 154 17.30 -14.44 20.75
CA GLY F 154 16.42 -13.47 20.12
C GLY F 154 16.86 -12.02 19.96
N PHE F 155 17.54 -11.45 20.97
CA PHE F 155 17.77 -10.01 21.06
C PHE F 155 18.35 -9.43 19.77
N TYR F 156 17.75 -8.33 19.27
CA TYR F 156 18.29 -7.78 18.03
C TYR F 156 19.54 -6.94 18.20
N PRO F 157 19.54 -5.84 18.96
CA PRO F 157 20.79 -5.12 19.13
C PRO F 157 21.77 -6.02 19.86
N PRO F 158 22.90 -6.33 19.23
CA PRO F 158 23.65 -7.52 19.63
C PRO F 158 24.53 -7.34 20.86
N HIS F 159 24.28 -6.31 21.66
CA HIS F 159 25.13 -6.03 22.81
C HIS F 159 24.32 -6.14 24.09
N VAL F 160 24.49 -7.26 24.80
CA VAL F 160 23.88 -7.50 26.09
C VAL F 160 24.96 -7.67 27.13
N GLU F 161 24.57 -7.53 28.40
CA GLU F 161 25.45 -7.83 29.52
C GLU F 161 24.83 -8.97 30.31
N LEU F 162 25.63 -9.99 30.61
CA LEU F 162 25.13 -11.21 31.24
C LEU F 162 25.74 -11.36 32.63
N SER F 163 24.91 -11.80 33.58
CA SER F 163 25.36 -12.19 34.90
C SER F 163 24.45 -13.30 35.41
N TRP F 164 25.04 -14.20 36.19
CA TRP F 164 24.28 -15.25 36.89
C TRP F 164 23.97 -14.76 38.30
N TRP F 165 22.75 -15.03 38.76
CA TRP F 165 22.34 -14.69 40.13
C TRP F 165 21.91 -15.98 40.84
N VAL F 166 22.78 -16.52 41.68
CA VAL F 166 22.42 -17.64 42.56
C VAL F 166 22.06 -17.03 43.91
N ASN F 167 20.77 -17.16 44.29
CA ASN F 167 20.23 -16.65 45.55
C ASN F 167 20.23 -15.12 45.62
N GLY F 168 19.91 -14.46 44.50
CA GLY F 168 19.88 -13.00 44.45
C GLY F 168 21.23 -12.37 44.67
N LYS F 169 22.27 -13.22 44.63
CA LYS F 169 23.68 -12.84 44.80
C LYS F 169 24.36 -13.06 43.45
N GLU F 170 24.46 -11.99 42.67
CA GLU F 170 25.14 -12.06 41.38
C GLU F 170 26.59 -12.48 41.56
N VAL F 171 27.00 -13.51 40.81
CA VAL F 171 28.31 -14.11 40.98
C VAL F 171 29.13 -13.82 39.74
N HIS F 172 30.46 -13.83 39.92
CA HIS F 172 31.41 -13.58 38.84
C HIS F 172 32.49 -14.65 38.73
N ASP F 173 32.35 -15.78 39.43
CA ASP F 173 33.33 -16.87 39.42
C ASP F 173 32.69 -18.16 38.93
N GLY F 174 33.48 -18.99 38.27
CA GLY F 174 32.92 -20.15 37.60
C GLY F 174 31.96 -19.79 36.51
N VAL F 175 32.13 -18.61 35.92
CA VAL F 175 31.30 -18.12 34.82
C VAL F 175 32.20 -18.01 33.61
N CYS F 176 31.73 -18.53 32.48
CA CYS F 176 32.36 -18.26 31.20
C CYS F 176 31.26 -17.83 30.25
N THR F 177 31.33 -16.59 29.79
CA THR F 177 30.36 -16.08 28.83
C THR F 177 31.05 -15.92 27.48
N ASP F 178 30.32 -16.25 26.42
CA ASP F 178 30.88 -16.15 25.08
C ASP F 178 31.43 -14.74 24.90
N PRO F 179 32.68 -14.59 24.46
CA PRO F 179 33.18 -13.24 24.17
C PRO F 179 32.28 -12.50 23.18
N GLN F 180 31.73 -13.22 22.21
CA GLN F 180 30.86 -12.61 21.23
C GLN F 180 29.54 -13.36 21.21
N PRO F 181 28.45 -12.68 20.85
CA PRO F 181 27.20 -13.39 20.53
C PRO F 181 27.33 -14.04 19.15
N LEU F 182 26.23 -14.67 18.73
CA LEU F 182 26.24 -15.61 17.62
C LEU F 182 24.97 -15.40 16.80
N LYS F 183 25.14 -15.31 15.47
CA LYS F 183 24.04 -15.02 14.56
C LYS F 183 23.17 -16.27 14.37
N GLU F 184 21.91 -16.19 14.77
CA GLU F 184 20.97 -17.29 14.54
C GLU F 184 20.81 -17.59 13.05
N GLN F 185 21.34 -16.74 12.19
CA GLN F 185 21.26 -16.89 10.76
C GLN F 185 22.56 -16.25 10.24
N PRO F 186 23.43 -16.99 9.55
CA PRO F 186 24.76 -16.47 9.22
C PRO F 186 24.95 -15.82 7.84
N ALA F 187 23.87 -15.61 7.05
CA ALA F 187 24.02 -15.02 5.71
C ALA F 187 23.05 -13.90 5.37
N LEU F 188 21.89 -13.80 6.02
CA LEU F 188 20.92 -12.73 5.83
C LEU F 188 21.23 -11.55 6.74
N ASN F 189 20.78 -10.37 6.32
CA ASN F 189 20.97 -9.16 7.10
C ASN F 189 19.99 -9.14 8.27
N ASP F 190 20.02 -8.03 9.03
CA ASP F 190 19.05 -7.68 10.08
C ASP F 190 18.56 -8.90 10.87
N SER F 191 19.52 -9.74 11.28
CA SER F 191 19.27 -11.00 11.96
C SER F 191 19.35 -10.85 13.48
N ARG F 192 18.90 -11.88 14.18
CA ARG F 192 18.88 -11.92 15.64
C ARG F 192 20.04 -12.76 16.18
N TYR F 193 20.22 -12.69 17.50
CA TYR F 193 21.45 -13.15 18.15
C TYR F 193 21.16 -13.97 19.40
N ALA F 194 22.02 -14.97 19.64
CA ALA F 194 22.01 -15.75 20.86
C ALA F 194 23.39 -15.70 21.49
N LEU F 195 23.44 -15.70 22.82
CA LEU F 195 24.70 -15.66 23.54
C LEU F 195 24.59 -16.51 24.79
N SER F 196 25.51 -17.46 24.95
CA SER F 196 25.45 -18.40 26.05
C SER F 196 26.48 -18.06 27.12
N SER F 197 26.26 -18.60 28.33
CA SER F 197 27.22 -18.53 29.42
C SER F 197 27.31 -19.90 30.09
N ARG F 198 28.27 -20.04 31.02
CA ARG F 198 28.46 -21.29 31.76
C ARG F 198 28.55 -21.00 33.25
N LEU F 199 28.03 -21.95 34.06
CA LEU F 199 28.05 -21.87 35.52
C LEU F 199 28.40 -23.26 36.09
N ARG F 200 29.71 -23.49 36.28
CA ARG F 200 30.23 -24.70 36.89
C ARG F 200 30.32 -24.53 38.41
N VAL F 201 29.72 -25.48 39.14
CA VAL F 201 29.74 -25.51 40.60
C VAL F 201 29.96 -26.95 41.04
N SER F 202 30.23 -27.13 42.33
CA SER F 202 30.46 -28.47 42.87
C SER F 202 29.25 -29.35 42.63
N ALA F 203 29.49 -30.65 42.38
CA ALA F 203 28.40 -31.58 42.09
C ALA F 203 27.41 -31.69 43.24
N THR F 204 27.82 -31.33 44.47
CA THR F 204 26.95 -31.35 45.64
C THR F 204 26.18 -30.04 45.82
N PHE F 205 26.58 -28.97 45.13
CA PHE F 205 25.88 -27.70 45.23
C PHE F 205 24.69 -27.62 44.28
N TRP F 206 24.72 -28.38 43.17
CA TRP F 206 23.54 -28.54 42.34
C TRP F 206 22.53 -29.50 42.96
N GLN F 207 23.00 -30.53 43.69
CA GLN F 207 22.10 -31.48 44.34
C GLN F 207 21.32 -30.87 45.48
N ASP F 208 21.78 -29.75 46.00
CA ASP F 208 21.13 -29.02 47.07
C ASP F 208 19.92 -28.24 46.54
N PRO F 209 18.69 -28.64 46.86
CA PRO F 209 17.48 -27.99 46.28
C PRO F 209 17.02 -26.71 46.97
N ARG F 210 17.76 -26.18 47.94
CA ARG F 210 17.52 -24.82 48.41
C ARG F 210 18.20 -23.77 47.54
N ASN F 211 19.00 -24.19 46.56
CA ASN F 211 19.80 -23.28 45.73
C ASN F 211 19.10 -23.02 44.39
N HIS F 212 18.88 -21.74 44.09
CA HIS F 212 18.19 -21.30 42.89
C HIS F 212 19.16 -20.55 41.98
N PHE F 213 19.13 -20.87 40.69
CA PHE F 213 20.05 -20.30 39.72
C PHE F 213 19.27 -19.47 38.70
N ARG F 214 19.60 -18.17 38.62
CA ARG F 214 18.98 -17.23 37.70
C ARG F 214 20.03 -16.56 36.81
N CYS F 215 19.82 -16.64 35.50
CA CYS F 215 20.72 -16.05 34.51
C CYS F 215 20.12 -14.74 34.03
N GLN F 216 20.71 -13.62 34.46
CA GLN F 216 20.16 -12.29 34.22
C GLN F 216 20.84 -11.64 33.01
N VAL F 217 20.05 -11.38 31.98
CA VAL F 217 20.54 -10.93 30.68
C VAL F 217 20.08 -9.47 30.53
N GLN F 218 20.94 -8.53 30.89
CA GLN F 218 20.62 -7.12 30.72
C GLN F 218 20.69 -6.73 29.25
N PHE F 219 19.63 -6.11 28.75
CA PHE F 219 19.50 -5.76 27.34
C PHE F 219 19.38 -4.25 27.19
N TYR F 220 19.89 -3.73 26.07
CA TYR F 220 19.81 -2.30 25.77
C TYR F 220 18.97 -2.08 24.51
N GLY F 221 18.00 -1.19 24.62
CA GLY F 221 17.07 -0.95 23.54
C GLY F 221 16.42 0.42 23.66
N LEU F 222 15.14 0.50 23.30
CA LEU F 222 14.49 1.80 23.11
C LEU F 222 14.53 2.63 24.38
N SER F 223 14.40 3.95 24.21
CA SER F 223 14.23 4.87 25.33
C SER F 223 12.76 5.19 25.52
N GLU F 224 12.44 5.85 26.63
CA GLU F 224 11.07 6.30 26.86
C GLU F 224 10.59 7.21 25.73
N ASN F 225 11.39 8.23 25.41
CA ASN F 225 11.05 9.20 24.37
C ASN F 225 10.86 8.55 22.98
N ASP F 226 11.46 7.38 22.75
CA ASP F 226 11.26 6.68 21.49
C ASP F 226 9.79 6.37 21.29
N GLU F 227 9.31 6.58 20.07
CA GLU F 227 7.95 6.17 19.76
C GLU F 227 7.93 4.69 19.37
N TRP F 228 6.75 4.09 19.45
CA TRP F 228 6.58 2.66 19.24
C TRP F 228 5.16 2.43 18.74
N THR F 229 5.01 1.52 17.78
CA THR F 229 3.72 1.31 17.12
C THR F 229 3.36 -0.15 16.92
N GLN F 230 4.17 -1.09 17.35
CA GLN F 230 3.96 -2.49 17.00
C GLN F 230 3.05 -3.18 18.02
N ASP F 231 2.41 -4.26 17.56
CA ASP F 231 1.60 -5.08 18.46
C ASP F 231 2.44 -5.65 19.59
N ARG F 232 3.65 -6.13 19.26
CA ARG F 232 4.58 -6.66 20.25
C ARG F 232 5.00 -5.57 21.24
N ALA F 233 5.34 -5.98 22.47
CA ALA F 233 5.65 -5.03 23.53
C ALA F 233 6.85 -4.17 23.15
N LYS F 234 7.02 -3.05 23.88
CA LYS F 234 8.08 -2.09 23.60
C LYS F 234 9.41 -2.60 24.15
N PRO F 235 10.37 -2.95 23.26
CA PRO F 235 11.67 -3.44 23.74
C PRO F 235 12.54 -2.33 24.31
N VAL F 236 12.20 -1.88 25.52
CA VAL F 236 12.95 -0.81 26.17
C VAL F 236 14.19 -1.42 26.80
N THR F 237 15.15 -0.59 27.16
CA THR F 237 16.29 -1.07 27.92
C THR F 237 15.74 -1.73 29.19
N GLN F 238 15.84 -3.06 29.26
CA GLN F 238 15.11 -3.83 30.25
C GLN F 238 16.05 -4.88 30.83
N ILE F 239 15.46 -5.84 31.55
CA ILE F 239 16.14 -7.04 32.05
C ILE F 239 15.26 -8.24 31.74
N VAL F 240 15.86 -9.35 31.30
CA VAL F 240 15.16 -10.62 31.12
C VAL F 240 15.93 -11.72 31.84
N SER F 241 15.26 -12.43 32.75
CA SER F 241 15.89 -13.46 33.56
C SER F 241 15.24 -14.81 33.30
N ALA F 242 16.07 -15.85 33.22
CA ALA F 242 15.68 -17.25 33.22
C ALA F 242 16.05 -17.91 34.54
N GLU F 243 15.45 -19.05 34.80
CA GLU F 243 15.51 -19.63 36.14
C GLU F 243 15.51 -21.16 36.05
N ALA F 244 16.25 -21.77 36.96
CA ALA F 244 16.21 -23.21 37.21
C ALA F 244 16.19 -23.43 38.71
N TRP F 245 15.95 -24.66 39.11
CA TRP F 245 16.04 -25.05 40.51
C TRP F 245 16.85 -26.34 40.61
N GLY F 246 17.57 -26.47 41.72
CA GLY F 246 18.37 -27.68 41.93
C GLY F 246 17.54 -28.84 42.44
N ARG F 247 17.86 -30.04 41.95
CA ARG F 247 17.23 -31.28 42.39
C ARG F 247 18.29 -32.22 42.94
N ALA F 248 17.97 -32.86 44.07
CA ALA F 248 18.83 -33.91 44.58
C ALA F 248 18.94 -35.09 43.62
N ASP F 249 17.89 -35.33 42.84
CA ASP F 249 17.85 -36.44 41.89
C ASP F 249 18.99 -36.37 40.87
N ALA G 1 39.74 -0.44 -15.47
CA ALA G 1 40.56 -0.52 -16.68
C ALA G 1 40.31 0.64 -17.66
N GLN G 2 39.13 1.26 -17.63
CA GLN G 2 38.74 2.29 -18.58
C GLN G 2 38.60 3.68 -17.95
N LYS G 3 39.13 4.68 -18.64
CA LYS G 3 39.20 6.05 -18.12
C LYS G 3 39.08 7.02 -19.28
N ILE G 4 38.20 8.01 -19.12
CA ILE G 4 37.95 9.05 -20.12
C ILE G 4 38.43 10.37 -19.54
N THR G 5 39.07 11.20 -20.36
CA THR G 5 39.55 12.50 -19.90
C THR G 5 39.12 13.60 -20.87
N GLN G 6 38.37 14.57 -20.37
CA GLN G 6 37.87 15.71 -21.15
C GLN G 6 38.47 16.98 -20.57
N THR G 7 39.46 17.57 -21.25
CA THR G 7 40.33 18.57 -20.61
C THR G 7 39.62 19.88 -20.31
N GLN G 8 38.77 20.37 -21.22
CA GLN G 8 38.10 21.64 -20.86
C GLN G 8 36.66 21.38 -20.35
N PRO G 9 36.18 22.17 -19.35
CA PRO G 9 34.79 21.94 -18.93
C PRO G 9 33.77 22.77 -19.70
N GLY G 10 34.21 23.86 -20.32
CA GLY G 10 33.33 24.81 -21.01
C GLY G 10 33.94 25.33 -22.29
N MET G 11 33.09 25.55 -23.29
CA MET G 11 33.51 26.02 -24.60
C MET G 11 32.47 27.00 -25.15
N PHE G 12 32.91 27.79 -26.13
CA PHE G 12 32.09 28.89 -26.65
C PHE G 12 32.26 28.98 -28.15
N VAL G 13 31.16 28.76 -28.88
CA VAL G 13 31.16 28.94 -30.32
C VAL G 13 30.09 29.94 -30.71
N GLN G 14 30.36 30.64 -31.81
CA GLN G 14 29.41 31.55 -32.41
C GLN G 14 28.56 30.79 -33.41
N GLU G 15 27.24 31.07 -33.38
CA GLU G 15 26.31 30.33 -34.21
C GLU G 15 26.77 30.32 -35.66
N LYS G 16 26.57 29.17 -36.33
CA LYS G 16 26.92 28.85 -37.71
C LYS G 16 28.38 28.43 -37.88
N GLU G 17 29.23 28.53 -36.85
CA GLU G 17 30.61 28.06 -36.95
C GLU G 17 30.72 26.62 -36.42
N ALA G 18 31.95 26.09 -36.34
CA ALA G 18 32.17 24.70 -35.97
C ALA G 18 32.95 24.59 -34.67
N VAL G 19 32.72 23.51 -33.92
CA VAL G 19 33.37 23.31 -32.63
C VAL G 19 34.09 21.98 -32.64
N THR G 20 35.15 21.89 -31.84
CA THR G 20 35.91 20.66 -31.62
C THR G 20 35.99 20.42 -30.13
N LEU G 21 35.35 19.36 -29.64
CA LEU G 21 35.36 19.01 -28.23
C LEU G 21 36.35 17.88 -27.97
N ASP G 22 37.22 18.08 -26.98
CA ASP G 22 38.34 17.18 -26.73
C ASP G 22 37.94 15.94 -25.92
N CYS G 23 38.48 14.79 -26.32
CA CYS G 23 38.35 13.57 -25.53
C CYS G 23 39.62 12.73 -25.57
N THR G 24 40.00 12.21 -24.40
CA THR G 24 41.15 11.30 -24.28
C THR G 24 40.76 10.10 -23.42
N TYR G 25 41.35 8.94 -23.72
CA TYR G 25 40.98 7.72 -23.04
C TYR G 25 42.18 6.83 -22.78
N ASP G 26 42.07 6.00 -21.74
CA ASP G 26 42.87 4.80 -21.60
C ASP G 26 41.97 3.58 -21.42
N THR G 27 42.36 2.45 -22.02
CA THR G 27 41.67 1.18 -21.82
C THR G 27 42.69 0.04 -21.72
N SER G 28 42.43 -0.93 -20.85
CA SER G 28 43.21 -2.15 -20.90
C SER G 28 42.83 -3.02 -22.10
N ASP G 29 41.51 -3.16 -22.35
CA ASP G 29 40.99 -4.03 -23.40
C ASP G 29 41.15 -3.37 -24.76
N GLN G 30 41.70 -4.13 -25.74
CA GLN G 30 41.95 -3.59 -27.08
C GLN G 30 40.71 -3.50 -27.97
N SER G 31 39.63 -4.19 -27.63
CA SER G 31 38.37 -4.14 -28.38
C SER G 31 37.38 -3.20 -27.65
N TYR G 32 37.21 -2.00 -28.15
CA TYR G 32 36.42 -1.04 -27.40
C TYR G 32 35.63 -0.17 -28.36
N GLY G 33 34.64 0.52 -27.82
CA GLY G 33 33.83 1.46 -28.58
C GLY G 33 33.83 2.82 -27.92
N LEU G 34 33.84 3.85 -28.76
CA LEU G 34 33.80 5.24 -28.32
C LEU G 34 32.45 5.85 -28.65
N PHE G 35 31.87 6.58 -27.71
CA PHE G 35 30.56 7.20 -27.86
C PHE G 35 30.63 8.67 -27.46
N TRP G 36 29.78 9.50 -28.10
CA TRP G 36 29.45 10.81 -27.54
C TRP G 36 27.94 10.88 -27.31
N TYR G 37 27.55 11.37 -26.14
CA TYR G 37 26.19 11.76 -25.82
C TYR G 37 26.16 13.23 -25.44
N LYS G 38 24.98 13.84 -25.53
CA LYS G 38 24.82 15.21 -25.09
C LYS G 38 23.63 15.26 -24.13
N GLN G 39 23.75 16.10 -23.11
CA GLN G 39 22.71 16.28 -22.09
C GLN G 39 22.30 17.75 -22.09
N PRO G 40 21.17 18.10 -22.65
CA PRO G 40 20.68 19.48 -22.46
C PRO G 40 20.29 19.72 -21.01
N SER G 41 19.81 20.92 -20.70
CA SER G 41 19.35 21.23 -19.35
C SER G 41 18.16 20.37 -18.94
N SER G 42 17.46 19.80 -19.91
CA SER G 42 16.38 18.84 -19.65
C SER G 42 16.82 17.61 -18.88
N GLY G 43 18.11 17.26 -18.90
CA GLY G 43 18.60 16.04 -18.28
C GLY G 43 18.64 14.83 -19.20
N GLU G 44 17.92 14.86 -20.33
CA GLU G 44 17.96 13.81 -21.35
C GLU G 44 19.40 13.50 -21.76
N MET G 45 19.72 12.23 -21.96
CA MET G 45 21.03 11.78 -22.44
C MET G 45 20.85 11.31 -23.88
N ILE G 46 21.35 12.09 -24.84
CA ILE G 46 21.05 11.87 -26.27
C ILE G 46 22.26 11.32 -26.99
N PHE G 47 22.12 10.12 -27.57
CA PHE G 47 23.20 9.57 -28.36
C PHE G 47 23.48 10.41 -29.60
N LEU G 48 24.77 10.68 -29.88
CA LEU G 48 25.19 11.41 -31.07
C LEU G 48 25.94 10.55 -32.09
N ILE G 49 26.91 9.74 -31.66
CA ILE G 49 27.85 9.11 -32.61
C ILE G 49 28.71 8.03 -31.96
N TYR G 50 29.06 7.01 -32.74
CA TYR G 50 29.82 5.86 -32.28
C TYR G 50 31.05 5.65 -33.16
N GLN G 51 32.15 5.23 -32.54
CA GLN G 51 33.37 4.86 -33.27
C GLN G 51 33.93 3.59 -32.64
N GLY G 52 33.93 2.48 -33.39
CA GLY G 52 34.57 1.25 -32.92
C GLY G 52 36.08 1.30 -33.06
N SER G 53 36.77 0.60 -32.15
CA SER G 53 38.24 0.64 -32.18
C SER G 53 38.82 -0.02 -33.44
N TYR G 54 38.03 -0.79 -34.17
CA TYR G 54 38.53 -1.41 -35.39
C TYR G 54 38.13 -0.69 -36.68
N ASP G 55 37.19 0.28 -36.62
CA ASP G 55 36.77 0.95 -37.84
C ASP G 55 37.94 1.71 -38.46
N GLU G 56 38.20 1.44 -39.75
CA GLU G 56 39.32 2.05 -40.45
C GLU G 56 39.07 3.50 -40.86
N GLN G 57 37.82 3.97 -40.80
CA GLN G 57 37.48 5.33 -41.20
C GLN G 57 36.78 6.06 -40.07
N ASN G 58 36.92 7.38 -40.07
CA ASN G 58 36.30 8.20 -39.04
C ASN G 58 34.78 8.18 -39.19
N ALA G 59 34.09 8.25 -38.05
CA ALA G 59 32.64 8.21 -38.01
C ALA G 59 32.06 9.55 -38.43
N THR G 60 30.86 9.51 -39.00
CA THR G 60 30.15 10.70 -39.43
C THR G 60 28.65 10.48 -39.21
N GLU G 61 27.98 11.45 -38.63
CA GLU G 61 26.54 11.35 -38.39
C GLU G 61 25.97 12.76 -38.36
N GLY G 62 25.31 13.16 -39.45
CA GLY G 62 24.82 14.53 -39.54
C GLY G 62 25.97 15.51 -39.50
N ARG G 63 25.85 16.51 -38.63
CA ARG G 63 26.90 17.50 -38.41
C ARG G 63 27.94 17.05 -37.39
N TYR G 64 27.81 15.83 -36.89
CA TYR G 64 28.71 15.28 -35.89
C TYR G 64 29.75 14.42 -36.58
N SER G 65 31.02 14.67 -36.29
CA SER G 65 32.07 13.77 -36.74
C SER G 65 33.07 13.55 -35.63
N LEU G 66 33.68 12.35 -35.64
CA LEU G 66 34.63 11.92 -34.64
C LEU G 66 36.01 11.87 -35.28
N ASN G 67 36.97 12.57 -34.67
CA ASN G 67 38.37 12.61 -35.10
C ASN G 67 39.15 11.56 -34.30
N PHE G 68 39.00 10.29 -34.69
CA PHE G 68 39.42 9.16 -33.88
C PHE G 68 40.87 8.82 -34.16
N GLN G 69 41.74 9.10 -33.19
CA GLN G 69 43.18 8.90 -33.30
C GLN G 69 43.60 7.75 -32.36
N LYS G 70 43.57 6.53 -32.89
CA LYS G 70 43.80 5.35 -32.06
C LYS G 70 45.18 5.35 -31.44
N ALA G 71 46.17 5.95 -32.10
CA ALA G 71 47.55 5.87 -31.64
C ALA G 71 47.87 6.93 -30.59
N ARG G 72 47.13 8.03 -30.57
CA ARG G 72 47.23 9.03 -29.51
C ARG G 72 46.13 8.88 -28.45
N LYS G 73 45.22 7.89 -28.61
CA LYS G 73 44.12 7.66 -27.67
C LYS G 73 43.23 8.89 -27.56
N SER G 74 42.75 9.35 -28.73
CA SER G 74 41.98 10.59 -28.85
C SER G 74 40.73 10.33 -29.68
N ALA G 75 39.61 10.90 -29.23
CA ALA G 75 38.30 10.77 -29.90
C ALA G 75 37.58 12.13 -29.94
N ASN G 76 38.26 13.15 -30.43
CA ASN G 76 37.67 14.49 -30.54
C ASN G 76 36.38 14.45 -31.35
N LEU G 77 35.35 15.12 -30.83
CA LEU G 77 34.08 15.33 -31.53
C LEU G 77 34.10 16.66 -32.27
N VAL G 78 33.61 16.65 -33.51
CA VAL G 78 33.53 17.86 -34.32
C VAL G 78 32.08 18.10 -34.66
N ILE G 79 31.54 19.24 -34.21
CA ILE G 79 30.21 19.71 -34.55
C ILE G 79 30.40 20.82 -35.58
N SER G 80 29.81 20.68 -36.76
CA SER G 80 29.91 21.70 -37.78
C SER G 80 28.60 22.47 -37.91
N ALA G 81 28.72 23.75 -38.25
CA ALA G 81 27.59 24.68 -38.36
C ALA G 81 26.78 24.67 -37.07
N SER G 82 27.42 25.16 -36.01
CA SER G 82 26.84 25.08 -34.67
C SER G 82 25.58 25.91 -34.60
N GLN G 83 24.52 25.32 -34.09
CA GLN G 83 23.25 26.01 -33.91
C GLN G 83 23.09 26.34 -32.44
N LEU G 84 22.07 27.16 -32.14
CA LEU G 84 21.80 27.50 -30.74
C LEU G 84 21.39 26.27 -29.96
N GLY G 85 20.55 25.42 -30.54
CA GLY G 85 20.13 24.22 -29.84
C GLY G 85 21.22 23.22 -29.56
N ASP G 86 22.47 23.49 -29.93
CA ASP G 86 23.61 22.63 -29.60
C ASP G 86 24.20 22.92 -28.21
N SER G 87 23.69 23.92 -27.48
CA SER G 87 24.17 24.13 -26.12
C SER G 87 23.71 22.98 -25.25
N ALA G 88 24.67 22.24 -24.71
CA ALA G 88 24.38 21.14 -23.81
C ALA G 88 25.64 20.80 -23.04
N MET G 89 25.51 19.84 -22.14
CA MET G 89 26.67 19.11 -21.63
C MET G 89 27.00 18.01 -22.65
N TYR G 90 28.25 17.99 -23.13
CA TYR G 90 28.71 16.99 -24.11
C TYR G 90 29.59 15.97 -23.40
N PHE G 91 29.23 14.69 -23.55
CA PHE G 91 29.79 13.60 -22.75
C PHE G 91 30.47 12.58 -23.65
N CYS G 92 31.72 12.27 -23.35
CA CYS G 92 32.50 11.23 -23.99
C CYS G 92 32.42 9.97 -23.13
N ALA G 93 32.08 8.83 -23.74
CA ALA G 93 31.96 7.60 -22.97
C ALA G 93 32.57 6.44 -23.76
N MET G 94 33.00 5.40 -23.05
CA MET G 94 33.58 4.25 -23.73
C MET G 94 33.10 2.96 -23.07
N ARG G 95 33.20 1.87 -23.83
CA ARG G 95 32.83 0.56 -23.31
C ARG G 95 33.76 -0.52 -23.85
N ARG G 96 33.79 -1.63 -23.14
CA ARG G 96 34.41 -2.85 -23.62
C ARG G 96 33.41 -3.62 -24.48
N ASN G 97 33.85 -4.09 -25.63
CA ASN G 97 32.95 -4.85 -26.51
C ASN G 97 32.72 -6.28 -26.07
N THR G 98 33.44 -6.76 -25.06
CA THR G 98 33.16 -8.04 -24.43
C THR G 98 32.49 -7.79 -23.08
N GLY G 99 31.90 -8.84 -22.52
CA GLY G 99 31.12 -8.60 -21.31
C GLY G 99 29.81 -7.84 -21.55
N ARG G 100 29.36 -7.13 -20.50
CA ARG G 100 28.02 -6.53 -20.48
C ARG G 100 27.95 -5.14 -21.11
N ARG G 101 29.08 -4.56 -21.52
CA ARG G 101 29.10 -3.34 -22.33
C ARG G 101 28.53 -2.12 -21.60
N ALA G 102 28.71 -2.04 -20.29
CA ALA G 102 28.34 -0.85 -19.54
C ALA G 102 29.23 0.33 -19.93
N LEU G 103 28.65 1.52 -19.97
CA LEU G 103 29.40 2.71 -20.37
C LEU G 103 30.16 3.30 -19.18
N THR G 104 31.31 3.89 -19.47
CA THR G 104 32.06 4.74 -18.54
C THR G 104 32.06 6.16 -19.09
N PHE G 105 31.52 7.11 -18.33
CA PHE G 105 31.35 8.48 -18.81
C PHE G 105 32.49 9.37 -18.34
N GLY G 106 32.96 10.24 -19.24
CA GLY G 106 33.87 11.29 -18.87
C GLY G 106 33.19 12.42 -18.13
N SER G 107 33.97 13.43 -17.75
CA SER G 107 33.41 14.43 -16.83
C SER G 107 32.50 15.44 -17.52
N GLY G 108 32.43 15.44 -18.85
CA GLY G 108 31.55 16.35 -19.55
C GLY G 108 32.16 17.71 -19.85
N THR G 109 31.89 18.21 -21.06
CA THR G 109 32.30 19.52 -21.52
C THR G 109 31.04 20.30 -21.84
N ARG G 110 30.83 21.41 -21.15
CA ARG G 110 29.64 22.22 -21.33
C ARG G 110 29.87 23.18 -22.49
N LEU G 111 28.97 23.17 -23.47
CA LEU G 111 29.11 23.99 -24.67
C LEU G 111 28.01 25.05 -24.71
N GLN G 112 28.41 26.30 -24.93
CA GLN G 112 27.46 27.41 -25.06
C GLN G 112 27.59 28.01 -26.45
N VAL G 113 26.53 27.92 -27.24
CA VAL G 113 26.50 28.48 -28.59
C VAL G 113 25.89 29.87 -28.49
N GLN G 114 26.65 30.88 -28.94
CA GLN G 114 26.22 32.25 -28.82
C GLN G 114 25.81 32.84 -30.16
N PRO G 115 24.78 33.69 -30.19
CA PRO G 115 24.29 34.22 -31.46
C PRO G 115 25.20 35.33 -31.98
N ASN G 116 24.90 35.76 -33.20
CA ASN G 116 25.57 36.87 -33.83
C ASN G 116 24.63 38.06 -33.75
N ILE G 117 25.08 39.10 -33.06
CA ILE G 117 24.26 40.28 -32.83
C ILE G 117 24.69 41.32 -33.85
N GLN G 118 23.78 41.66 -34.78
CA GLN G 118 24.07 42.61 -35.85
C GLN G 118 23.54 44.00 -35.56
N ASN G 119 22.54 44.12 -34.70
CA ASN G 119 22.02 45.40 -34.22
C ASN G 119 22.20 45.52 -32.71
N PRO G 120 23.46 45.56 -32.21
CA PRO G 120 23.69 45.56 -30.75
C PRO G 120 23.38 46.91 -30.10
N ASP G 121 22.32 46.94 -29.29
CA ASP G 121 21.84 48.09 -28.51
C ASP G 121 22.01 47.86 -27.02
N PRO G 122 23.23 47.69 -26.52
CA PRO G 122 23.40 47.37 -25.09
C PRO G 122 22.83 48.48 -24.22
N ALA G 123 22.17 48.07 -23.14
CA ALA G 123 21.40 48.99 -22.29
C ALA G 123 20.98 48.24 -21.04
N VAL G 124 20.52 48.99 -20.02
CA VAL G 124 20.09 48.44 -18.72
C VAL G 124 18.76 49.09 -18.34
N TYR G 125 17.65 48.39 -18.59
CA TYR G 125 16.31 48.93 -18.39
C TYR G 125 15.73 48.48 -17.04
N GLN G 126 14.68 49.16 -16.61
CA GLN G 126 13.99 48.86 -15.36
C GLN G 126 12.53 48.56 -15.65
N LEU G 127 12.09 47.37 -15.24
CA LEU G 127 10.72 46.92 -15.39
C LEU G 127 9.97 47.14 -14.07
N ARG G 128 8.66 46.85 -14.08
CA ARG G 128 7.83 47.06 -12.90
C ARG G 128 6.99 45.81 -12.62
N ASP G 129 6.84 45.50 -11.33
CA ASP G 129 5.94 44.44 -10.87
C ASP G 129 4.53 44.68 -11.39
N SER G 130 3.70 43.63 -11.37
CA SER G 130 2.32 43.75 -11.79
C SER G 130 1.37 43.32 -10.68
N LYS G 131 1.83 43.41 -9.43
CA LYS G 131 0.95 43.52 -8.26
C LYS G 131 1.22 44.78 -7.46
N SER G 132 2.48 45.01 -7.08
CA SER G 132 2.88 46.17 -6.27
C SER G 132 4.04 46.85 -6.98
N SER G 133 3.81 48.08 -7.45
CA SER G 133 4.72 48.78 -8.36
C SER G 133 6.11 49.03 -7.79
N ASP G 134 6.35 48.74 -6.51
CA ASP G 134 7.61 49.09 -5.88
C ASP G 134 8.70 48.04 -6.05
N LYS G 135 8.35 46.80 -6.39
CA LYS G 135 9.35 45.78 -6.70
C LYS G 135 9.72 45.85 -8.18
N PHE G 136 11.02 45.94 -8.46
CA PHE G 136 11.51 46.13 -9.82
C PHE G 136 12.62 45.12 -10.13
N VAL G 137 12.86 44.93 -11.44
CA VAL G 137 14.04 44.21 -11.94
C VAL G 137 14.75 45.10 -12.94
N CYS G 138 16.03 44.78 -13.16
CA CYS G 138 16.87 45.45 -14.15
C CYS G 138 17.20 44.46 -15.26
N LEU G 139 16.75 44.75 -16.48
CA LEU G 139 17.03 43.94 -17.67
C LEU G 139 18.20 44.52 -18.46
N PHE G 140 19.28 43.75 -18.56
CA PHE G 140 20.43 44.08 -19.39
C PHE G 140 20.31 43.24 -20.65
N THR G 141 20.15 43.89 -21.82
CA THR G 141 19.69 43.21 -23.02
C THR G 141 20.39 43.75 -24.27
N ASP G 142 20.07 43.12 -25.40
CA ASP G 142 20.44 43.58 -26.75
C ASP G 142 21.94 43.80 -26.91
N PHE G 143 22.77 43.28 -26.03
CA PHE G 143 24.19 43.57 -26.10
C PHE G 143 24.92 42.52 -26.93
N ASP G 144 26.22 42.76 -27.12
CA ASP G 144 27.08 41.85 -27.86
C ASP G 144 27.30 40.56 -27.08
N SER G 145 27.21 39.44 -27.81
CA SER G 145 27.34 38.12 -27.20
C SER G 145 28.74 37.87 -26.64
N GLN G 146 29.73 38.68 -27.00
CA GLN G 146 31.06 38.52 -26.43
C GLN G 146 31.19 39.19 -25.05
N ILE G 147 30.11 39.75 -24.51
CA ILE G 147 30.14 40.37 -23.19
C ILE G 147 29.65 39.35 -22.17
N ASN G 148 30.55 38.95 -21.27
CA ASN G 148 30.23 38.02 -20.19
C ASN G 148 29.64 38.81 -19.03
N VAL G 149 28.31 38.72 -18.84
CA VAL G 149 27.73 39.17 -17.58
C VAL G 149 28.36 38.38 -16.44
N SER G 150 28.70 39.07 -15.36
CA SER G 150 29.35 38.42 -14.23
C SER G 150 28.39 38.31 -13.06
N GLN G 151 28.60 37.28 -12.25
CA GLN G 151 27.80 37.07 -11.06
C GLN G 151 28.24 38.02 -9.97
N SER G 152 27.27 38.51 -9.20
CA SER G 152 27.57 39.44 -8.12
C SER G 152 28.39 38.73 -7.05
N LYS G 153 29.39 39.44 -6.51
CA LYS G 153 30.04 38.98 -5.29
C LYS G 153 29.08 39.06 -4.10
N ASP G 154 28.00 39.84 -4.24
CA ASP G 154 26.98 39.97 -3.20
C ASP G 154 26.01 38.79 -3.24
N SER G 155 25.64 38.30 -2.05
CA SER G 155 24.73 37.17 -1.90
C SER G 155 23.28 37.58 -1.62
N ASP G 156 22.97 38.89 -1.69
CA ASP G 156 21.59 39.37 -1.74
C ASP G 156 21.24 39.98 -3.09
N VAL G 157 22.22 40.25 -3.95
CA VAL G 157 21.97 40.77 -5.28
C VAL G 157 22.01 39.60 -6.27
N TYR G 158 20.85 39.27 -6.85
CA TYR G 158 20.70 38.10 -7.71
C TYR G 158 20.80 38.51 -9.18
N ILE G 159 21.80 37.97 -9.88
CA ILE G 159 21.97 38.21 -11.32
C ILE G 159 21.93 36.87 -12.04
N THR G 160 20.95 36.69 -12.92
CA THR G 160 20.96 35.52 -13.77
C THR G 160 22.06 35.65 -14.82
N ASP G 161 22.40 34.54 -15.46
CA ASP G 161 23.38 34.54 -16.52
C ASP G 161 22.71 35.02 -17.82
N LYS G 162 23.51 35.14 -18.88
CA LYS G 162 22.99 35.47 -20.20
C LYS G 162 22.01 34.40 -20.67
N CYS G 163 21.00 34.85 -21.40
CA CYS G 163 19.97 34.00 -21.97
C CYS G 163 19.81 34.42 -23.43
N VAL G 164 19.46 33.48 -24.31
CA VAL G 164 19.35 33.78 -25.74
C VAL G 164 17.89 33.72 -26.15
N LEU G 165 17.40 34.82 -26.74
CA LEU G 165 16.03 34.97 -27.20
C LEU G 165 15.98 34.93 -28.72
N ASP G 166 15.13 34.05 -29.26
CA ASP G 166 15.00 33.91 -30.71
C ASP G 166 13.56 34.23 -31.15
N MET G 167 13.36 35.44 -31.66
CA MET G 167 12.11 35.79 -32.34
C MET G 167 12.21 35.33 -33.79
N ARG G 168 11.58 34.20 -34.11
CA ARG G 168 11.55 33.73 -35.49
C ARG G 168 10.75 34.69 -36.36
N SER G 169 9.52 34.99 -35.94
CA SER G 169 8.66 35.89 -36.68
C SER G 169 9.34 37.25 -36.94
N MET G 170 10.23 37.67 -36.04
CA MET G 170 11.07 38.84 -36.29
C MET G 170 12.45 38.50 -36.84
N ASP G 171 12.86 37.23 -36.91
CA ASP G 171 14.21 36.86 -37.33
C ASP G 171 15.21 37.55 -36.42
N PHE G 172 14.87 37.73 -35.13
CA PHE G 172 15.73 38.49 -34.22
C PHE G 172 16.33 37.56 -33.16
N LYS G 173 17.60 37.80 -32.88
CA LYS G 173 18.32 37.12 -31.83
C LYS G 173 18.93 38.19 -30.96
N SER G 174 18.63 38.14 -29.67
CA SER G 174 19.06 39.13 -28.70
C SER G 174 19.42 38.43 -27.40
N ASN G 175 20.47 38.91 -26.75
CA ASN G 175 20.84 38.37 -25.46
C ASN G 175 19.96 39.00 -24.38
N SER G 176 20.26 38.73 -23.10
CA SER G 176 19.59 39.37 -21.97
C SER G 176 20.19 38.83 -20.67
N ALA G 177 19.85 39.49 -19.56
CA ALA G 177 20.23 39.08 -18.21
C ALA G 177 19.45 39.89 -17.18
N VAL G 178 18.88 39.25 -16.17
CA VAL G 178 18.05 39.91 -15.16
C VAL G 178 18.80 39.98 -13.84
N ALA G 179 18.75 41.14 -13.20
CA ALA G 179 19.19 41.29 -11.82
C ALA G 179 18.04 41.83 -10.97
N TRP G 180 18.07 41.48 -9.68
CA TRP G 180 17.08 41.98 -8.71
C TRP G 180 17.57 41.66 -7.30
N SER G 181 17.00 42.39 -6.32
CA SER G 181 17.41 42.30 -4.92
C SER G 181 16.37 43.01 -4.08
N ASN G 182 16.36 42.68 -2.78
CA ASN G 182 15.44 43.33 -1.84
C ASN G 182 16.12 44.37 -0.95
N LYS G 183 17.44 44.54 -1.07
CA LYS G 183 18.13 45.60 -0.35
C LYS G 183 17.60 46.96 -0.79
N SER G 184 17.44 47.86 0.18
CA SER G 184 17.06 49.24 -0.13
C SER G 184 18.05 49.90 -1.06
N ASP G 185 19.31 49.40 -1.05
CA ASP G 185 20.45 49.94 -1.80
C ASP G 185 20.42 49.59 -3.30
N PHE G 186 19.80 48.47 -3.69
CA PHE G 186 19.89 47.99 -5.06
C PHE G 186 19.28 49.00 -6.03
N THR G 187 20.05 49.34 -7.08
CA THR G 187 19.63 50.22 -8.16
C THR G 187 20.20 49.71 -9.48
N CYS G 188 19.62 50.18 -10.58
CA CYS G 188 20.04 49.69 -11.89
C CYS G 188 21.40 50.22 -12.31
N ALA G 189 21.87 51.32 -11.71
CA ALA G 189 23.18 51.84 -12.05
C ALA G 189 24.31 50.97 -11.48
N ASN G 190 24.10 50.34 -10.33
CA ASN G 190 25.08 49.44 -9.73
C ASN G 190 24.67 47.96 -9.84
N ALA G 191 23.70 47.66 -10.69
CA ALA G 191 23.21 46.28 -10.81
C ALA G 191 24.33 45.35 -11.27
N PHE G 192 24.85 45.57 -12.48
CA PHE G 192 25.89 44.74 -13.07
C PHE G 192 27.25 45.38 -12.90
N ASN G 193 27.46 46.03 -11.75
CA ASN G 193 28.65 46.86 -11.54
C ASN G 193 29.94 46.07 -11.77
N ASN G 194 30.07 44.90 -11.14
CA ASN G 194 31.30 44.14 -11.22
C ASN G 194 31.35 43.19 -12.42
N SER G 195 30.59 43.49 -13.48
CA SER G 195 30.75 42.87 -14.78
C SER G 195 31.52 43.84 -15.69
N ILE G 196 31.79 43.40 -16.92
CA ILE G 196 32.45 44.25 -17.91
C ILE G 196 31.44 44.59 -19.01
N ILE G 197 30.79 45.73 -18.87
CA ILE G 197 29.64 46.14 -19.70
C ILE G 197 30.14 47.13 -20.75
N PRO G 198 29.56 47.18 -21.95
CA PRO G 198 29.97 48.20 -22.93
C PRO G 198 29.78 49.63 -22.41
N GLU G 199 30.59 50.55 -22.93
CA GLU G 199 30.59 51.95 -22.48
C GLU G 199 29.49 52.80 -23.12
N ASP G 200 28.92 52.35 -24.23
CA ASP G 200 27.76 53.00 -24.86
C ASP G 200 26.44 52.51 -24.29
N THR G 201 26.47 51.70 -23.22
CA THR G 201 25.25 51.10 -22.71
C THR G 201 24.31 52.19 -22.19
N PHE G 202 23.03 52.00 -22.49
CA PHE G 202 22.01 53.00 -22.24
C PHE G 202 21.33 52.69 -20.91
N PHE G 203 21.40 53.63 -19.97
CA PHE G 203 20.68 53.57 -18.70
C PHE G 203 19.56 54.61 -18.73
N PRO G 204 18.28 54.23 -18.88
CA PRO G 204 17.24 55.26 -18.98
C PRO G 204 17.09 56.19 -17.76
N ASP H 1 8.08 3.26 -29.00
CA ASP H 1 8.73 3.56 -30.28
C ASP H 1 10.22 3.22 -30.27
N THR H 2 11.06 4.23 -30.52
CA THR H 2 12.52 4.16 -30.46
C THR H 2 13.00 5.03 -29.30
N GLU H 3 12.34 4.92 -28.15
CA GLU H 3 12.67 5.73 -26.99
C GLU H 3 12.39 4.97 -25.69
N VAL H 4 13.07 5.40 -24.64
CA VAL H 4 12.92 4.79 -23.32
C VAL H 4 12.05 5.72 -22.51
N THR H 5 11.00 5.20 -21.91
CA THR H 5 10.12 6.00 -21.09
C THR H 5 10.51 5.82 -19.63
N GLN H 6 10.52 6.90 -18.89
CA GLN H 6 10.85 6.79 -17.48
C GLN H 6 9.83 7.56 -16.66
N THR H 7 9.49 7.02 -15.49
CA THR H 7 8.53 7.72 -14.67
C THR H 7 8.78 7.35 -13.21
N PRO H 8 8.56 8.29 -12.26
CA PRO H 8 8.10 9.68 -12.43
C PRO H 8 9.25 10.58 -12.84
N LYS H 9 9.01 11.72 -13.52
CA LYS H 9 10.12 12.54 -13.96
C LYS H 9 10.85 13.20 -12.79
N HIS H 10 10.09 13.62 -11.76
CA HIS H 10 10.59 14.31 -10.57
C HIS H 10 10.01 13.61 -9.36
N LEU H 11 10.71 13.68 -8.23
CA LEU H 11 10.35 12.86 -7.08
C LEU H 11 11.06 13.38 -5.85
N VAL H 12 10.30 13.56 -4.77
CA VAL H 12 10.79 14.10 -3.50
C VAL H 12 10.39 13.14 -2.39
N MET H 13 11.37 12.76 -1.56
CA MET H 13 11.10 11.91 -0.41
C MET H 13 11.94 12.33 0.79
N GLY H 14 11.42 11.97 1.97
CA GLY H 14 12.20 11.95 3.18
C GLY H 14 12.72 10.54 3.46
N MET H 15 13.50 10.44 4.51
CA MET H 15 14.31 9.26 4.85
C MET H 15 13.50 8.06 5.37
N THR H 16 12.16 8.07 5.38
CA THR H 16 11.41 6.87 5.77
C THR H 16 10.35 6.43 4.76
N ASN H 17 10.17 7.14 3.64
CA ASN H 17 9.15 6.68 2.70
C ASN H 17 9.66 5.56 1.79
N LYS H 18 8.70 4.96 1.10
CA LYS H 18 8.89 3.92 0.11
C LYS H 18 8.25 4.41 -1.19
N LYS H 19 9.03 4.46 -2.27
CA LYS H 19 8.53 4.86 -3.58
C LYS H 19 9.19 3.98 -4.62
N SER H 20 8.72 4.08 -5.88
CA SER H 20 9.23 3.22 -6.94
C SER H 20 9.49 3.97 -8.22
N LEU H 21 10.64 3.71 -8.83
CA LEU H 21 11.02 4.26 -10.13
C LEU H 21 10.70 3.23 -11.22
N LYS H 22 10.23 3.69 -12.38
CA LYS H 22 9.76 2.80 -13.45
C LYS H 22 10.45 3.13 -14.76
N CYS H 23 10.85 2.09 -15.50
CA CYS H 23 11.51 2.25 -16.80
C CYS H 23 10.95 1.26 -17.84
N GLU H 24 10.51 1.78 -19.00
CA GLU H 24 9.95 0.94 -20.07
C GLU H 24 10.56 1.22 -21.45
N GLN H 25 10.77 0.14 -22.21
CA GLN H 25 11.18 0.23 -23.61
C GLN H 25 10.42 -0.81 -24.41
N HIS H 26 9.96 -0.43 -25.59
CA HIS H 26 9.23 -1.32 -26.48
C HIS H 26 9.99 -1.48 -27.78
N MET H 27 11.30 -1.70 -27.66
CA MET H 27 12.18 -1.91 -28.79
C MET H 27 12.68 -3.35 -28.84
N GLY H 28 12.14 -4.24 -28.00
CA GLY H 28 12.63 -5.59 -27.86
C GLY H 28 14.02 -5.75 -27.29
N HIS H 29 14.59 -4.72 -26.66
CA HIS H 29 15.93 -4.86 -26.13
C HIS H 29 15.94 -5.83 -24.97
N ARG H 30 17.06 -6.51 -24.80
CA ARG H 30 17.17 -7.54 -23.79
C ARG H 30 18.27 -7.26 -22.79
N ALA H 31 18.94 -6.11 -22.93
CA ALA H 31 19.87 -5.58 -21.95
C ALA H 31 19.30 -4.25 -21.45
N MET H 32 19.25 -4.08 -20.14
CA MET H 32 18.80 -2.82 -19.55
C MET H 32 19.70 -2.42 -18.39
N TYR H 33 19.82 -1.12 -18.17
CA TYR H 33 20.83 -0.57 -17.26
C TYR H 33 20.26 0.53 -16.39
N TRP H 34 20.84 0.65 -15.19
CA TRP H 34 20.54 1.72 -14.26
C TRP H 34 21.83 2.47 -13.95
N TYR H 35 21.84 3.78 -14.18
CA TYR H 35 22.94 4.67 -13.86
C TYR H 35 22.48 5.77 -12.91
N LYS H 36 23.36 6.17 -12.00
CA LYS H 36 23.15 7.28 -11.07
C LYS H 36 24.00 8.48 -11.49
N GLN H 37 23.39 9.67 -11.57
CA GLN H 37 24.14 10.88 -11.92
C GLN H 37 23.97 11.94 -10.82
N LYS H 38 25.00 12.10 -9.98
CA LYS H 38 25.02 13.21 -9.03
C LYS H 38 25.26 14.51 -9.78
N ALA H 39 24.81 15.61 -9.19
CA ALA H 39 24.88 16.89 -9.89
C ALA H 39 26.33 17.30 -10.18
N LYS H 40 26.55 17.86 -11.37
CA LYS H 40 27.86 18.28 -11.90
C LYS H 40 28.82 17.10 -12.11
N LYS H 41 28.34 15.86 -11.99
CA LYS H 41 29.17 14.66 -12.03
C LYS H 41 28.78 13.82 -13.25
N PRO H 42 29.59 12.83 -13.63
CA PRO H 42 29.22 11.96 -14.74
C PRO H 42 28.31 10.84 -14.26
N PRO H 43 27.46 10.30 -15.14
CA PRO H 43 26.66 9.11 -14.76
C PRO H 43 27.56 7.92 -14.40
N GLU H 44 27.11 7.14 -13.42
CA GLU H 44 27.82 5.98 -12.91
C GLU H 44 26.90 4.76 -12.87
N LEU H 45 27.42 3.60 -13.25
CA LEU H 45 26.60 2.40 -13.37
C LEU H 45 26.17 1.90 -12.00
N MET H 46 24.88 1.62 -11.85
CA MET H 46 24.45 0.78 -10.73
C MET H 46 24.24 -0.68 -11.13
N PHE H 47 23.43 -0.95 -12.16
CA PHE H 47 22.91 -2.29 -12.39
C PHE H 47 22.89 -2.56 -13.89
N VAL H 48 23.25 -3.78 -14.28
CA VAL H 48 22.97 -4.30 -15.62
C VAL H 48 22.07 -5.53 -15.50
N TYR H 49 21.05 -5.61 -16.35
CA TYR H 49 20.20 -6.79 -16.48
C TYR H 49 20.32 -7.33 -17.89
N SER H 50 20.58 -8.63 -18.01
CA SER H 50 20.69 -9.34 -19.30
C SER H 50 19.62 -10.42 -19.31
N TYR H 51 18.72 -10.41 -20.32
CA TYR H 51 17.64 -11.40 -20.41
C TYR H 51 16.91 -11.51 -19.07
N GLU H 52 16.68 -10.36 -18.44
CA GLU H 52 15.86 -10.15 -17.25
C GLU H 52 16.41 -10.83 -16.00
N LYS H 53 17.70 -11.14 -15.98
CA LYS H 53 18.39 -11.60 -14.78
C LYS H 53 19.52 -10.65 -14.40
N LEU H 54 19.63 -10.35 -13.11
CA LEU H 54 20.65 -9.41 -12.62
C LEU H 54 22.02 -9.85 -13.08
N SER H 55 22.70 -8.98 -13.78
CA SER H 55 23.99 -9.31 -14.37
C SER H 55 25.16 -8.58 -13.72
N ILE H 56 25.05 -7.27 -13.45
CA ILE H 56 26.09 -6.54 -12.74
C ILE H 56 25.47 -5.75 -11.58
N ASN H 57 26.12 -5.79 -10.43
CA ASN H 57 25.73 -4.97 -9.26
C ASN H 57 26.97 -4.23 -8.74
N GLU H 58 27.06 -2.92 -9.00
CA GLU H 58 28.22 -2.13 -8.55
C GLU H 58 28.06 -1.75 -7.08
N SER H 59 28.18 -2.76 -6.20
CA SER H 59 28.08 -2.53 -4.76
C SER H 59 26.96 -1.55 -4.43
N VAL H 60 25.82 -1.66 -5.08
CA VAL H 60 24.72 -0.76 -4.75
C VAL H 60 24.17 -1.14 -3.39
N PRO H 61 23.97 -0.20 -2.47
CA PRO H 61 23.42 -0.53 -1.14
C PRO H 61 22.04 -1.15 -1.27
N SER H 62 21.73 -2.09 -0.37
CA SER H 62 20.53 -2.93 -0.49
C SER H 62 19.22 -2.14 -0.38
N ARG H 63 19.27 -0.87 -0.01
CA ARG H 63 18.01 -0.15 0.04
C ARG H 63 17.53 0.20 -1.36
N PHE H 64 18.35 -0.05 -2.38
CA PHE H 64 17.96 0.03 -3.79
C PHE H 64 17.70 -1.38 -4.26
N SER H 65 16.44 -1.70 -4.57
CA SER H 65 16.03 -3.06 -4.90
C SER H 65 15.53 -3.11 -6.34
N PRO H 66 16.39 -3.42 -7.30
CA PRO H 66 15.95 -3.52 -8.70
C PRO H 66 15.13 -4.78 -8.92
N GLU H 67 14.32 -4.73 -9.98
CA GLU H 67 13.40 -5.82 -10.26
C GLU H 67 12.97 -5.71 -11.72
N CYS H 68 12.88 -6.86 -12.38
CA CYS H 68 12.62 -6.96 -13.82
C CYS H 68 11.43 -7.88 -14.02
N PRO H 69 10.21 -7.32 -14.10
CA PRO H 69 9.02 -8.15 -14.35
C PRO H 69 8.91 -8.70 -15.78
N ASN H 70 9.12 -7.85 -16.78
CA ASN H 70 8.97 -8.16 -18.20
C ASN H 70 10.25 -7.82 -18.93
N SER H 71 10.39 -8.30 -20.17
CA SER H 71 11.53 -7.89 -20.97
C SER H 71 11.51 -6.40 -21.30
N SER H 72 10.39 -5.73 -21.12
CA SER H 72 10.29 -4.34 -21.49
C SER H 72 10.24 -3.40 -20.29
N LEU H 73 10.18 -3.92 -19.06
CA LEU H 73 10.05 -3.10 -17.86
C LEU H 73 11.19 -3.37 -16.85
N LEU H 74 11.79 -2.28 -16.35
CA LEU H 74 12.78 -2.36 -15.27
C LEU H 74 12.33 -1.44 -14.14
N ASN H 75 12.32 -1.97 -12.91
CA ASN H 75 11.85 -1.25 -11.73
C ASN H 75 12.99 -0.99 -10.75
N LEU H 76 12.87 0.10 -10.00
CA LEU H 76 13.78 0.41 -8.90
C LEU H 76 12.96 0.65 -7.63
N HIS H 77 12.94 -0.31 -6.72
CA HIS H 77 12.23 -0.13 -5.46
C HIS H 77 13.15 0.56 -4.44
N LEU H 78 12.66 1.66 -3.88
CA LEU H 78 13.41 2.52 -2.97
C LEU H 78 12.75 2.54 -1.60
N HIS H 79 13.54 2.32 -0.55
CA HIS H 79 13.12 2.57 0.82
C HIS H 79 14.31 3.00 1.66
N ALA H 80 14.01 3.76 2.72
CA ALA H 80 15.03 4.24 3.67
C ALA H 80 16.17 4.97 2.96
N LEU H 81 15.80 5.87 2.05
CA LEU H 81 16.83 6.63 1.35
C LEU H 81 17.50 7.65 2.28
N GLN H 82 18.66 8.11 1.85
CA GLN H 82 19.54 9.02 2.56
C GLN H 82 19.82 10.19 1.64
N PRO H 83 20.12 11.37 2.19
CA PRO H 83 20.21 12.57 1.34
C PRO H 83 21.28 12.47 0.25
N GLU H 84 22.32 11.66 0.49
CA GLU H 84 23.37 11.43 -0.51
C GLU H 84 22.82 10.72 -1.75
N ASP H 85 21.68 10.04 -1.63
CA ASP H 85 21.05 9.34 -2.74
C ASP H 85 20.35 10.28 -3.72
N SER H 86 20.29 11.59 -3.43
CA SER H 86 19.76 12.57 -4.37
C SER H 86 20.58 12.58 -5.65
N ALA H 87 19.91 12.38 -6.78
CA ALA H 87 20.61 12.31 -8.06
C ALA H 87 19.59 12.28 -9.19
N LEU H 88 20.11 12.42 -10.41
CA LEU H 88 19.37 11.99 -11.59
C LEU H 88 19.58 10.49 -11.80
N TYR H 89 18.50 9.70 -11.73
CA TYR H 89 18.59 8.25 -11.96
C TYR H 89 18.19 7.95 -13.40
N LEU H 90 19.15 7.48 -14.18
CA LEU H 90 19.01 7.30 -15.61
C LEU H 90 18.90 5.81 -15.95
N CYS H 91 17.89 5.48 -16.74
CA CYS H 91 17.67 4.14 -17.27
C CYS H 91 18.14 4.07 -18.72
N ALA H 92 18.68 2.92 -19.11
CA ALA H 92 19.10 2.73 -20.50
C ALA H 92 18.86 1.30 -20.93
N SER H 93 18.73 1.11 -22.26
CA SER H 93 18.47 -0.21 -22.84
C SER H 93 19.26 -0.34 -24.12
N SER H 94 19.65 -1.57 -24.43
CA SER H 94 20.29 -1.80 -25.71
C SER H 94 19.99 -3.20 -26.19
N HIS H 95 20.18 -3.39 -27.49
CA HIS H 95 20.04 -4.71 -28.11
C HIS H 95 21.09 -5.65 -27.52
N LEU H 96 20.70 -6.93 -27.40
CA LEU H 96 21.56 -8.01 -26.91
C LEU H 96 20.99 -9.36 -27.38
N ASP H 106 25.94 -1.81 -30.73
CA ASP H 106 24.77 -1.99 -29.87
C ASP H 106 24.60 -0.81 -28.91
N THR H 107 24.15 0.31 -29.47
CA THR H 107 24.12 1.56 -28.75
C THR H 107 23.16 1.47 -27.56
N GLN H 108 23.52 2.14 -26.47
CA GLN H 108 22.62 2.26 -25.33
C GLN H 108 21.78 3.53 -25.48
N TYR H 109 20.47 3.38 -25.31
CA TYR H 109 19.52 4.46 -25.50
C TYR H 109 18.90 4.78 -24.14
N PHE H 110 18.97 6.06 -23.75
CA PHE H 110 18.64 6.48 -22.39
C PHE H 110 17.24 7.08 -22.30
N GLY H 111 16.55 6.79 -21.20
CA GLY H 111 15.35 7.49 -20.87
C GLY H 111 15.65 8.90 -20.36
N PRO H 112 14.58 9.63 -20.03
CA PRO H 112 14.76 11.03 -19.60
C PRO H 112 15.13 11.14 -18.13
N GLY H 113 14.94 10.08 -17.36
CA GLY H 113 15.45 10.09 -16.02
C GLY H 113 14.48 10.60 -14.99
N THR H 114 14.49 9.94 -13.83
CA THR H 114 13.85 10.42 -12.62
C THR H 114 14.84 11.31 -11.85
N ARG H 115 14.43 12.56 -11.62
CA ARG H 115 15.17 13.45 -10.72
C ARG H 115 14.69 13.21 -9.30
N LEU H 116 15.58 12.68 -8.46
CA LEU H 116 15.27 12.35 -7.09
C LEU H 116 15.91 13.34 -6.11
N THR H 117 15.10 13.90 -5.20
CA THR H 117 15.60 14.71 -4.08
C THR H 117 15.20 14.05 -2.78
N VAL H 118 16.18 13.71 -1.95
CA VAL H 118 15.93 13.04 -0.66
C VAL H 118 16.27 14.03 0.47
N LEU H 119 15.28 14.31 1.32
CA LEU H 119 15.39 15.32 2.36
C LEU H 119 15.50 14.68 3.74
N GLU H 120 16.31 15.28 4.61
CA GLU H 120 16.28 14.87 6.02
C GLU H 120 15.04 15.40 6.74
N ASP H 121 14.63 16.62 6.43
CA ASP H 121 13.47 17.24 7.07
C ASP H 121 12.51 17.67 5.96
N LEU H 122 11.41 16.92 5.80
CA LEU H 122 10.44 17.24 4.76
C LEU H 122 9.72 18.56 5.01
N LYS H 123 10.03 19.23 6.13
CA LYS H 123 9.55 20.57 6.47
C LYS H 123 10.25 21.66 5.67
N ASN H 124 11.14 21.31 4.74
CA ASN H 124 11.84 22.32 3.96
C ASN H 124 11.30 22.49 2.55
N VAL H 125 10.35 21.65 2.12
CA VAL H 125 9.77 21.83 0.80
C VAL H 125 9.04 23.17 0.79
N PHE H 126 9.20 23.90 -0.31
CA PHE H 126 8.64 25.23 -0.45
C PHE H 126 8.08 25.40 -1.87
N PRO H 127 6.80 25.73 -2.01
CA PRO H 127 6.26 26.10 -3.32
C PRO H 127 6.87 27.40 -3.82
N PRO H 128 6.84 27.65 -5.11
CA PRO H 128 7.40 28.89 -5.65
C PRO H 128 6.44 30.08 -5.66
N GLU H 129 7.04 31.27 -5.81
CA GLU H 129 6.36 32.56 -5.90
C GLU H 129 6.71 33.21 -7.23
N VAL H 130 5.70 33.60 -8.00
CA VAL H 130 5.88 34.06 -9.37
C VAL H 130 5.45 35.53 -9.51
N ALA H 131 6.28 36.33 -10.17
CA ALA H 131 6.05 37.77 -10.33
C ALA H 131 6.43 38.22 -11.73
N VAL H 132 5.45 38.71 -12.50
CA VAL H 132 5.73 39.27 -13.82
C VAL H 132 6.17 40.72 -13.68
N PHE H 133 7.15 41.11 -14.48
CA PHE H 133 7.64 42.49 -14.51
C PHE H 133 7.40 43.06 -15.91
N GLU H 134 6.77 44.24 -15.97
CA GLU H 134 6.25 44.73 -17.23
C GLU H 134 7.33 45.44 -18.06
N PRO H 135 7.23 45.39 -19.39
CA PRO H 135 8.32 45.89 -20.24
C PRO H 135 8.47 47.40 -20.14
N SER H 136 9.70 47.84 -19.90
CA SER H 136 9.99 49.24 -19.64
C SER H 136 9.59 50.13 -20.80
N LYS H 137 9.07 51.32 -20.47
CA LYS H 137 8.68 52.27 -21.50
C LYS H 137 9.87 52.68 -22.36
N ALA H 138 11.04 52.84 -21.72
CA ALA H 138 12.27 53.25 -22.40
C ALA H 138 12.80 52.19 -23.37
N GLU H 139 12.27 50.97 -23.32
CA GLU H 139 12.62 49.87 -24.21
C GLU H 139 11.67 49.79 -25.41
N ILE H 140 10.34 49.83 -25.19
CA ILE H 140 9.41 49.94 -26.32
C ILE H 140 9.74 51.19 -27.13
N SER H 141 10.36 52.18 -26.49
CA SER H 141 10.75 53.42 -27.13
C SER H 141 11.98 53.24 -28.02
N ARG H 142 13.04 52.64 -27.48
CA ARG H 142 14.32 52.59 -28.19
C ARG H 142 14.44 51.38 -29.11
N THR H 143 13.87 50.24 -28.74
CA THR H 143 13.99 49.01 -29.52
C THR H 143 12.64 48.48 -29.98
N GLN H 144 11.58 49.30 -29.95
CA GLN H 144 10.26 48.97 -30.49
C GLN H 144 9.85 47.54 -30.21
N LYS H 145 10.28 47.01 -29.06
CA LYS H 145 10.00 45.64 -28.64
C LYS H 145 9.90 45.64 -27.12
N ALA H 146 9.18 44.67 -26.59
CA ALA H 146 8.84 44.64 -25.18
C ALA H 146 9.17 43.27 -24.60
N THR H 147 9.86 43.27 -23.46
CA THR H 147 10.30 42.04 -22.81
C THR H 147 9.59 41.89 -21.47
N LEU H 148 8.87 40.78 -21.30
CA LEU H 148 8.21 40.46 -20.04
C LEU H 148 9.08 39.50 -19.24
N VAL H 149 9.64 39.98 -18.12
CA VAL H 149 10.42 39.14 -17.22
C VAL H 149 9.47 38.44 -16.26
N CYS H 150 9.66 37.13 -16.07
CA CYS H 150 8.89 36.35 -15.10
C CYS H 150 9.82 35.71 -14.07
N LEU H 151 9.40 35.74 -12.81
CA LEU H 151 10.27 35.40 -11.68
C LEU H 151 9.55 34.44 -10.74
N ALA H 152 10.00 33.19 -10.71
CA ALA H 152 9.55 32.22 -9.70
C ALA H 152 10.59 32.19 -8.60
N THR H 153 10.15 32.28 -7.34
CA THR H 153 11.08 32.48 -6.23
C THR H 153 10.67 31.64 -5.02
N GLY H 154 11.67 31.41 -4.17
CA GLY H 154 11.50 30.75 -2.88
C GLY H 154 11.01 29.32 -2.94
N PHE H 155 11.48 28.54 -3.91
CA PHE H 155 11.04 27.16 -4.01
C PHE H 155 12.16 26.20 -3.67
N TYR H 156 11.79 25.08 -3.06
CA TYR H 156 12.70 24.00 -2.70
C TYR H 156 11.92 22.70 -2.75
N PRO H 157 12.39 21.66 -3.50
CA PRO H 157 13.67 21.50 -4.22
C PRO H 157 13.67 22.23 -5.55
N PRO H 158 14.80 22.40 -6.23
CA PRO H 158 14.87 23.30 -7.39
C PRO H 158 14.50 22.67 -8.74
N HIS H 159 13.35 22.00 -8.78
CA HIS H 159 12.88 21.32 -10.00
C HIS H 159 11.50 21.87 -10.33
N VAL H 160 11.47 22.77 -11.31
CA VAL H 160 10.25 23.40 -11.77
C VAL H 160 10.31 23.42 -13.28
N GLU H 161 9.16 23.68 -13.91
CA GLU H 161 9.09 23.84 -15.36
C GLU H 161 8.23 25.06 -15.68
N LEU H 162 8.87 26.10 -16.20
CA LEU H 162 8.21 27.35 -16.52
C LEU H 162 7.66 27.31 -17.95
N SER H 163 6.55 28.00 -18.17
CA SER H 163 6.03 28.23 -19.52
C SER H 163 5.47 29.65 -19.60
N TRP H 164 5.02 30.03 -20.79
CA TRP H 164 4.28 31.26 -21.02
C TRP H 164 3.01 30.93 -21.79
N TRP H 165 1.93 31.66 -21.51
CA TRP H 165 0.66 31.50 -22.22
C TRP H 165 0.08 32.89 -22.50
N VAL H 166 -0.21 33.16 -23.78
CA VAL H 166 -0.71 34.46 -24.24
C VAL H 166 -2.06 34.25 -24.89
N ASN H 167 -3.06 35.06 -24.47
CA ASN H 167 -4.43 34.99 -25.01
C ASN H 167 -5.00 33.58 -24.88
N GLY H 168 -4.72 32.95 -23.73
CA GLY H 168 -5.16 31.60 -23.45
C GLY H 168 -4.31 30.49 -24.06
N LYS H 169 -3.55 30.78 -25.10
CA LYS H 169 -2.75 29.79 -25.78
C LYS H 169 -1.28 29.90 -25.35
N GLU H 170 -0.61 28.73 -25.28
CA GLU H 170 0.81 28.67 -24.97
C GLU H 170 1.62 29.08 -26.20
N VAL H 171 2.64 29.91 -25.99
CA VAL H 171 3.57 30.33 -27.05
C VAL H 171 4.93 29.77 -26.69
N HIS H 172 5.59 29.15 -27.67
CA HIS H 172 6.93 28.62 -27.49
C HIS H 172 7.95 29.32 -28.37
N ASP H 173 7.58 30.44 -29.00
CA ASP H 173 8.54 31.30 -29.68
C ASP H 173 9.05 32.36 -28.70
N GLY H 174 10.17 32.99 -29.05
CA GLY H 174 10.72 34.12 -28.32
C GLY H 174 10.79 34.00 -26.81
N VAL H 175 11.02 32.79 -26.31
CA VAL H 175 11.04 32.50 -24.87
C VAL H 175 12.42 31.96 -24.50
N CYS H 176 13.00 32.50 -23.42
CA CYS H 176 14.30 32.06 -22.89
C CYS H 176 14.18 31.88 -21.39
N THR H 177 13.88 30.67 -20.95
CA THR H 177 14.00 30.34 -19.54
C THR H 177 15.47 30.10 -19.20
N ASP H 178 15.84 30.39 -17.94
CA ASP H 178 17.21 30.18 -17.52
C ASP H 178 17.54 28.69 -17.57
N PRO H 179 18.74 28.31 -18.01
CA PRO H 179 19.10 26.87 -18.05
C PRO H 179 19.08 26.20 -16.68
N GLN H 180 19.41 26.94 -15.62
CA GLN H 180 19.59 26.40 -14.29
C GLN H 180 19.01 27.36 -13.25
N PRO H 181 18.45 26.83 -12.14
CA PRO H 181 17.89 27.73 -11.13
C PRO H 181 18.96 28.56 -10.45
N LEU H 182 18.57 29.37 -9.49
CA LEU H 182 19.51 30.27 -8.83
C LEU H 182 19.34 30.14 -7.32
N LYS H 183 20.46 30.01 -6.61
CA LYS H 183 20.46 29.79 -5.17
C LYS H 183 20.39 31.13 -4.46
N GLU H 184 19.31 31.37 -3.72
CA GLU H 184 19.11 32.67 -3.07
C GLU H 184 20.09 32.88 -1.92
N GLN H 185 20.30 31.85 -1.08
CA GLN H 185 21.20 31.90 0.08
C GLN H 185 22.33 30.92 -0.16
N PRO H 186 23.33 31.28 -0.98
CA PRO H 186 24.23 30.26 -1.58
C PRO H 186 25.16 29.54 -0.61
N ALA H 187 25.14 29.85 0.68
CA ALA H 187 25.96 29.12 1.64
C ALA H 187 25.20 28.04 2.39
N LEU H 188 23.92 27.84 2.07
CA LEU H 188 23.04 26.93 2.82
C LEU H 188 22.76 25.68 2.00
N ASN H 189 23.01 24.52 2.62
CA ASN H 189 22.83 23.24 1.94
C ASN H 189 21.41 23.06 1.44
N ASP H 190 20.44 23.72 2.08
CA ASP H 190 19.02 23.60 1.75
C ASP H 190 18.41 24.95 1.39
N SER H 191 19.18 25.81 0.75
CA SER H 191 18.70 27.14 0.38
C SER H 191 17.49 27.05 -0.55
N ARG H 192 16.62 28.04 -0.46
CA ARG H 192 15.52 28.14 -1.41
C ARG H 192 16.04 28.65 -2.75
N TYR H 193 15.19 28.59 -3.76
CA TYR H 193 15.62 28.84 -5.14
C TYR H 193 14.69 29.80 -5.84
N ALA H 194 15.24 30.45 -6.88
CA ALA H 194 14.52 31.35 -7.77
C ALA H 194 14.89 31.08 -9.22
N LEU H 195 13.91 31.27 -10.12
CA LEU H 195 14.09 31.00 -11.54
C LEU H 195 13.40 32.08 -12.39
N SER H 196 14.12 32.59 -13.40
CA SER H 196 13.67 33.73 -14.20
C SER H 196 13.56 33.38 -15.67
N SER H 197 12.60 34.00 -16.34
CA SER H 197 12.34 33.77 -17.75
C SER H 197 11.98 35.08 -18.45
N ARG H 198 12.11 35.10 -19.77
CA ARG H 198 11.72 36.27 -20.53
C ARG H 198 10.87 35.90 -21.72
N LEU H 199 9.99 36.82 -22.10
CA LEU H 199 9.24 36.78 -23.35
C LEU H 199 9.33 38.17 -23.98
N ARG H 200 9.60 38.21 -25.27
CA ARG H 200 9.73 39.46 -26.02
C ARG H 200 8.81 39.44 -27.22
N VAL H 201 7.95 40.45 -27.34
CA VAL H 201 7.11 40.65 -28.51
C VAL H 201 7.26 42.11 -28.95
N SER H 202 6.68 42.41 -30.10
CA SER H 202 6.76 43.73 -30.72
C SER H 202 6.12 44.80 -29.83
N ALA H 203 6.52 46.05 -30.06
CA ALA H 203 5.90 47.16 -29.35
C ALA H 203 4.39 47.21 -29.59
N THR H 204 3.95 46.71 -30.74
CA THR H 204 2.53 46.74 -31.11
C THR H 204 1.73 45.69 -30.35
N PHE H 205 2.32 44.53 -30.09
CA PHE H 205 1.57 43.49 -29.40
C PHE H 205 1.44 43.75 -27.90
N TRP H 206 2.45 44.38 -27.29
CA TRP H 206 2.38 44.68 -25.85
C TRP H 206 1.46 45.87 -25.56
N GLN H 207 1.37 46.83 -26.48
CA GLN H 207 0.57 48.05 -26.30
C GLN H 207 -0.88 47.86 -26.72
N ASP H 208 -1.28 46.64 -27.07
CA ASP H 208 -2.66 46.21 -27.29
C ASP H 208 -3.30 45.83 -25.96
N PRO H 209 -4.20 46.65 -25.39
CA PRO H 209 -4.71 46.33 -24.05
C PRO H 209 -5.44 45.01 -23.92
N ARG H 210 -6.03 44.45 -24.99
CA ARG H 210 -6.78 43.21 -24.87
C ARG H 210 -5.91 41.96 -24.99
N ASN H 211 -4.60 42.07 -24.78
CA ASN H 211 -3.66 40.96 -24.87
C ASN H 211 -3.29 40.46 -23.47
N HIS H 212 -3.41 39.15 -23.26
CA HIS H 212 -3.11 38.51 -22.00
C HIS H 212 -1.73 37.85 -22.05
N PHE H 213 -0.99 37.96 -20.93
CA PHE H 213 0.32 37.31 -20.77
C PHE H 213 0.35 36.58 -19.43
N ARG H 214 0.70 35.29 -19.46
CA ARG H 214 0.71 34.45 -18.27
C ARG H 214 2.00 33.65 -18.14
N CYS H 215 2.57 33.59 -16.93
CA CYS H 215 3.80 32.83 -16.65
C CYS H 215 3.48 31.69 -15.68
N GLN H 216 3.34 30.47 -16.19
CA GLN H 216 3.00 29.30 -15.40
C GLN H 216 4.25 28.56 -14.94
N VAL H 217 4.16 27.90 -13.77
CA VAL H 217 5.27 27.16 -13.16
C VAL H 217 4.74 25.89 -12.50
N GLN H 218 5.14 24.74 -13.02
CA GLN H 218 4.81 23.46 -12.41
C GLN H 218 5.90 23.07 -11.42
N PHE H 219 5.53 22.95 -10.15
CA PHE H 219 6.47 22.63 -9.09
C PHE H 219 6.25 21.19 -8.63
N TYR H 220 7.35 20.53 -8.25
CA TYR H 220 7.33 19.15 -7.83
C TYR H 220 7.68 19.07 -6.35
N GLY H 221 6.79 18.48 -5.56
CA GLY H 221 6.97 18.39 -4.13
C GLY H 221 6.38 17.10 -3.58
N LEU H 222 5.58 17.21 -2.53
CA LEU H 222 4.93 16.04 -1.96
C LEU H 222 3.71 15.63 -2.79
N SER H 223 3.26 14.39 -2.56
CA SER H 223 2.07 13.85 -3.18
C SER H 223 0.96 13.69 -2.14
N GLU H 224 -0.27 13.44 -2.61
CA GLU H 224 -1.44 13.44 -1.73
C GLU H 224 -1.30 12.48 -0.56
N ASN H 225 -0.56 11.38 -0.73
CA ASN H 225 -0.36 10.43 0.36
C ASN H 225 0.76 10.85 1.31
N ASP H 226 1.45 11.95 1.05
CA ASP H 226 2.51 12.42 1.91
C ASP H 226 1.95 13.05 3.19
N GLU H 227 2.79 13.06 4.22
CA GLU H 227 2.43 13.51 5.57
C GLU H 227 2.91 14.94 5.79
N TRP H 228 2.30 15.61 6.76
CA TRP H 228 2.55 17.02 7.05
C TRP H 228 1.90 17.39 8.37
N THR H 229 2.62 18.14 9.21
CA THR H 229 2.15 18.50 10.56
C THR H 229 2.44 19.96 10.87
N GLN H 230 2.10 20.86 9.95
CA GLN H 230 2.47 22.26 10.08
C GLN H 230 1.29 23.15 9.68
N ASP H 231 1.36 24.41 10.12
CA ASP H 231 0.42 25.45 9.70
C ASP H 231 0.37 25.58 8.19
N ARG H 232 1.49 25.99 7.59
CA ARG H 232 1.60 26.21 6.15
C ARG H 232 0.99 25.04 5.38
N ALA H 233 0.37 25.35 4.24
CA ALA H 233 -0.22 24.32 3.41
C ALA H 233 0.86 23.32 2.98
N LYS H 234 0.48 22.05 2.91
CA LYS H 234 1.39 20.99 2.49
C LYS H 234 1.89 21.25 1.07
N PRO H 235 3.22 21.37 0.85
CA PRO H 235 3.73 21.80 -0.46
C PRO H 235 3.60 20.76 -1.55
N VAL H 236 2.36 20.41 -1.90
CA VAL H 236 2.09 19.40 -2.92
C VAL H 236 2.61 19.88 -4.27
N THR H 237 2.73 18.92 -5.20
CA THR H 237 2.81 19.28 -6.60
C THR H 237 1.66 20.21 -6.93
N GLN H 238 1.92 21.22 -7.77
CA GLN H 238 0.90 22.21 -8.11
C GLN H 238 1.41 23.08 -9.24
N ILE H 239 0.57 24.03 -9.66
CA ILE H 239 0.91 25.05 -10.64
C ILE H 239 0.78 26.40 -9.94
N VAL H 240 1.45 27.41 -10.49
CA VAL H 240 1.32 28.80 -10.04
C VAL H 240 1.48 29.70 -11.27
N SER H 241 0.91 30.91 -11.21
CA SER H 241 0.96 31.81 -12.37
C SER H 241 0.96 33.27 -11.93
N ALA H 242 1.59 34.13 -12.75
CA ALA H 242 1.59 35.59 -12.59
C ALA H 242 1.25 36.25 -13.92
N GLU H 243 0.36 37.25 -13.89
CA GLU H 243 -0.22 37.83 -15.09
C GLU H 243 0.06 39.33 -15.14
N ALA H 244 0.17 39.84 -16.37
CA ALA H 244 0.23 41.27 -16.65
C ALA H 244 -0.35 41.48 -18.04
N TRP H 245 -1.28 42.42 -18.17
CA TRP H 245 -1.94 42.66 -19.44
C TRP H 245 -1.26 43.80 -20.17
N GLY H 246 -1.51 43.87 -21.47
CA GLY H 246 -1.04 44.99 -22.27
C GLY H 246 -1.60 46.31 -21.79
N ARG H 247 -0.73 47.30 -21.62
CA ARG H 247 -1.15 48.62 -21.19
C ARG H 247 -0.98 49.61 -22.33
N ALA H 248 -1.89 50.59 -22.39
CA ALA H 248 -1.91 51.56 -23.47
C ALA H 248 -0.60 52.34 -23.57
N ASP H 249 0.13 52.47 -22.47
CA ASP H 249 1.51 52.94 -22.52
C ASP H 249 2.42 51.80 -23.01
#